data_1S62
#
_entry.id   1S62
#
_entity_poly.entity_id   1
_entity_poly.type   'polypeptide(L)'
_entity_poly.pdbx_seq_one_letter_code
;AEFGNTKNNGASGADINNYAGQIKSAIESKFYDASSYAGKTCTLRIKLAPDGMLLDIKPEGGDPALCQAALAAAKLAKIP
KPPSQAVYEVFKNAPLDFKPHHHHHH
;
_entity_poly.pdbx_strand_id   A
#
# COMPACT_ATOMS: atom_id res chain seq x y z
N ALA A 1 11.77 9.64 -12.80
CA ALA A 1 12.62 10.01 -11.65
C ALA A 1 12.14 11.31 -11.04
N GLU A 2 11.44 11.20 -9.93
CA GLU A 2 10.79 12.35 -9.32
C GLU A 2 11.62 12.90 -8.17
N PHE A 3 12.66 12.15 -7.81
CA PHE A 3 13.62 12.55 -6.78
C PHE A 3 12.99 12.57 -5.39
N GLY A 4 13.82 12.81 -4.38
CA GLY A 4 13.33 12.88 -3.02
C GLY A 4 12.98 14.30 -2.63
N ASN A 5 13.44 15.25 -3.42
CA ASN A 5 13.17 16.66 -3.21
C ASN A 5 13.39 17.42 -4.50
N THR A 6 12.31 17.62 -5.25
CA THR A 6 12.38 18.27 -6.54
C THR A 6 12.34 19.79 -6.39
N LYS A 7 11.65 20.26 -5.36
CA LYS A 7 11.58 21.68 -5.07
C LYS A 7 11.57 21.91 -3.56
N ASN A 8 10.48 21.51 -2.92
CA ASN A 8 10.35 21.65 -1.47
C ASN A 8 9.40 20.58 -0.96
N ASN A 9 9.81 19.33 -1.08
CA ASN A 9 8.99 18.21 -0.65
C ASN A 9 9.82 17.26 0.20
N GLY A 10 9.21 16.17 0.64
CA GLY A 10 9.88 15.25 1.52
C GLY A 10 9.24 15.22 2.88
N ALA A 11 8.16 15.99 3.03
CA ALA A 11 7.42 16.06 4.27
C ALA A 11 6.05 16.71 4.06
N SER A 12 5.58 16.67 2.82
CA SER A 12 4.30 17.29 2.49
C SER A 12 3.14 16.29 2.67
N GLY A 13 3.47 15.01 2.61
CA GLY A 13 2.46 13.99 2.75
C GLY A 13 2.32 13.16 1.50
N ALA A 14 2.21 13.85 0.36
CA ALA A 14 2.09 13.19 -0.94
C ALA A 14 3.37 12.44 -1.29
N ASP A 15 4.45 12.79 -0.62
CA ASP A 15 5.72 12.10 -0.78
C ASP A 15 5.63 10.70 -0.17
N ILE A 16 5.11 10.64 1.05
CA ILE A 16 4.88 9.37 1.72
C ILE A 16 3.78 8.58 1.03
N ASN A 17 2.74 9.29 0.59
CA ASN A 17 1.63 8.67 -0.13
C ASN A 17 2.10 8.07 -1.45
N ASN A 18 3.18 8.62 -1.99
CA ASN A 18 3.78 8.11 -3.22
C ASN A 18 4.43 6.75 -2.97
N TYR A 19 5.02 6.60 -1.79
CA TYR A 19 5.63 5.33 -1.41
C TYR A 19 4.55 4.27 -1.19
N ALA A 20 3.39 4.70 -0.73
CA ALA A 20 2.24 3.81 -0.63
C ALA A 20 1.69 3.51 -2.02
N GLY A 21 1.78 4.50 -2.90
CA GLY A 21 1.31 4.36 -4.25
C GLY A 21 2.15 3.38 -5.07
N GLN A 22 3.44 3.32 -4.78
CA GLN A 22 4.35 2.42 -5.50
C GLN A 22 3.91 0.97 -5.35
N ILE A 23 3.29 0.64 -4.21
CA ILE A 23 2.76 -0.69 -3.98
C ILE A 23 1.46 -0.88 -4.76
N LYS A 24 0.70 0.20 -4.87
CA LYS A 24 -0.56 0.18 -5.60
C LYS A 24 -0.34 -0.14 -7.07
N SER A 25 0.64 0.54 -7.68
CA SER A 25 0.96 0.32 -9.08
C SER A 25 1.57 -1.06 -9.31
N ALA A 26 2.35 -1.53 -8.34
CA ALA A 26 2.99 -2.84 -8.42
C ALA A 26 1.96 -3.96 -8.53
N ILE A 27 0.81 -3.75 -7.89
CA ILE A 27 -0.24 -4.76 -7.85
C ILE A 27 -0.87 -5.00 -9.22
N GLU A 28 -0.94 -3.94 -10.04
CA GLU A 28 -1.52 -4.06 -11.36
C GLU A 28 -0.71 -4.98 -12.26
N SER A 29 0.61 -4.89 -12.16
CA SER A 29 1.50 -5.72 -12.96
C SER A 29 1.54 -7.16 -12.45
N LYS A 30 0.59 -7.51 -11.60
CA LYS A 30 0.47 -8.87 -11.09
C LYS A 30 -0.88 -9.46 -11.49
N PHE A 31 -1.74 -8.61 -12.03
CA PHE A 31 -3.03 -9.04 -12.54
C PHE A 31 -3.17 -8.67 -14.01
N TYR A 32 -3.17 -7.36 -14.25
CA TYR A 32 -3.33 -6.75 -15.57
C TYR A 32 -3.75 -5.31 -15.34
N ASP A 33 -4.42 -4.73 -16.31
CA ASP A 33 -5.23 -3.55 -16.03
C ASP A 33 -6.59 -4.03 -15.57
N ALA A 34 -6.57 -5.25 -15.07
CA ALA A 34 -7.71 -5.92 -14.49
C ALA A 34 -7.95 -5.40 -13.09
N SER A 35 -6.85 -5.10 -12.41
CA SER A 35 -6.91 -4.53 -11.07
C SER A 35 -7.50 -3.12 -11.15
N SER A 36 -7.49 -2.58 -12.36
CA SER A 36 -8.03 -1.26 -12.64
C SER A 36 -9.56 -1.32 -12.83
N TYR A 37 -10.25 -1.64 -11.74
CA TYR A 37 -11.71 -1.66 -11.75
C TYR A 37 -12.23 -0.25 -11.42
N ALA A 38 -13.32 -0.17 -10.66
CA ALA A 38 -13.82 1.09 -10.14
C ALA A 38 -15.01 0.88 -9.23
N GLY A 39 -15.26 1.85 -8.36
CA GLY A 39 -16.37 1.77 -7.43
C GLY A 39 -16.18 0.73 -6.35
N LYS A 40 -14.93 0.48 -5.99
CA LYS A 40 -14.62 -0.52 -4.96
C LYS A 40 -13.60 0.02 -3.97
N THR A 41 -13.50 -0.64 -2.82
CA THR A 41 -12.52 -0.28 -1.82
C THR A 41 -11.96 -1.55 -1.17
N CYS A 42 -10.66 -1.58 -0.93
CA CYS A 42 -10.04 -2.74 -0.30
C CYS A 42 -9.03 -2.31 0.75
N THR A 43 -9.55 -1.96 1.91
CA THR A 43 -8.73 -1.61 3.05
C THR A 43 -8.01 -2.85 3.58
N LEU A 44 -6.69 -2.81 3.60
CA LEU A 44 -5.91 -3.94 4.05
C LEU A 44 -5.17 -3.60 5.33
N ARG A 45 -5.38 -4.41 6.36
CA ARG A 45 -4.69 -4.24 7.63
C ARG A 45 -3.30 -4.86 7.53
N ILE A 46 -2.34 -4.06 7.07
CA ILE A 46 -1.00 -4.57 6.81
C ILE A 46 0.02 -3.95 7.76
N LYS A 47 1.09 -4.69 8.01
CA LYS A 47 2.19 -4.23 8.84
C LYS A 47 3.51 -4.65 8.23
N LEU A 48 4.28 -3.70 7.76
CA LEU A 48 5.54 -4.01 7.11
C LEU A 48 6.71 -3.92 8.07
N ALA A 49 7.39 -5.04 8.26
CA ALA A 49 8.56 -5.08 9.10
C ALA A 49 9.69 -4.28 8.47
N PRO A 50 10.69 -3.84 9.26
CA PRO A 50 11.83 -3.06 8.76
C PRO A 50 12.59 -3.77 7.65
N ASP A 51 12.36 -5.07 7.53
CA ASP A 51 13.02 -5.89 6.52
C ASP A 51 12.25 -5.86 5.20
N GLY A 52 11.14 -5.14 5.16
CA GLY A 52 10.37 -5.03 3.94
C GLY A 52 9.52 -6.26 3.69
N MET A 53 8.72 -6.64 4.68
CA MET A 53 7.84 -7.78 4.56
C MET A 53 6.58 -7.56 5.39
N LEU A 54 5.44 -7.96 4.86
CA LEU A 54 4.17 -7.78 5.55
C LEU A 54 3.91 -8.94 6.50
N LEU A 55 4.04 -8.67 7.79
CA LEU A 55 3.77 -9.67 8.81
C LEU A 55 2.26 -9.84 8.99
N ASP A 56 1.55 -8.73 8.89
CA ASP A 56 0.10 -8.74 9.01
C ASP A 56 -0.52 -8.38 7.67
N ILE A 57 -1.60 -9.06 7.32
CA ILE A 57 -2.33 -8.77 6.09
C ILE A 57 -3.76 -9.30 6.18
N LYS A 58 -4.70 -8.37 6.33
CA LYS A 58 -6.09 -8.75 6.54
C LYS A 58 -7.03 -7.81 5.78
N PRO A 59 -7.92 -8.38 4.96
CA PRO A 59 -8.88 -7.60 4.18
C PRO A 59 -10.05 -7.07 5.02
N GLU A 60 -10.08 -5.76 5.22
CA GLU A 60 -11.12 -5.12 6.01
C GLU A 60 -11.82 -4.06 5.18
N GLY A 61 -11.69 -4.20 3.88
CA GLY A 61 -12.24 -3.25 2.93
C GLY A 61 -13.73 -3.43 2.69
N GLY A 62 -14.19 -3.03 1.50
CA GLY A 62 -15.59 -3.10 1.20
C GLY A 62 -15.92 -4.06 0.08
N ASP A 63 -14.90 -4.52 -0.64
CA ASP A 63 -15.10 -5.48 -1.72
C ASP A 63 -14.36 -6.77 -1.42
N PRO A 64 -15.11 -7.86 -1.17
CA PRO A 64 -14.53 -9.15 -0.79
C PRO A 64 -13.75 -9.81 -1.92
N ALA A 65 -14.12 -9.51 -3.16
CA ALA A 65 -13.45 -10.08 -4.33
C ALA A 65 -12.12 -9.37 -4.58
N LEU A 66 -12.18 -8.04 -4.65
CA LEU A 66 -10.99 -7.22 -4.86
C LEU A 66 -9.96 -7.50 -3.77
N CYS A 67 -10.43 -7.57 -2.54
CA CYS A 67 -9.56 -7.79 -1.40
C CYS A 67 -8.97 -9.20 -1.39
N GLN A 68 -9.78 -10.19 -1.75
CA GLN A 68 -9.32 -11.58 -1.78
C GLN A 68 -8.18 -11.76 -2.78
N ALA A 69 -8.30 -11.11 -3.92
CA ALA A 69 -7.28 -11.19 -4.96
C ALA A 69 -6.09 -10.30 -4.61
N ALA A 70 -6.36 -9.17 -3.96
CA ALA A 70 -5.32 -8.21 -3.59
C ALA A 70 -4.27 -8.84 -2.70
N LEU A 71 -4.69 -9.71 -1.78
CA LEU A 71 -3.78 -10.38 -0.86
C LEU A 71 -2.67 -11.10 -1.60
N ALA A 72 -3.03 -11.81 -2.67
CA ALA A 72 -2.07 -12.57 -3.44
C ALA A 72 -1.22 -11.67 -4.33
N ALA A 73 -1.88 -10.71 -4.97
CA ALA A 73 -1.19 -9.80 -5.90
C ALA A 73 -0.19 -8.91 -5.17
N ALA A 74 -0.55 -8.44 -3.99
CA ALA A 74 0.31 -7.57 -3.20
C ALA A 74 1.55 -8.31 -2.72
N LYS A 75 1.39 -9.60 -2.40
CA LYS A 75 2.49 -10.42 -1.94
C LYS A 75 3.46 -10.72 -3.09
N LEU A 76 2.95 -10.64 -4.31
CA LEU A 76 3.76 -10.88 -5.50
C LEU A 76 4.35 -9.58 -6.02
N ALA A 77 3.98 -8.47 -5.38
CA ALA A 77 4.46 -7.15 -5.79
C ALA A 77 5.87 -6.90 -5.26
N LYS A 78 6.50 -5.85 -5.75
CA LYS A 78 7.85 -5.52 -5.34
C LYS A 78 7.84 -4.39 -4.31
N ILE A 79 8.10 -4.74 -3.06
CA ILE A 79 8.15 -3.77 -1.97
C ILE A 79 9.53 -3.75 -1.34
N PRO A 80 10.24 -2.61 -1.43
CA PRO A 80 11.61 -2.50 -0.95
C PRO A 80 11.71 -2.33 0.57
N LYS A 81 12.94 -2.38 1.07
CA LYS A 81 13.20 -2.19 2.49
C LYS A 81 13.06 -0.72 2.86
N PRO A 82 12.20 -0.41 3.84
CA PRO A 82 11.93 0.97 4.28
C PRO A 82 13.20 1.73 4.64
N PRO A 83 13.53 2.78 3.87
CA PRO A 83 14.76 3.54 4.02
C PRO A 83 14.62 4.75 4.96
N SER A 84 13.98 5.80 4.46
CA SER A 84 13.78 7.02 5.21
C SER A 84 13.02 6.74 6.51
N GLN A 85 13.50 7.31 7.60
CA GLN A 85 12.92 7.07 8.92
C GLN A 85 11.44 7.46 8.97
N ALA A 86 11.08 8.53 8.27
CA ALA A 86 9.70 8.98 8.24
C ALA A 86 8.81 7.93 7.58
N VAL A 87 9.25 7.42 6.44
CA VAL A 87 8.52 6.39 5.73
C VAL A 87 8.49 5.08 6.54
N TYR A 88 9.64 4.73 7.10
CA TYR A 88 9.77 3.54 7.91
C TYR A 88 8.86 3.59 9.13
N GLU A 89 8.79 4.76 9.77
CA GLU A 89 7.96 4.95 10.95
C GLU A 89 6.49 4.74 10.65
N VAL A 90 6.12 4.94 9.39
CA VAL A 90 4.75 4.74 8.96
C VAL A 90 4.54 3.32 8.45
N PHE A 91 5.47 2.84 7.64
CA PHE A 91 5.38 1.55 6.99
C PHE A 91 5.27 0.39 7.98
N LYS A 92 5.88 0.57 9.14
CA LYS A 92 5.86 -0.47 10.17
C LYS A 92 4.44 -0.70 10.73
N ASN A 93 3.51 0.16 10.32
CA ASN A 93 2.12 0.01 10.71
C ASN A 93 1.23 0.89 9.83
N ALA A 94 1.27 0.63 8.54
CA ALA A 94 0.51 1.41 7.59
C ALA A 94 -0.54 0.56 6.89
N PRO A 95 -1.75 0.46 7.47
CA PRO A 95 -2.84 -0.25 6.84
C PRO A 95 -3.44 0.59 5.71
N LEU A 96 -3.11 0.23 4.49
CA LEU A 96 -3.51 1.01 3.35
C LEU A 96 -4.68 0.37 2.63
N ASP A 97 -5.46 1.19 1.95
CA ASP A 97 -6.55 0.70 1.14
C ASP A 97 -6.07 0.56 -0.29
N PHE A 98 -6.36 -0.58 -0.91
CA PHE A 98 -5.97 -0.79 -2.29
C PHE A 98 -7.21 -0.90 -3.16
N LYS A 99 -7.54 0.20 -3.80
CA LYS A 99 -8.66 0.26 -4.71
C LYS A 99 -8.13 0.46 -6.13
N PRO A 100 -8.99 0.41 -7.17
CA PRO A 100 -8.58 0.61 -8.57
C PRO A 100 -7.49 1.65 -8.73
N HIS A 101 -6.36 1.22 -9.27
CA HIS A 101 -5.18 2.06 -9.32
C HIS A 101 -5.15 2.84 -10.64
N HIS A 102 -4.42 3.95 -10.65
CA HIS A 102 -4.35 4.81 -11.81
C HIS A 102 -3.30 4.30 -12.79
N ALA A 1 0.52 19.01 -28.17
CA ALA A 1 1.60 19.37 -27.19
C ALA A 1 1.01 19.52 -25.80
N GLU A 2 -0.23 19.98 -25.75
CA GLU A 2 -0.94 20.18 -24.49
C GLU A 2 -1.44 18.84 -23.95
N PHE A 3 -1.36 18.68 -22.64
CA PHE A 3 -1.82 17.46 -21.98
C PHE A 3 -3.12 17.72 -21.23
N GLY A 4 -4.07 18.34 -21.93
CA GLY A 4 -5.31 18.72 -21.29
C GLY A 4 -5.09 19.79 -20.26
N ASN A 5 -5.72 19.64 -19.11
CA ASN A 5 -5.54 20.58 -18.01
C ASN A 5 -5.58 19.85 -16.67
N THR A 6 -4.53 20.03 -15.88
CA THR A 6 -4.40 19.39 -14.58
C THR A 6 -4.28 17.87 -14.71
N LYS A 7 -3.09 17.42 -15.08
CA LYS A 7 -2.80 15.99 -15.12
C LYS A 7 -2.24 15.54 -13.78
N ASN A 8 -2.77 16.12 -12.72
CA ASN A 8 -2.30 15.84 -11.37
C ASN A 8 -3.46 15.41 -10.49
N ASN A 9 -3.16 14.64 -9.45
CA ASN A 9 -4.17 14.18 -8.51
C ASN A 9 -3.49 13.67 -7.23
N GLY A 10 -3.40 14.55 -6.24
CA GLY A 10 -2.75 14.20 -5.00
C GLY A 10 -3.62 14.48 -3.80
N ALA A 11 -3.02 14.48 -2.62
CA ALA A 11 -3.74 14.76 -1.39
C ALA A 11 -2.75 15.11 -0.28
N SER A 12 -3.28 15.42 0.90
CA SER A 12 -2.45 15.73 2.05
C SER A 12 -1.72 14.49 2.54
N GLY A 13 -0.40 14.58 2.64
CA GLY A 13 0.40 13.42 2.97
C GLY A 13 1.02 12.82 1.73
N ALA A 14 1.48 13.68 0.83
CA ALA A 14 2.08 13.26 -0.44
C ALA A 14 3.31 12.40 -0.21
N ASP A 15 3.98 12.61 0.92
CA ASP A 15 5.15 11.81 1.27
C ASP A 15 4.79 10.33 1.37
N ILE A 16 3.80 10.03 2.20
CA ILE A 16 3.34 8.66 2.39
C ILE A 16 2.61 8.15 1.16
N ASN A 17 1.76 8.99 0.58
CA ASN A 17 0.95 8.61 -0.57
C ASN A 17 1.83 8.27 -1.78
N ASN A 18 2.99 8.90 -1.87
CA ASN A 18 3.92 8.65 -2.96
C ASN A 18 4.40 7.20 -2.95
N TYR A 19 4.77 6.72 -1.77
CA TYR A 19 5.22 5.34 -1.64
C TYR A 19 4.03 4.38 -1.62
N ALA A 20 2.88 4.87 -1.15
CA ALA A 20 1.65 4.08 -1.17
C ALA A 20 1.24 3.80 -2.61
N GLY A 21 1.48 4.77 -3.48
CA GLY A 21 1.19 4.60 -4.90
C GLY A 21 2.10 3.56 -5.54
N GLN A 22 3.33 3.48 -5.06
CA GLN A 22 4.29 2.49 -5.53
C GLN A 22 3.76 1.09 -5.28
N ILE A 23 3.26 0.87 -4.07
CA ILE A 23 2.70 -0.42 -3.69
C ILE A 23 1.46 -0.74 -4.53
N LYS A 24 0.58 0.25 -4.67
CA LYS A 24 -0.64 0.08 -5.44
C LYS A 24 -0.32 -0.25 -6.90
N SER A 25 0.75 0.34 -7.41
CA SER A 25 1.20 0.09 -8.78
C SER A 25 1.81 -1.30 -8.92
N ALA A 26 2.59 -1.70 -7.92
CA ALA A 26 3.19 -3.04 -7.89
C ALA A 26 2.12 -4.11 -7.94
N ILE A 27 1.03 -3.84 -7.24
CA ILE A 27 -0.09 -4.75 -7.14
C ILE A 27 -0.77 -4.94 -8.49
N GLU A 28 -0.97 -3.85 -9.21
CA GLU A 28 -1.65 -3.92 -10.50
C GLU A 28 -0.75 -4.46 -11.61
N SER A 29 0.56 -4.39 -11.45
CA SER A 29 1.46 -4.94 -12.44
C SER A 29 1.45 -6.46 -12.37
N LYS A 30 1.13 -6.97 -11.19
CA LYS A 30 0.97 -8.41 -11.00
C LYS A 30 -0.44 -8.83 -11.41
N PHE A 31 -1.44 -8.14 -10.87
CA PHE A 31 -2.83 -8.41 -11.23
C PHE A 31 -3.30 -7.40 -12.28
N TYR A 32 -2.84 -7.63 -13.50
CA TYR A 32 -2.99 -6.68 -14.61
C TYR A 32 -4.44 -6.26 -14.85
N ASP A 33 -5.36 -7.21 -14.98
CA ASP A 33 -6.74 -6.89 -15.35
C ASP A 33 -7.64 -6.96 -14.14
N ALA A 34 -7.08 -7.47 -13.10
CA ALA A 34 -7.75 -7.58 -11.81
C ALA A 34 -7.75 -6.25 -11.06
N SER A 35 -6.55 -5.73 -10.85
CA SER A 35 -6.38 -4.56 -10.02
C SER A 35 -6.87 -3.29 -10.73
N SER A 36 -7.05 -3.38 -12.04
CA SER A 36 -7.50 -2.24 -12.83
C SER A 36 -9.03 -2.18 -12.87
N TYR A 37 -9.64 -2.26 -11.69
CA TYR A 37 -11.10 -2.30 -11.57
C TYR A 37 -11.69 -0.89 -11.51
N ALA A 38 -11.36 -0.19 -10.41
CA ALA A 38 -11.94 1.11 -10.07
C ALA A 38 -13.39 0.97 -9.61
N GLY A 39 -13.98 2.06 -9.15
CA GLY A 39 -15.34 2.00 -8.64
C GLY A 39 -15.40 1.56 -7.19
N LYS A 40 -14.74 0.45 -6.88
CA LYS A 40 -14.78 -0.11 -5.53
C LYS A 40 -13.56 0.30 -4.73
N THR A 41 -13.62 0.09 -3.42
CA THR A 41 -12.49 0.38 -2.54
C THR A 41 -12.23 -0.82 -1.62
N CYS A 42 -11.00 -0.91 -1.13
CA CYS A 42 -10.61 -2.01 -0.25
C CYS A 42 -9.67 -1.48 0.83
N THR A 43 -9.67 -2.11 2.00
CA THR A 43 -8.79 -1.71 3.09
C THR A 43 -7.95 -2.88 3.57
N LEU A 44 -6.69 -2.89 3.16
CA LEU A 44 -5.76 -3.91 3.59
C LEU A 44 -5.02 -3.45 4.84
N ARG A 45 -5.28 -4.12 5.95
CA ARG A 45 -4.60 -3.81 7.20
C ARG A 45 -3.25 -4.49 7.20
N ILE A 46 -2.26 -3.80 6.67
CA ILE A 46 -0.94 -4.37 6.51
C ILE A 46 0.00 -3.89 7.60
N LYS A 47 0.98 -4.72 7.91
CA LYS A 47 1.97 -4.42 8.92
C LYS A 47 3.36 -4.78 8.39
N LEU A 48 3.99 -3.83 7.73
CA LEU A 48 5.24 -4.09 7.04
C LEU A 48 6.41 -4.09 8.00
N ALA A 49 7.14 -5.18 8.02
CA ALA A 49 8.38 -5.26 8.78
C ALA A 49 9.47 -4.47 8.05
N PRO A 50 10.46 -3.93 8.78
CA PRO A 50 11.55 -3.13 8.19
C PRO A 50 12.32 -3.90 7.12
N ASP A 51 12.15 -5.22 7.11
CA ASP A 51 12.75 -6.08 6.10
C ASP A 51 12.08 -5.87 4.74
N GLY A 52 10.94 -5.21 4.76
CA GLY A 52 10.20 -4.97 3.53
C GLY A 52 9.35 -6.16 3.14
N MET A 53 8.44 -6.55 4.02
CA MET A 53 7.57 -7.68 3.77
C MET A 53 6.31 -7.56 4.60
N LEU A 54 5.19 -8.03 4.05
CA LEU A 54 3.92 -7.94 4.73
C LEU A 54 3.59 -9.26 5.42
N LEU A 55 4.16 -9.45 6.61
CA LEU A 55 3.88 -10.65 7.39
C LEU A 55 2.48 -10.58 7.99
N ASP A 56 1.95 -9.37 8.05
CA ASP A 56 0.60 -9.14 8.53
C ASP A 56 -0.18 -8.37 7.49
N ILE A 57 -1.25 -8.98 6.97
CA ILE A 57 -2.04 -8.37 5.91
C ILE A 57 -3.43 -9.00 5.85
N LYS A 58 -4.43 -8.23 6.23
CA LYS A 58 -5.80 -8.74 6.27
C LYS A 58 -6.78 -7.72 5.70
N PRO A 59 -7.71 -8.19 4.86
CA PRO A 59 -8.76 -7.34 4.27
C PRO A 59 -9.91 -7.13 5.25
N GLU A 60 -9.67 -6.29 6.25
CA GLU A 60 -10.64 -6.07 7.30
C GLU A 60 -11.90 -5.40 6.76
N GLY A 61 -11.72 -4.55 5.78
CA GLY A 61 -12.84 -3.90 5.14
C GLY A 61 -12.63 -3.70 3.65
N GLY A 62 -13.70 -3.44 2.93
CA GLY A 62 -13.61 -3.26 1.50
C GLY A 62 -14.23 -4.40 0.73
N ASP A 63 -14.19 -4.31 -0.59
CA ASP A 63 -14.76 -5.34 -1.45
C ASP A 63 -13.97 -6.64 -1.35
N PRO A 64 -14.64 -7.75 -0.98
CA PRO A 64 -14.00 -9.06 -0.79
C PRO A 64 -13.16 -9.50 -1.99
N ALA A 65 -13.74 -9.36 -3.19
CA ALA A 65 -13.05 -9.77 -4.41
C ALA A 65 -11.86 -8.85 -4.69
N LEU A 66 -12.09 -7.55 -4.59
CA LEU A 66 -11.04 -6.56 -4.82
C LEU A 66 -9.89 -6.76 -3.85
N CYS A 67 -10.22 -6.98 -2.59
CA CYS A 67 -9.22 -7.23 -1.55
C CYS A 67 -8.45 -8.51 -1.83
N GLN A 68 -9.16 -9.53 -2.32
CA GLN A 68 -8.54 -10.81 -2.64
C GLN A 68 -7.50 -10.66 -3.74
N ALA A 69 -7.83 -9.84 -4.74
CA ALA A 69 -6.91 -9.59 -5.84
C ALA A 69 -5.63 -8.96 -5.33
N ALA A 70 -5.76 -7.98 -4.44
CA ALA A 70 -4.62 -7.31 -3.86
C ALA A 70 -3.84 -8.24 -2.93
N LEU A 71 -4.55 -9.17 -2.28
CA LEU A 71 -3.93 -10.12 -1.35
C LEU A 71 -2.80 -10.89 -2.03
N ALA A 72 -3.10 -11.49 -3.17
CA ALA A 72 -2.13 -12.30 -3.88
C ALA A 72 -1.12 -11.41 -4.62
N ALA A 73 -1.60 -10.30 -5.14
CA ALA A 73 -0.77 -9.37 -5.90
C ALA A 73 0.32 -8.76 -5.02
N ALA A 74 -0.06 -8.30 -3.84
CA ALA A 74 0.88 -7.65 -2.92
C ALA A 74 1.96 -8.61 -2.46
N LYS A 75 1.58 -9.86 -2.21
CA LYS A 75 2.54 -10.86 -1.75
C LYS A 75 3.49 -11.25 -2.87
N LEU A 76 3.02 -11.12 -4.10
CA LEU A 76 3.84 -11.44 -5.27
C LEU A 76 4.55 -10.18 -5.79
N ALA A 77 4.28 -9.05 -5.13
CA ALA A 77 4.89 -7.78 -5.51
C ALA A 77 6.18 -7.57 -4.74
N LYS A 78 7.06 -6.75 -5.28
CA LYS A 78 8.31 -6.43 -4.62
C LYS A 78 8.19 -5.12 -3.87
N ILE A 79 8.01 -5.22 -2.56
CA ILE A 79 7.88 -4.03 -1.73
C ILE A 79 9.27 -3.59 -1.26
N PRO A 80 9.72 -2.40 -1.68
CA PRO A 80 11.05 -1.89 -1.35
C PRO A 80 11.24 -1.74 0.16
N LYS A 81 12.36 -2.28 0.65
CA LYS A 81 12.69 -2.20 2.06
C LYS A 81 12.80 -0.74 2.49
N PRO A 82 11.99 -0.34 3.47
CA PRO A 82 11.85 1.05 3.92
C PRO A 82 13.15 1.83 3.96
N PRO A 83 13.37 2.72 2.98
CA PRO A 83 14.56 3.56 2.92
C PRO A 83 14.43 4.80 3.78
N SER A 84 13.35 5.54 3.60
CA SER A 84 13.06 6.70 4.42
C SER A 84 12.56 6.26 5.79
N GLN A 85 13.20 6.75 6.84
CA GLN A 85 12.89 6.31 8.19
C GLN A 85 11.49 6.75 8.59
N ALA A 86 11.03 7.88 8.04
CA ALA A 86 9.66 8.33 8.26
C ALA A 86 8.68 7.34 7.63
N VAL A 87 9.00 6.92 6.42
CA VAL A 87 8.21 5.91 5.72
C VAL A 87 8.20 4.59 6.50
N TYR A 88 9.37 4.21 7.01
CA TYR A 88 9.51 2.98 7.79
C TYR A 88 8.64 3.02 9.04
N GLU A 89 8.66 4.14 9.74
CA GLU A 89 7.95 4.27 10.99
C GLU A 89 6.43 4.31 10.77
N VAL A 90 6.02 4.66 9.57
CA VAL A 90 4.60 4.71 9.23
C VAL A 90 4.12 3.39 8.64
N PHE A 91 4.78 2.94 7.58
CA PHE A 91 4.35 1.76 6.83
C PHE A 91 4.48 0.47 7.63
N LYS A 92 5.21 0.51 8.73
CA LYS A 92 5.35 -0.66 9.59
C LYS A 92 4.04 -0.95 10.33
N ASN A 93 3.08 -0.04 10.16
CA ASN A 93 1.73 -0.22 10.68
C ASN A 93 0.80 0.79 10.02
N ALA A 94 0.58 0.60 8.72
CA ALA A 94 -0.22 1.53 7.94
C ALA A 94 -1.17 0.78 7.02
N PRO A 95 -2.43 0.62 7.43
CA PRO A 95 -3.44 -0.05 6.64
C PRO A 95 -3.85 0.82 5.45
N LEU A 96 -3.50 0.37 4.27
CA LEU A 96 -3.59 1.19 3.08
C LEU A 96 -4.96 1.09 2.42
N ASP A 97 -5.37 2.19 1.79
CA ASP A 97 -6.60 2.21 1.02
C ASP A 97 -6.32 1.74 -0.39
N PHE A 98 -7.08 0.76 -0.83
CA PHE A 98 -6.88 0.20 -2.15
C PHE A 98 -7.89 0.81 -3.12
N LYS A 99 -7.41 1.74 -3.92
CA LYS A 99 -8.21 2.33 -4.96
C LYS A 99 -7.68 1.85 -6.31
N PRO A 100 -8.36 0.85 -6.88
CA PRO A 100 -7.88 0.13 -8.06
C PRO A 100 -7.53 1.06 -9.22
N HIS A 101 -6.43 0.73 -9.89
CA HIS A 101 -5.92 1.52 -11.00
C HIS A 101 -6.94 1.62 -12.14
N HIS A 102 -6.74 2.61 -13.00
CA HIS A 102 -7.55 2.78 -14.20
C HIS A 102 -6.72 3.47 -15.28
N ALA A 1 -22.89 17.27 1.47
CA ALA A 1 -22.07 16.94 2.66
C ALA A 1 -21.21 18.12 3.06
N GLU A 2 -20.44 17.96 4.12
CA GLU A 2 -19.54 19.00 4.58
C GLU A 2 -18.11 18.67 4.19
N PHE A 3 -17.39 19.65 3.68
CA PHE A 3 -16.00 19.45 3.28
C PHE A 3 -15.06 20.09 4.28
N GLY A 4 -14.60 19.30 5.24
CA GLY A 4 -13.75 19.81 6.29
C GLY A 4 -12.31 19.99 5.84
N ASN A 5 -12.11 20.86 4.86
CA ASN A 5 -10.77 21.19 4.33
C ASN A 5 -10.18 20.03 3.54
N THR A 6 -9.98 18.89 4.18
CA THR A 6 -9.35 17.74 3.55
C THR A 6 -10.38 16.84 2.87
N LYS A 7 -11.66 17.04 3.23
CA LYS A 7 -12.76 16.23 2.71
C LYS A 7 -12.58 14.77 3.13
N ASN A 8 -12.97 14.48 4.38
CA ASN A 8 -12.84 13.15 4.97
C ASN A 8 -11.38 12.83 5.31
N ASN A 9 -10.56 12.62 4.28
CA ASN A 9 -9.15 12.35 4.47
C ASN A 9 -8.35 12.73 3.22
N GLY A 10 -7.11 13.12 3.42
CA GLY A 10 -6.27 13.53 2.32
C GLY A 10 -4.82 13.16 2.55
N ALA A 11 -4.38 12.07 1.95
CA ALA A 11 -3.01 11.60 2.10
C ALA A 11 -2.02 12.62 1.56
N SER A 12 -1.24 13.20 2.45
CA SER A 12 -0.27 14.23 2.08
C SER A 12 1.16 13.69 2.19
N GLY A 13 2.13 14.55 1.94
CA GLY A 13 3.52 14.15 2.03
C GLY A 13 4.12 13.84 0.67
N ALA A 14 5.43 13.66 0.64
CA ALA A 14 6.12 13.33 -0.60
C ALA A 14 6.55 11.87 -0.59
N ASP A 15 7.48 11.54 0.29
CA ASP A 15 8.01 10.17 0.42
C ASP A 15 6.89 9.17 0.67
N ILE A 16 6.12 9.38 1.73
CA ILE A 16 5.05 8.47 2.10
C ILE A 16 4.04 8.30 0.95
N ASN A 17 3.66 9.41 0.32
CA ASN A 17 2.73 9.37 -0.80
C ASN A 17 3.33 8.65 -2.00
N ASN A 18 4.60 8.91 -2.27
CA ASN A 18 5.32 8.25 -3.37
C ASN A 18 5.39 6.75 -3.12
N TYR A 19 5.74 6.37 -1.90
CA TYR A 19 5.86 4.96 -1.55
C TYR A 19 4.50 4.27 -1.67
N ALA A 20 3.46 4.88 -1.13
CA ALA A 20 2.11 4.34 -1.22
C ALA A 20 1.65 4.30 -2.68
N GLY A 21 2.15 5.23 -3.47
CA GLY A 21 1.80 5.30 -4.88
C GLY A 21 2.40 4.15 -5.67
N GLN A 22 3.70 3.97 -5.54
CA GLN A 22 4.41 2.92 -6.26
C GLN A 22 3.97 1.54 -5.81
N ILE A 23 3.51 1.42 -4.57
CA ILE A 23 2.98 0.15 -4.07
C ILE A 23 1.73 -0.24 -4.87
N LYS A 24 0.90 0.76 -5.15
CA LYS A 24 -0.28 0.55 -5.97
C LYS A 24 0.12 0.13 -7.38
N SER A 25 1.14 0.78 -7.92
CA SER A 25 1.65 0.45 -9.24
C SER A 25 2.20 -0.97 -9.27
N ALA A 26 3.01 -1.32 -8.27
CA ALA A 26 3.57 -2.66 -8.15
C ALA A 26 2.46 -3.70 -8.15
N ILE A 27 1.42 -3.41 -7.37
CA ILE A 27 0.29 -4.31 -7.22
C ILE A 27 -0.42 -4.53 -8.56
N GLU A 28 -0.61 -3.47 -9.33
CA GLU A 28 -1.23 -3.62 -10.65
C GLU A 28 -0.25 -4.21 -11.65
N SER A 29 1.05 -3.98 -11.45
CA SER A 29 2.07 -4.58 -12.31
C SER A 29 2.27 -6.06 -11.97
N LYS A 30 1.24 -6.64 -11.39
CA LYS A 30 1.22 -8.04 -11.02
C LYS A 30 -0.07 -8.68 -11.48
N PHE A 31 -1.15 -7.90 -11.45
CA PHE A 31 -2.48 -8.39 -11.79
C PHE A 31 -3.02 -7.74 -13.07
N TYR A 32 -2.54 -6.54 -13.35
CA TYR A 32 -2.91 -5.78 -14.56
C TYR A 32 -4.40 -5.46 -14.59
N ASP A 33 -5.11 -5.92 -15.62
CA ASP A 33 -6.53 -5.61 -15.81
C ASP A 33 -7.40 -6.34 -14.80
N ALA A 34 -6.73 -7.02 -13.92
CA ALA A 34 -7.35 -7.61 -12.75
C ALA A 34 -7.57 -6.55 -11.69
N SER A 35 -6.53 -5.75 -11.47
CA SER A 35 -6.57 -4.66 -10.52
C SER A 35 -7.42 -3.51 -11.07
N SER A 36 -7.56 -3.49 -12.38
CA SER A 36 -8.41 -2.51 -13.06
C SER A 36 -9.87 -2.98 -13.01
N TYR A 37 -10.45 -2.89 -11.82
CA TYR A 37 -11.77 -3.44 -11.56
C TYR A 37 -12.88 -2.41 -11.79
N ALA A 38 -13.28 -1.74 -10.71
CA ALA A 38 -14.40 -0.80 -10.76
C ALA A 38 -14.29 0.23 -9.64
N GLY A 39 -15.38 0.98 -9.42
CA GLY A 39 -15.41 1.94 -8.34
C GLY A 39 -15.71 1.30 -6.99
N LYS A 40 -14.82 0.41 -6.56
CA LYS A 40 -14.96 -0.24 -5.26
C LYS A 40 -13.78 0.16 -4.37
N THR A 41 -13.82 -0.23 -3.11
CA THR A 41 -12.75 0.09 -2.18
C THR A 41 -12.47 -1.08 -1.26
N CYS A 42 -11.19 -1.39 -1.07
CA CYS A 42 -10.80 -2.52 -0.22
C CYS A 42 -9.69 -2.10 0.74
N THR A 43 -10.07 -1.67 1.93
CA THR A 43 -9.12 -1.24 2.94
C THR A 43 -8.30 -2.43 3.45
N LEU A 44 -6.99 -2.36 3.24
CA LEU A 44 -6.09 -3.42 3.67
C LEU A 44 -5.26 -2.97 4.87
N ARG A 45 -5.43 -3.67 5.97
CA ARG A 45 -4.66 -3.39 7.19
C ARG A 45 -3.29 -4.07 7.10
N ILE A 46 -2.33 -3.36 6.53
CA ILE A 46 -1.03 -3.93 6.27
C ILE A 46 -0.02 -3.57 7.35
N LYS A 47 0.92 -4.48 7.58
CA LYS A 47 1.99 -4.28 8.53
C LYS A 47 3.31 -4.62 7.86
N LEU A 48 4.07 -3.61 7.48
CA LEU A 48 5.29 -3.82 6.72
C LEU A 48 6.50 -4.01 7.63
N ALA A 49 7.41 -4.85 7.19
CA ALA A 49 8.66 -5.09 7.91
C ALA A 49 9.77 -4.22 7.33
N PRO A 50 10.86 -4.00 8.08
CA PRO A 50 11.99 -3.15 7.64
C PRO A 50 12.71 -3.69 6.41
N ASP A 51 12.24 -4.82 5.90
CA ASP A 51 12.81 -5.41 4.68
C ASP A 51 11.88 -5.16 3.49
N GLY A 52 10.74 -4.53 3.74
CA GLY A 52 9.81 -4.22 2.68
C GLY A 52 8.70 -5.24 2.56
N MET A 53 8.95 -6.44 3.05
CA MET A 53 7.96 -7.50 3.01
C MET A 53 6.86 -7.25 4.04
N LEU A 54 5.65 -7.69 3.73
CA LEU A 54 4.54 -7.54 4.65
C LEU A 54 4.52 -8.70 5.64
N LEU A 55 4.53 -8.39 6.93
CA LEU A 55 4.50 -9.41 7.95
C LEU A 55 3.05 -9.72 8.33
N ASP A 56 2.16 -8.85 7.91
CA ASP A 56 0.73 -9.03 8.16
C ASP A 56 -0.07 -8.17 7.18
N ILE A 57 -1.16 -8.72 6.69
CA ILE A 57 -2.02 -7.99 5.75
C ILE A 57 -3.42 -8.61 5.74
N LYS A 58 -4.40 -7.86 6.21
CA LYS A 58 -5.77 -8.36 6.28
C LYS A 58 -6.76 -7.26 5.93
N PRO A 59 -7.84 -7.61 5.21
CA PRO A 59 -8.85 -6.65 4.79
C PRO A 59 -9.68 -6.13 5.95
N GLU A 60 -9.79 -4.81 6.06
CA GLU A 60 -10.63 -4.19 7.08
C GLU A 60 -12.08 -4.15 6.58
N GLY A 61 -12.28 -3.51 5.44
CA GLY A 61 -13.59 -3.45 4.85
C GLY A 61 -13.52 -3.22 3.36
N GLY A 62 -14.43 -3.82 2.62
CA GLY A 62 -14.43 -3.69 1.18
C GLY A 62 -15.17 -4.80 0.49
N ASP A 63 -14.56 -5.36 -0.55
CA ASP A 63 -15.15 -6.48 -1.27
C ASP A 63 -14.31 -7.73 -1.08
N PRO A 64 -14.92 -8.83 -0.62
CA PRO A 64 -14.22 -10.09 -0.35
C PRO A 64 -13.40 -10.57 -1.54
N ALA A 65 -13.98 -10.50 -2.73
CA ALA A 65 -13.29 -10.92 -3.94
C ALA A 65 -12.13 -9.99 -4.26
N LEU A 66 -12.42 -8.68 -4.31
CA LEU A 66 -11.39 -7.68 -4.59
C LEU A 66 -10.25 -7.77 -3.59
N CYS A 67 -10.59 -7.84 -2.32
CA CYS A 67 -9.60 -7.89 -1.25
C CYS A 67 -8.75 -9.15 -1.35
N GLN A 68 -9.39 -10.28 -1.62
CA GLN A 68 -8.66 -11.54 -1.76
C GLN A 68 -7.69 -11.49 -2.93
N ALA A 69 -8.14 -10.89 -4.03
CA ALA A 69 -7.30 -10.71 -5.21
C ALA A 69 -6.14 -9.77 -4.90
N ALA A 70 -6.44 -8.69 -4.18
CA ALA A 70 -5.45 -7.72 -3.79
C ALA A 70 -4.37 -8.35 -2.91
N LEU A 71 -4.78 -9.27 -2.05
CA LEU A 71 -3.84 -9.99 -1.19
C LEU A 71 -2.82 -10.75 -2.02
N ALA A 72 -3.31 -11.51 -2.99
CA ALA A 72 -2.45 -12.30 -3.87
C ALA A 72 -1.50 -11.40 -4.66
N ALA A 73 -2.03 -10.29 -5.15
CA ALA A 73 -1.22 -9.33 -5.92
C ALA A 73 -0.15 -8.69 -5.04
N ALA A 74 -0.54 -8.26 -3.85
CA ALA A 74 0.39 -7.63 -2.91
C ALA A 74 1.46 -8.61 -2.46
N LYS A 75 1.13 -9.89 -2.45
CA LYS A 75 2.07 -10.94 -2.06
C LYS A 75 3.19 -11.07 -3.08
N LEU A 76 2.85 -10.87 -4.35
CA LEU A 76 3.82 -10.99 -5.44
C LEU A 76 4.58 -9.68 -5.64
N ALA A 77 3.93 -8.58 -5.32
CA ALA A 77 4.53 -7.26 -5.47
C ALA A 77 5.64 -7.07 -4.44
N LYS A 78 6.82 -6.69 -4.92
CA LYS A 78 7.97 -6.53 -4.04
C LYS A 78 8.12 -5.08 -3.60
N ILE A 79 7.80 -4.83 -2.34
CA ILE A 79 7.94 -3.50 -1.77
C ILE A 79 9.38 -3.26 -1.35
N PRO A 80 9.96 -2.13 -1.80
CA PRO A 80 11.34 -1.77 -1.46
C PRO A 80 11.48 -1.50 0.03
N LYS A 81 12.51 -2.09 0.62
CA LYS A 81 12.75 -1.98 2.06
C LYS A 81 12.76 -0.52 2.50
N PRO A 82 11.97 -0.18 3.52
CA PRO A 82 11.82 1.20 4.00
C PRO A 82 13.13 1.75 4.57
N PRO A 83 13.62 2.85 3.99
CA PRO A 83 14.90 3.44 4.37
C PRO A 83 14.77 4.36 5.59
N SER A 84 14.11 5.49 5.40
CA SER A 84 13.94 6.48 6.45
C SER A 84 13.14 5.90 7.62
N GLN A 85 13.62 6.15 8.83
CA GLN A 85 13.00 5.61 10.05
C GLN A 85 11.53 6.02 10.15
N ALA A 86 11.23 7.27 9.77
CA ALA A 86 9.87 7.77 9.83
C ALA A 86 8.96 6.93 8.94
N VAL A 87 9.37 6.73 7.69
CA VAL A 87 8.62 5.93 6.75
C VAL A 87 8.53 4.48 7.21
N TYR A 88 9.63 3.95 7.73
CA TYR A 88 9.68 2.57 8.18
C TYR A 88 8.76 2.34 9.37
N GLU A 89 8.66 3.34 10.25
CA GLU A 89 7.75 3.24 11.39
C GLU A 89 6.31 3.47 10.95
N VAL A 90 6.11 4.41 10.05
CA VAL A 90 4.78 4.74 9.56
C VAL A 90 4.16 3.56 8.79
N PHE A 91 4.95 2.96 7.92
CA PHE A 91 4.48 1.86 7.08
C PHE A 91 4.39 0.55 7.86
N LYS A 92 4.87 0.57 9.10
CA LYS A 92 4.75 -0.58 9.98
C LYS A 92 3.28 -0.91 10.22
N ASN A 93 2.43 0.10 10.05
CA ASN A 93 1.00 -0.09 10.11
C ASN A 93 0.29 1.03 9.38
N ALA A 94 0.33 0.97 8.06
CA ALA A 94 -0.32 1.96 7.23
C ALA A 94 -1.42 1.31 6.40
N PRO A 95 -2.61 1.11 6.99
CA PRO A 95 -3.72 0.43 6.32
C PRO A 95 -4.35 1.33 5.27
N LEU A 96 -4.06 1.03 4.02
CA LEU A 96 -4.49 1.85 2.90
C LEU A 96 -5.81 1.36 2.34
N ASP A 97 -6.62 2.30 1.88
CA ASP A 97 -7.85 1.95 1.18
C ASP A 97 -7.52 1.57 -0.25
N PHE A 98 -7.35 0.28 -0.48
CA PHE A 98 -6.91 -0.19 -1.77
C PHE A 98 -8.07 -0.37 -2.72
N LYS A 99 -8.22 0.57 -3.63
CA LYS A 99 -9.27 0.51 -4.62
C LYS A 99 -8.66 0.25 -5.99
N PRO A 100 -9.45 -0.27 -6.95
CA PRO A 100 -8.97 -0.56 -8.30
C PRO A 100 -8.30 0.65 -8.94
N HIS A 101 -6.98 0.66 -8.85
CA HIS A 101 -6.19 1.82 -9.21
C HIS A 101 -5.81 1.81 -10.68
N HIS A 102 -6.05 2.92 -11.35
CA HIS A 102 -5.66 3.10 -12.74
C HIS A 102 -4.82 4.37 -12.88
N ALA A 1 20.05 35.69 6.48
CA ALA A 1 19.48 34.50 5.80
C ALA A 1 19.91 33.22 6.50
N GLU A 2 18.95 32.34 6.75
CA GLU A 2 19.22 31.05 7.36
C GLU A 2 19.02 29.95 6.34
N PHE A 3 19.79 28.87 6.46
CA PHE A 3 19.71 27.78 5.51
C PHE A 3 19.08 26.54 6.14
N GLY A 4 19.93 25.57 6.47
CA GLY A 4 19.46 24.29 6.96
C GLY A 4 20.01 23.18 6.10
N ASN A 5 21.12 22.61 6.53
CA ASN A 5 21.84 21.65 5.71
C ASN A 5 21.27 20.25 5.83
N THR A 6 21.13 19.77 7.05
CA THR A 6 20.65 18.42 7.29
C THR A 6 19.15 18.39 7.59
N LYS A 7 18.35 18.23 6.53
CA LYS A 7 16.91 18.14 6.67
C LYS A 7 16.28 17.71 5.35
N ASN A 8 15.15 17.03 5.43
CA ASN A 8 14.42 16.61 4.25
C ASN A 8 13.42 17.68 3.85
N ASN A 9 13.43 18.06 2.58
CA ASN A 9 12.55 19.11 2.09
C ASN A 9 11.10 18.66 2.15
N GLY A 10 10.31 19.35 2.97
CA GLY A 10 8.92 18.99 3.10
C GLY A 10 8.38 19.21 4.49
N ALA A 11 7.34 20.04 4.59
CA ALA A 11 6.65 20.27 5.85
C ALA A 11 5.81 19.05 6.19
N SER A 12 5.37 18.36 5.15
CA SER A 12 4.69 17.09 5.29
C SER A 12 5.58 15.97 4.78
N GLY A 13 5.15 14.73 4.94
CA GLY A 13 5.94 13.61 4.51
C GLY A 13 5.90 13.40 3.00
N ALA A 14 6.84 14.03 2.30
CA ALA A 14 6.95 13.87 0.86
C ALA A 14 7.37 12.44 0.53
N ASP A 15 8.27 11.91 1.35
CA ASP A 15 8.73 10.53 1.22
C ASP A 15 7.56 9.58 1.46
N ILE A 16 6.72 9.93 2.42
CA ILE A 16 5.53 9.15 2.73
C ILE A 16 4.60 9.07 1.54
N ASN A 17 4.42 10.20 0.86
CA ASN A 17 3.58 10.26 -0.33
C ASN A 17 4.10 9.33 -1.42
N ASN A 18 5.41 9.34 -1.63
CA ASN A 18 6.02 8.52 -2.66
C ASN A 18 5.93 7.04 -2.31
N TYR A 19 5.98 6.74 -1.02
CA TYR A 19 5.87 5.37 -0.56
C TYR A 19 4.45 4.86 -0.69
N ALA A 20 3.48 5.65 -0.25
CA ALA A 20 2.07 5.28 -0.31
C ALA A 20 1.64 5.00 -1.74
N GLY A 21 1.97 5.92 -2.64
CA GLY A 21 1.63 5.74 -4.04
C GLY A 21 2.27 4.51 -4.64
N GLN A 22 3.54 4.30 -4.33
CA GLN A 22 4.29 3.16 -4.87
C GLN A 22 3.66 1.83 -4.46
N ILE A 23 3.06 1.78 -3.28
CA ILE A 23 2.41 0.56 -2.81
C ILE A 23 1.18 0.27 -3.67
N LYS A 24 0.41 1.31 -3.96
CA LYS A 24 -0.77 1.18 -4.82
C LYS A 24 -0.34 0.79 -6.25
N SER A 25 0.75 1.38 -6.72
CA SER A 25 1.28 1.07 -8.04
C SER A 25 1.75 -0.38 -8.11
N ALA A 26 2.42 -0.83 -7.05
CA ALA A 26 2.95 -2.18 -6.98
C ALA A 26 1.86 -3.22 -7.18
N ILE A 27 0.77 -3.08 -6.44
CA ILE A 27 -0.34 -4.01 -6.51
C ILE A 27 -0.99 -4.00 -7.89
N GLU A 28 -1.21 -2.82 -8.43
CA GLU A 28 -1.83 -2.68 -9.75
C GLU A 28 -0.94 -3.28 -10.84
N SER A 29 0.36 -3.30 -10.60
CA SER A 29 1.31 -3.90 -11.55
C SER A 29 1.26 -5.43 -11.48
N LYS A 30 0.44 -5.96 -10.57
CA LYS A 30 0.32 -7.40 -10.43
C LYS A 30 -1.10 -7.86 -10.79
N PHE A 31 -1.92 -6.91 -11.22
CA PHE A 31 -3.29 -7.21 -11.63
C PHE A 31 -3.29 -7.71 -13.07
N TYR A 32 -4.05 -8.79 -13.33
CA TYR A 32 -4.10 -9.41 -14.66
C TYR A 32 -4.45 -8.38 -15.72
N ASP A 33 -5.61 -7.79 -15.56
CA ASP A 33 -5.92 -6.58 -16.28
C ASP A 33 -5.45 -5.44 -15.41
N ALA A 34 -5.04 -4.32 -16.00
CA ALA A 34 -4.46 -3.22 -15.22
C ALA A 34 -5.32 -2.94 -13.99
N SER A 35 -6.60 -2.73 -14.23
CA SER A 35 -7.55 -2.61 -13.13
C SER A 35 -8.01 -3.98 -12.63
N SER A 36 -8.32 -4.87 -13.58
CA SER A 36 -8.91 -6.18 -13.30
C SER A 36 -10.37 -6.06 -12.84
N TYR A 37 -10.64 -5.15 -11.93
CA TYR A 37 -11.99 -4.90 -11.45
C TYR A 37 -12.30 -3.41 -11.52
N ALA A 38 -13.49 -3.04 -11.04
CA ALA A 38 -13.91 -1.65 -10.99
C ALA A 38 -15.25 -1.53 -10.28
N GLY A 39 -15.52 -0.37 -9.72
CA GLY A 39 -16.79 -0.14 -9.04
C GLY A 39 -16.80 -0.70 -7.63
N LYS A 40 -15.63 -0.97 -7.09
CA LYS A 40 -15.51 -1.50 -5.73
C LYS A 40 -14.28 -0.92 -5.05
N THR A 41 -14.29 -0.94 -3.73
CA THR A 41 -13.15 -0.47 -2.95
C THR A 41 -12.66 -1.57 -2.02
N CYS A 42 -11.44 -1.45 -1.51
CA CYS A 42 -10.86 -2.46 -0.63
C CYS A 42 -9.95 -1.81 0.40
N THR A 43 -9.98 -2.33 1.62
CA THR A 43 -9.14 -1.82 2.71
C THR A 43 -8.35 -2.96 3.34
N LEU A 44 -7.06 -3.02 3.01
CA LEU A 44 -6.20 -4.07 3.54
C LEU A 44 -5.28 -3.53 4.63
N ARG A 45 -5.32 -4.17 5.78
CA ARG A 45 -4.40 -3.83 6.86
C ARG A 45 -3.02 -4.38 6.51
N ILE A 46 -2.02 -3.51 6.56
CA ILE A 46 -0.66 -3.91 6.22
C ILE A 46 0.30 -3.51 7.32
N LYS A 47 1.27 -4.36 7.58
CA LYS A 47 2.28 -4.09 8.58
C LYS A 47 3.65 -4.41 7.99
N LEU A 48 4.48 -3.39 7.84
CA LEU A 48 5.77 -3.54 7.16
C LEU A 48 6.81 -4.16 8.08
N ALA A 49 7.47 -5.19 7.58
CA ALA A 49 8.56 -5.84 8.30
C ALA A 49 9.88 -5.18 7.96
N PRO A 50 10.90 -5.33 8.82
CA PRO A 50 12.21 -4.67 8.64
C PRO A 50 12.91 -5.07 7.33
N ASP A 51 12.42 -6.11 6.69
CA ASP A 51 13.02 -6.57 5.44
C ASP A 51 12.25 -6.05 4.23
N GLY A 52 11.11 -5.42 4.48
CA GLY A 52 10.37 -4.77 3.41
C GLY A 52 9.06 -5.47 3.11
N MET A 53 8.92 -6.72 3.52
CA MET A 53 7.70 -7.47 3.24
C MET A 53 6.59 -7.09 4.23
N LEU A 54 5.37 -7.35 3.84
CA LEU A 54 4.23 -7.13 4.72
C LEU A 54 3.97 -8.37 5.56
N LEU A 55 4.31 -8.29 6.84
CA LEU A 55 4.14 -9.42 7.75
C LEU A 55 2.67 -9.62 8.06
N ASP A 56 1.93 -8.53 8.09
CA ASP A 56 0.50 -8.57 8.31
C ASP A 56 -0.23 -8.00 7.10
N ILE A 57 -1.14 -8.79 6.56
CA ILE A 57 -1.91 -8.37 5.40
C ILE A 57 -3.29 -9.01 5.45
N LYS A 58 -4.29 -8.20 5.76
CA LYS A 58 -5.63 -8.71 6.00
C LYS A 58 -6.68 -7.70 5.57
N PRO A 59 -7.64 -8.12 4.75
CA PRO A 59 -8.73 -7.25 4.27
C PRO A 59 -9.70 -6.90 5.39
N GLU A 60 -9.45 -5.77 6.03
CA GLU A 60 -10.29 -5.31 7.13
C GLU A 60 -11.67 -4.92 6.63
N GLY A 61 -11.69 -4.17 5.54
CA GLY A 61 -12.95 -3.80 4.91
C GLY A 61 -12.85 -3.82 3.40
N GLY A 62 -13.93 -3.46 2.73
CA GLY A 62 -13.93 -3.43 1.28
C GLY A 62 -14.62 -4.64 0.66
N ASP A 63 -14.61 -4.69 -0.66
CA ASP A 63 -15.22 -5.80 -1.39
C ASP A 63 -14.41 -7.07 -1.19
N PRO A 64 -15.05 -8.13 -0.68
CA PRO A 64 -14.37 -9.41 -0.42
C PRO A 64 -13.72 -9.99 -1.67
N ALA A 65 -14.43 -9.95 -2.80
CA ALA A 65 -13.90 -10.47 -4.05
C ALA A 65 -12.69 -9.67 -4.52
N LEU A 66 -12.75 -8.37 -4.33
CA LEU A 66 -11.65 -7.49 -4.70
C LEU A 66 -10.47 -7.67 -3.75
N CYS A 67 -10.77 -7.70 -2.46
CA CYS A 67 -9.74 -7.82 -1.44
C CYS A 67 -9.04 -9.18 -1.50
N GLN A 68 -9.80 -10.24 -1.77
CA GLN A 68 -9.21 -11.58 -1.87
C GLN A 68 -8.25 -11.65 -3.04
N ALA A 69 -8.60 -10.97 -4.13
CA ALA A 69 -7.74 -10.90 -5.30
C ALA A 69 -6.53 -10.02 -5.01
N ALA A 70 -6.76 -8.95 -4.25
CA ALA A 70 -5.69 -8.03 -3.86
C ALA A 70 -4.65 -8.73 -2.99
N LEU A 71 -5.08 -9.77 -2.27
CA LEU A 71 -4.17 -10.55 -1.44
C LEU A 71 -3.10 -11.21 -2.30
N ALA A 72 -3.54 -11.79 -3.42
CA ALA A 72 -2.62 -12.43 -4.36
C ALA A 72 -1.74 -11.39 -5.02
N ALA A 73 -2.33 -10.25 -5.37
CA ALA A 73 -1.59 -9.16 -6.00
C ALA A 73 -0.54 -8.60 -5.07
N ALA A 74 -0.90 -8.39 -3.80
CA ALA A 74 0.03 -7.87 -2.81
C ALA A 74 1.15 -8.87 -2.53
N LYS A 75 0.84 -10.15 -2.69
CA LYS A 75 1.83 -11.20 -2.53
C LYS A 75 2.77 -11.24 -3.73
N LEU A 76 2.28 -10.78 -4.87
CA LEU A 76 3.08 -10.72 -6.08
C LEU A 76 3.89 -9.44 -6.11
N ALA A 77 3.54 -8.51 -5.23
CA ALA A 77 4.24 -7.25 -5.12
C ALA A 77 5.44 -7.39 -4.17
N LYS A 78 6.48 -6.62 -4.42
CA LYS A 78 7.68 -6.67 -3.60
C LYS A 78 8.02 -5.29 -3.09
N ILE A 79 7.51 -4.95 -1.92
CA ILE A 79 7.78 -3.67 -1.30
C ILE A 79 9.24 -3.58 -0.93
N PRO A 80 9.93 -2.51 -1.36
CA PRO A 80 11.37 -2.35 -1.14
C PRO A 80 11.72 -2.17 0.33
N LYS A 81 12.94 -2.55 0.69
CA LYS A 81 13.42 -2.38 2.05
C LYS A 81 13.48 -0.89 2.40
N PRO A 82 12.77 -0.48 3.45
CA PRO A 82 12.62 0.92 3.85
C PRO A 82 13.92 1.73 3.75
N PRO A 83 13.91 2.77 2.89
CA PRO A 83 15.04 3.66 2.71
C PRO A 83 15.13 4.68 3.83
N SER A 84 14.26 5.68 3.77
CA SER A 84 14.16 6.68 4.82
C SER A 84 13.47 6.09 6.06
N GLN A 85 14.12 6.17 7.21
CA GLN A 85 13.58 5.58 8.43
C GLN A 85 12.27 6.26 8.83
N ALA A 86 12.12 7.52 8.44
CA ALA A 86 10.89 8.27 8.69
C ALA A 86 9.71 7.65 7.96
N VAL A 87 10.00 6.96 6.86
CA VAL A 87 8.97 6.28 6.09
C VAL A 87 8.53 5.00 6.77
N TYR A 88 9.46 4.35 7.49
CA TYR A 88 9.15 3.11 8.17
C TYR A 88 8.40 3.36 9.47
N GLU A 89 8.77 4.43 10.18
CA GLU A 89 8.11 4.75 11.44
C GLU A 89 6.66 5.17 11.21
N VAL A 90 6.34 5.55 9.98
CA VAL A 90 4.97 5.89 9.62
C VAL A 90 4.22 4.67 9.09
N PHE A 91 4.83 3.97 8.15
CA PHE A 91 4.20 2.81 7.52
C PHE A 91 4.45 1.52 8.30
N LYS A 92 4.69 1.65 9.59
CA LYS A 92 4.90 0.48 10.43
C LYS A 92 3.58 -0.24 10.67
N ASN A 93 2.49 0.54 10.69
CA ASN A 93 1.17 -0.01 10.89
C ASN A 93 0.13 0.88 10.20
N ALA A 94 0.49 1.37 9.03
CA ALA A 94 -0.42 2.19 8.24
C ALA A 94 -1.00 1.38 7.10
N PRO A 95 -2.27 0.96 7.23
CA PRO A 95 -2.92 0.07 6.26
C PRO A 95 -3.24 0.80 4.95
N LEU A 96 -3.34 0.03 3.87
CA LEU A 96 -3.49 0.60 2.54
C LEU A 96 -4.94 0.60 2.07
N ASP A 97 -5.37 1.74 1.55
CA ASP A 97 -6.66 1.85 0.90
C ASP A 97 -6.49 1.59 -0.59
N PHE A 98 -7.17 0.58 -1.09
CA PHE A 98 -6.96 0.15 -2.46
C PHE A 98 -8.23 0.31 -3.29
N LYS A 99 -8.03 0.71 -4.54
CA LYS A 99 -9.09 0.80 -5.50
C LYS A 99 -8.53 0.42 -6.88
N PRO A 100 -9.33 -0.27 -7.70
CA PRO A 100 -8.90 -0.71 -9.03
C PRO A 100 -8.35 0.44 -9.86
N HIS A 101 -7.04 0.46 -10.04
CA HIS A 101 -6.37 1.57 -10.68
C HIS A 101 -6.71 1.66 -12.16
N HIS A 102 -7.69 2.50 -12.45
CA HIS A 102 -8.13 2.74 -13.82
C HIS A 102 -8.79 4.10 -13.89
N ALA A 1 4.06 5.20 -18.26
CA ALA A 1 3.64 6.62 -18.11
C ALA A 1 4.83 7.56 -18.31
N GLU A 2 4.54 8.81 -18.66
CA GLU A 2 5.57 9.82 -18.88
C GLU A 2 5.86 10.59 -17.60
N PHE A 3 4.84 10.68 -16.73
CA PHE A 3 4.95 11.38 -15.45
C PHE A 3 5.14 12.88 -15.62
N GLY A 4 4.74 13.38 -16.78
CA GLY A 4 4.82 14.81 -17.08
C GLY A 4 6.14 15.44 -16.66
N ASN A 5 6.07 16.26 -15.62
CA ASN A 5 7.26 16.85 -15.03
C ASN A 5 7.52 16.22 -13.66
N THR A 6 8.47 15.31 -13.62
CA THR A 6 8.81 14.62 -12.39
C THR A 6 10.03 15.24 -11.73
N LYS A 7 10.59 16.24 -12.41
CA LYS A 7 11.72 16.99 -11.88
C LYS A 7 11.21 18.01 -10.87
N ASN A 8 11.71 17.92 -9.64
CA ASN A 8 11.25 18.74 -8.52
C ASN A 8 9.91 18.24 -8.03
N ASN A 9 9.95 17.50 -6.94
CA ASN A 9 8.76 16.90 -6.35
C ASN A 9 8.79 17.04 -4.84
N GLY A 10 9.57 18.01 -4.38
CA GLY A 10 9.71 18.24 -2.95
C GLY A 10 8.56 19.03 -2.37
N ALA A 11 7.35 18.50 -2.52
CA ALA A 11 6.16 19.13 -2.00
C ALA A 11 5.54 18.29 -0.91
N SER A 12 5.34 18.90 0.26
CA SER A 12 4.77 18.24 1.43
C SER A 12 5.53 16.96 1.80
N GLY A 13 5.05 15.81 1.33
CA GLY A 13 5.69 14.55 1.63
C GLY A 13 5.54 13.56 0.49
N ALA A 14 6.03 13.93 -0.68
CA ALA A 14 5.92 13.10 -1.87
C ALA A 14 6.81 11.87 -1.77
N ASP A 15 7.70 11.84 -0.78
CA ASP A 15 8.56 10.70 -0.54
C ASP A 15 7.75 9.58 0.12
N ILE A 16 6.88 9.96 1.06
CA ILE A 16 5.98 9.01 1.71
C ILE A 16 4.89 8.58 0.73
N ASN A 17 4.41 9.55 -0.05
CA ASN A 17 3.39 9.30 -1.06
C ASN A 17 3.94 8.39 -2.17
N ASN A 18 5.24 8.52 -2.44
CA ASN A 18 5.89 7.69 -3.45
C ASN A 18 5.83 6.23 -3.04
N TYR A 19 6.09 5.96 -1.76
CA TYR A 19 6.02 4.60 -1.24
C TYR A 19 4.60 4.06 -1.35
N ALA A 20 3.62 4.85 -0.91
CA ALA A 20 2.22 4.47 -0.96
C ALA A 20 1.78 4.14 -2.38
N GLY A 21 2.16 5.00 -3.32
CA GLY A 21 1.84 4.80 -4.71
C GLY A 21 2.53 3.58 -5.30
N GLN A 22 3.76 3.34 -4.86
CA GLN A 22 4.54 2.23 -5.38
C GLN A 22 3.95 0.89 -4.98
N ILE A 23 3.44 0.79 -3.76
CA ILE A 23 2.81 -0.45 -3.31
C ILE A 23 1.57 -0.76 -4.15
N LYS A 24 0.78 0.27 -4.43
CA LYS A 24 -0.41 0.13 -5.28
C LYS A 24 -0.01 -0.29 -6.69
N SER A 25 1.07 0.29 -7.19
CA SER A 25 1.58 -0.04 -8.52
C SER A 25 2.16 -1.45 -8.55
N ALA A 26 2.78 -1.85 -7.44
CA ALA A 26 3.36 -3.19 -7.32
C ALA A 26 2.30 -4.26 -7.48
N ILE A 27 1.13 -4.01 -6.89
CA ILE A 27 0.02 -4.93 -6.97
C ILE A 27 -0.50 -5.04 -8.40
N GLU A 28 -0.51 -3.90 -9.09
CA GLU A 28 -0.91 -3.86 -10.50
C GLU A 28 0.17 -4.47 -11.39
N SER A 29 1.39 -4.54 -10.88
CA SER A 29 2.49 -5.16 -11.60
C SER A 29 2.36 -6.69 -11.58
N LYS A 30 1.41 -7.17 -10.81
CA LYS A 30 1.14 -8.60 -10.74
C LYS A 30 -0.24 -8.90 -11.31
N PHE A 31 -1.13 -7.91 -11.24
CA PHE A 31 -2.44 -8.00 -11.84
C PHE A 31 -2.64 -6.84 -12.80
N TYR A 32 -2.18 -7.03 -14.04
CA TYR A 32 -2.19 -5.98 -15.08
C TYR A 32 -3.55 -5.27 -15.19
N ASP A 33 -3.68 -4.18 -14.43
CA ASP A 33 -4.93 -3.40 -14.32
C ASP A 33 -6.11 -4.28 -13.97
N ALA A 34 -5.79 -5.44 -13.47
CA ALA A 34 -6.75 -6.46 -13.10
C ALA A 34 -7.36 -6.19 -11.72
N SER A 35 -6.48 -6.07 -10.73
CA SER A 35 -6.92 -5.83 -9.36
C SER A 35 -7.48 -4.42 -9.24
N SER A 36 -6.97 -3.54 -10.09
CA SER A 36 -7.42 -2.17 -10.15
C SER A 36 -8.72 -2.06 -10.93
N TYR A 37 -9.83 -2.33 -10.26
CA TYR A 37 -11.14 -2.29 -10.89
C TYR A 37 -11.66 -0.84 -10.95
N ALA A 38 -12.79 -0.58 -10.28
CA ALA A 38 -13.34 0.77 -10.23
C ALA A 38 -14.51 0.83 -9.26
N GLY A 39 -14.68 1.98 -8.62
CA GLY A 39 -15.79 2.19 -7.71
C GLY A 39 -15.54 1.62 -6.32
N LYS A 40 -15.17 0.35 -6.28
CA LYS A 40 -14.99 -0.35 -5.01
C LYS A 40 -13.65 -0.02 -4.36
N THR A 41 -13.61 -0.09 -3.04
CA THR A 41 -12.39 0.12 -2.28
C THR A 41 -12.21 -1.01 -1.25
N CYS A 42 -10.96 -1.28 -0.88
CA CYS A 42 -10.66 -2.35 0.06
C CYS A 42 -9.58 -1.92 1.03
N THR A 43 -9.92 -1.88 2.31
CA THR A 43 -8.95 -1.54 3.33
C THR A 43 -8.16 -2.78 3.76
N LEU A 44 -6.93 -2.86 3.31
CA LEU A 44 -6.09 -4.00 3.64
C LEU A 44 -5.24 -3.70 4.87
N ARG A 45 -5.51 -4.41 5.95
CA ARG A 45 -4.74 -4.27 7.18
C ARG A 45 -3.38 -4.92 6.99
N ILE A 46 -2.40 -4.11 6.65
CA ILE A 46 -1.07 -4.62 6.31
C ILE A 46 -0.02 -4.10 7.28
N LYS A 47 0.55 -5.01 8.06
CA LYS A 47 1.65 -4.68 8.93
C LYS A 47 2.96 -5.07 8.24
N LEU A 48 3.75 -4.08 7.87
CA LEU A 48 4.96 -4.33 7.10
C LEU A 48 6.17 -4.45 8.01
N ALA A 49 6.88 -5.56 7.89
CA ALA A 49 8.10 -5.79 8.65
C ALA A 49 9.20 -4.87 8.13
N PRO A 50 10.19 -4.51 8.97
CA PRO A 50 11.26 -3.58 8.61
C PRO A 50 12.09 -4.05 7.41
N ASP A 51 12.04 -5.33 7.10
CA ASP A 51 12.78 -5.88 5.96
C ASP A 51 12.01 -5.71 4.66
N GLY A 52 10.79 -5.19 4.76
CA GLY A 52 10.01 -4.89 3.58
C GLY A 52 9.14 -6.07 3.16
N MET A 53 8.49 -6.69 4.13
CA MET A 53 7.58 -7.80 3.84
C MET A 53 6.34 -7.68 4.71
N LEU A 54 5.19 -8.02 4.15
CA LEU A 54 3.94 -7.94 4.89
C LEU A 54 3.78 -9.17 5.78
N LEU A 55 4.15 -9.03 7.05
CA LEU A 55 4.07 -10.15 7.98
C LEU A 55 2.61 -10.42 8.35
N ASP A 56 1.84 -9.35 8.43
CA ASP A 56 0.41 -9.47 8.70
C ASP A 56 -0.39 -8.72 7.64
N ILE A 57 -0.96 -9.48 6.72
CA ILE A 57 -1.73 -8.90 5.63
C ILE A 57 -3.10 -9.57 5.54
N LYS A 58 -4.13 -8.81 5.88
CA LYS A 58 -5.50 -9.32 5.88
C LYS A 58 -6.50 -8.19 5.65
N PRO A 59 -7.57 -8.45 4.89
CA PRO A 59 -8.59 -7.43 4.61
C PRO A 59 -9.32 -7.01 5.87
N GLU A 60 -9.33 -5.70 6.13
CA GLU A 60 -10.02 -5.15 7.28
C GLU A 60 -11.49 -4.96 6.95
N GLY A 61 -11.75 -4.23 5.88
CA GLY A 61 -13.10 -4.01 5.42
C GLY A 61 -13.11 -3.54 3.99
N GLY A 62 -14.13 -3.96 3.23
CA GLY A 62 -14.20 -3.59 1.84
C GLY A 62 -15.04 -4.56 1.03
N ASP A 63 -14.49 -5.00 -0.08
CA ASP A 63 -15.20 -5.90 -0.98
C ASP A 63 -14.39 -7.17 -1.21
N PRO A 64 -14.96 -8.34 -0.88
CA PRO A 64 -14.29 -9.63 -1.00
C PRO A 64 -13.58 -9.83 -2.34
N ALA A 65 -14.26 -9.48 -3.42
CA ALA A 65 -13.70 -9.66 -4.77
C ALA A 65 -12.42 -8.85 -4.95
N LEU A 66 -12.49 -7.56 -4.66
CA LEU A 66 -11.35 -6.67 -4.80
C LEU A 66 -10.24 -7.04 -3.83
N CYS A 67 -10.61 -7.34 -2.60
CA CYS A 67 -9.66 -7.68 -1.56
C CYS A 67 -8.91 -8.97 -1.89
N GLN A 68 -9.62 -9.98 -2.40
CA GLN A 68 -8.99 -11.25 -2.75
C GLN A 68 -8.02 -11.06 -3.92
N ALA A 69 -8.41 -10.23 -4.88
CA ALA A 69 -7.56 -9.91 -6.02
C ALA A 69 -6.27 -9.23 -5.55
N ALA A 70 -6.42 -8.35 -4.56
CA ALA A 70 -5.28 -7.67 -3.97
C ALA A 70 -4.41 -8.66 -3.20
N LEU A 71 -5.04 -9.52 -2.40
CA LEU A 71 -4.33 -10.51 -1.60
C LEU A 71 -3.44 -11.37 -2.47
N ALA A 72 -4.00 -11.84 -3.59
CA ALA A 72 -3.28 -12.72 -4.49
C ALA A 72 -2.10 -12.01 -5.17
N ALA A 73 -2.28 -10.75 -5.51
CA ALA A 73 -1.26 -9.99 -6.22
C ALA A 73 -0.20 -9.42 -5.26
N ALA A 74 -0.65 -8.92 -4.12
CA ALA A 74 0.24 -8.24 -3.18
C ALA A 74 1.34 -9.16 -2.66
N LYS A 75 1.03 -10.44 -2.53
CA LYS A 75 2.00 -11.41 -2.03
C LYS A 75 3.10 -11.68 -3.07
N LEU A 76 2.80 -11.40 -4.34
CA LEU A 76 3.77 -11.58 -5.41
C LEU A 76 4.56 -10.29 -5.62
N ALA A 77 3.94 -9.18 -5.25
CA ALA A 77 4.51 -7.87 -5.50
C ALA A 77 5.80 -7.66 -4.73
N LYS A 78 6.77 -7.05 -5.38
CA LYS A 78 8.06 -6.77 -4.77
C LYS A 78 8.11 -5.32 -4.28
N ILE A 79 7.52 -5.08 -3.12
CA ILE A 79 7.47 -3.76 -2.53
C ILE A 79 8.86 -3.34 -2.03
N PRO A 80 9.33 -2.17 -2.48
CA PRO A 80 10.65 -1.65 -2.11
C PRO A 80 10.73 -1.29 -0.63
N LYS A 81 11.90 -0.86 -0.19
CA LYS A 81 12.11 -0.48 1.19
C LYS A 81 11.78 1.00 1.38
N PRO A 82 11.19 1.35 2.53
CA PRO A 82 10.81 2.73 2.86
C PRO A 82 11.95 3.72 2.60
N PRO A 83 11.73 4.67 1.68
CA PRO A 83 12.77 5.62 1.25
C PRO A 83 13.25 6.54 2.38
N SER A 84 12.37 6.82 3.33
CA SER A 84 12.70 7.73 4.42
C SER A 84 12.30 7.14 5.76
N GLN A 85 12.91 7.66 6.83
CA GLN A 85 12.61 7.23 8.20
C GLN A 85 11.16 7.52 8.57
N ALA A 86 10.64 8.63 8.05
CA ALA A 86 9.25 9.02 8.31
C ALA A 86 8.29 7.95 7.80
N VAL A 87 8.62 7.36 6.66
CA VAL A 87 7.81 6.29 6.08
C VAL A 87 7.99 4.99 6.84
N TYR A 88 9.16 4.84 7.47
CA TYR A 88 9.46 3.67 8.28
C TYR A 88 8.49 3.54 9.44
N GLU A 89 8.12 4.69 10.03
CA GLU A 89 7.18 4.71 11.14
C GLU A 89 5.77 4.41 10.65
N VAL A 90 5.46 4.88 9.45
CA VAL A 90 4.13 4.71 8.88
C VAL A 90 3.86 3.25 8.50
N PHE A 91 4.74 2.67 7.69
CA PHE A 91 4.52 1.32 7.17
C PHE A 91 4.67 0.23 8.25
N LYS A 92 4.77 0.64 9.50
CA LYS A 92 4.85 -0.30 10.60
C LYS A 92 3.50 -0.93 10.88
N ASN A 93 2.42 -0.23 10.54
CA ASN A 93 1.06 -0.72 10.81
C ASN A 93 0.01 0.18 10.20
N ALA A 94 0.30 0.75 9.04
CA ALA A 94 -0.65 1.57 8.32
C ALA A 94 -1.28 0.80 7.16
N PRO A 95 -2.57 0.50 7.25
CA PRO A 95 -3.29 -0.27 6.23
C PRO A 95 -3.51 0.53 4.95
N LEU A 96 -3.44 -0.14 3.82
CA LEU A 96 -3.53 0.53 2.53
C LEU A 96 -4.96 0.60 2.03
N ASP A 97 -5.30 1.72 1.39
CA ASP A 97 -6.58 1.86 0.74
C ASP A 97 -6.51 1.27 -0.67
N PHE A 98 -6.96 0.03 -0.81
CA PHE A 98 -6.87 -0.64 -2.09
C PHE A 98 -7.98 -0.18 -3.01
N LYS A 99 -7.60 0.60 -3.99
CA LYS A 99 -8.50 1.11 -4.99
C LYS A 99 -7.72 1.29 -6.27
N PRO A 100 -8.36 1.14 -7.45
CA PRO A 100 -7.73 1.26 -8.76
C PRO A 100 -6.59 2.28 -8.77
N HIS A 101 -5.40 1.79 -9.10
CA HIS A 101 -4.15 2.53 -8.91
C HIS A 101 -4.24 3.99 -9.38
N HIS A 102 -3.65 4.86 -8.57
CA HIS A 102 -3.69 6.32 -8.73
C HIS A 102 -4.94 6.88 -8.05
N ALA A 1 -17.42 5.22 -2.16
CA ALA A 1 -17.09 4.60 -3.45
C ALA A 1 -17.28 5.59 -4.59
N GLU A 2 -16.46 5.43 -5.64
CA GLU A 2 -16.53 6.27 -6.83
C GLU A 2 -16.21 7.74 -6.52
N PHE A 3 -14.95 8.10 -6.69
CA PHE A 3 -14.52 9.48 -6.48
C PHE A 3 -13.38 9.82 -7.45
N GLY A 4 -12.80 10.99 -7.29
CA GLY A 4 -11.71 11.40 -8.15
C GLY A 4 -10.36 11.10 -7.53
N ASN A 5 -10.37 10.39 -6.41
CA ASN A 5 -9.15 10.03 -5.68
C ASN A 5 -8.47 11.28 -5.12
N THR A 6 -9.24 12.34 -4.96
CA THR A 6 -8.73 13.60 -4.43
C THR A 6 -8.71 13.57 -2.89
N LYS A 7 -8.09 12.53 -2.34
CA LYS A 7 -7.98 12.38 -0.90
C LYS A 7 -6.61 12.87 -0.43
N ASN A 8 -6.31 14.12 -0.74
CA ASN A 8 -5.02 14.70 -0.41
C ASN A 8 -5.20 16.12 0.11
N ASN A 9 -4.35 16.50 1.06
CA ASN A 9 -4.40 17.84 1.62
C ASN A 9 -3.06 18.17 2.29
N GLY A 10 -2.66 19.44 2.18
CA GLY A 10 -1.40 19.85 2.76
C GLY A 10 -0.26 19.77 1.77
N ALA A 11 0.94 20.06 2.25
CA ALA A 11 2.14 19.98 1.43
C ALA A 11 2.94 18.74 1.80
N SER A 12 3.07 18.50 3.08
CA SER A 12 3.67 17.28 3.58
C SER A 12 2.62 16.16 3.55
N GLY A 13 3.06 14.95 3.27
CA GLY A 13 2.12 13.86 3.09
C GLY A 13 2.15 13.35 1.66
N ALA A 14 2.64 14.20 0.76
CA ALA A 14 2.84 13.79 -0.62
C ALA A 14 4.01 12.81 -0.70
N ASP A 15 4.88 12.88 0.31
CA ASP A 15 5.99 11.95 0.45
C ASP A 15 5.43 10.55 0.74
N ILE A 16 4.49 10.50 1.68
CA ILE A 16 3.84 9.24 2.02
C ILE A 16 3.05 8.70 0.84
N ASN A 17 2.34 9.61 0.16
CA ASN A 17 1.57 9.24 -1.03
C ASN A 17 2.47 8.69 -2.11
N ASN A 18 3.69 9.19 -2.18
CA ASN A 18 4.67 8.73 -3.16
C ASN A 18 5.22 7.36 -2.78
N TYR A 19 5.62 7.22 -1.51
CA TYR A 19 6.21 5.99 -1.03
C TYR A 19 5.20 4.85 -1.02
N ALA A 20 3.97 5.17 -0.65
CA ALA A 20 2.87 4.21 -0.76
C ALA A 20 2.56 3.96 -2.23
N GLY A 21 2.84 4.97 -3.04
CA GLY A 21 2.67 4.86 -4.48
C GLY A 21 3.65 3.88 -5.09
N GLN A 22 4.81 3.74 -4.45
CA GLN A 22 5.82 2.78 -4.90
C GLN A 22 5.27 1.36 -4.79
N ILE A 23 4.43 1.15 -3.78
CA ILE A 23 3.76 -0.14 -3.61
C ILE A 23 2.62 -0.26 -4.60
N LYS A 24 1.88 0.83 -4.75
CA LYS A 24 0.75 0.88 -5.67
C LYS A 24 1.18 0.58 -7.10
N SER A 25 2.17 1.32 -7.58
CA SER A 25 2.67 1.14 -8.95
C SER A 25 3.18 -0.29 -9.16
N ALA A 26 3.74 -0.88 -8.12
CA ALA A 26 4.20 -2.26 -8.18
C ALA A 26 3.00 -3.19 -8.41
N ILE A 27 1.98 -3.01 -7.60
CA ILE A 27 0.76 -3.80 -7.70
C ILE A 27 -0.01 -3.47 -8.99
N GLU A 28 0.08 -2.22 -9.43
CA GLU A 28 -0.59 -1.79 -10.64
C GLU A 28 -0.01 -2.50 -11.87
N SER A 29 1.21 -3.00 -11.74
CA SER A 29 1.86 -3.76 -12.81
C SER A 29 1.84 -5.26 -12.52
N LYS A 30 1.03 -5.66 -11.55
CA LYS A 30 0.87 -7.06 -11.17
C LYS A 30 -0.54 -7.27 -10.68
N PHE A 31 -1.43 -6.51 -11.30
CA PHE A 31 -2.77 -6.36 -10.82
C PHE A 31 -3.59 -7.63 -10.99
N TYR A 32 -3.27 -8.42 -12.02
CA TYR A 32 -4.11 -9.54 -12.46
C TYR A 32 -5.36 -8.98 -13.11
N ASP A 33 -6.25 -8.41 -12.29
CA ASP A 33 -7.36 -7.62 -12.78
C ASP A 33 -7.73 -6.55 -11.77
N ALA A 34 -6.75 -6.19 -10.95
CA ALA A 34 -6.95 -5.20 -9.90
C ALA A 34 -7.04 -3.80 -10.48
N SER A 35 -6.36 -3.59 -11.61
CA SER A 35 -6.34 -2.28 -12.23
C SER A 35 -7.63 -2.02 -12.98
N SER A 36 -8.36 -3.08 -13.25
CA SER A 36 -9.60 -2.98 -14.00
C SER A 36 -10.81 -3.22 -13.11
N TYR A 37 -11.01 -4.49 -12.73
CA TYR A 37 -12.11 -4.94 -11.88
C TYR A 37 -13.42 -4.18 -12.18
N ALA A 38 -13.82 -3.29 -11.27
CA ALA A 38 -15.04 -2.51 -11.46
C ALA A 38 -15.00 -1.19 -10.70
N GLY A 39 -15.93 -0.99 -9.77
CA GLY A 39 -16.00 0.27 -9.06
C GLY A 39 -16.09 0.08 -7.56
N LYS A 40 -15.40 -0.93 -7.06
CA LYS A 40 -15.40 -1.24 -5.63
C LYS A 40 -14.30 -0.46 -4.92
N THR A 41 -14.23 -0.60 -3.61
CA THR A 41 -13.19 0.05 -2.82
C THR A 41 -12.93 -0.73 -1.53
N CYS A 42 -11.71 -1.26 -1.41
CA CYS A 42 -11.33 -2.06 -0.27
C CYS A 42 -10.12 -1.43 0.43
N THR A 43 -9.69 -2.03 1.51
CA THR A 43 -8.56 -1.52 2.28
C THR A 43 -7.82 -2.68 2.93
N LEU A 44 -6.53 -2.79 2.63
CA LEU A 44 -5.71 -3.86 3.18
C LEU A 44 -5.00 -3.38 4.44
N ARG A 45 -5.35 -3.96 5.58
CA ARG A 45 -4.67 -3.65 6.84
C ARG A 45 -3.36 -4.41 6.87
N ILE A 46 -2.32 -3.78 6.36
CA ILE A 46 -1.03 -4.42 6.21
C ILE A 46 -0.06 -3.98 7.30
N LYS A 47 0.64 -4.94 7.85
CA LYS A 47 1.64 -4.67 8.87
C LYS A 47 3.02 -5.01 8.33
N LEU A 48 3.74 -3.98 7.90
CA LEU A 48 5.03 -4.18 7.26
C LEU A 48 6.16 -4.26 8.28
N ALA A 49 6.92 -5.33 8.19
CA ALA A 49 8.07 -5.54 9.06
C ALA A 49 9.25 -4.67 8.60
N PRO A 50 10.30 -4.54 9.43
CA PRO A 50 11.45 -3.66 9.15
C PRO A 50 12.07 -3.91 7.77
N ASP A 51 12.14 -5.17 7.35
CA ASP A 51 12.75 -5.51 6.07
C ASP A 51 11.85 -5.13 4.89
N GLY A 52 10.61 -4.77 5.20
CA GLY A 52 9.69 -4.35 4.15
C GLY A 52 8.78 -5.48 3.72
N MET A 53 8.78 -6.55 4.49
CA MET A 53 7.93 -7.69 4.20
C MET A 53 6.67 -7.65 5.06
N LEU A 54 5.56 -8.12 4.51
CA LEU A 54 4.31 -8.11 5.24
C LEU A 54 4.27 -9.23 6.27
N LEU A 55 4.35 -8.88 7.54
CA LEU A 55 4.28 -9.87 8.61
C LEU A 55 2.84 -10.19 8.94
N ASP A 56 1.96 -9.27 8.57
CA ASP A 56 0.53 -9.43 8.78
C ASP A 56 -0.22 -8.70 7.68
N ILE A 57 -1.23 -9.34 7.14
CA ILE A 57 -1.99 -8.77 6.03
C ILE A 57 -3.41 -9.35 6.01
N LYS A 58 -4.36 -8.48 6.28
CA LYS A 58 -5.76 -8.89 6.36
C LYS A 58 -6.67 -7.73 5.98
N PRO A 59 -7.66 -7.98 5.11
CA PRO A 59 -8.60 -6.95 4.64
C PRO A 59 -9.30 -6.25 5.80
N GLU A 60 -9.20 -4.94 5.84
CA GLU A 60 -9.83 -4.15 6.89
C GLU A 60 -11.32 -4.02 6.61
N GLY A 61 -11.66 -3.56 5.42
CA GLY A 61 -13.05 -3.43 5.03
C GLY A 61 -13.19 -3.02 3.58
N GLY A 62 -14.29 -3.42 2.97
CA GLY A 62 -14.53 -3.07 1.58
C GLY A 62 -15.35 -4.11 0.85
N ASP A 63 -14.68 -4.94 0.06
CA ASP A 63 -15.35 -5.96 -0.74
C ASP A 63 -14.52 -7.24 -0.75
N PRO A 64 -15.15 -8.39 -0.45
CA PRO A 64 -14.46 -9.69 -0.38
C PRO A 64 -13.73 -10.06 -1.67
N ALA A 65 -14.35 -9.78 -2.81
CA ALA A 65 -13.75 -10.12 -4.10
C ALA A 65 -12.61 -9.17 -4.44
N LEU A 66 -12.79 -7.90 -4.10
CA LEU A 66 -11.76 -6.90 -4.34
C LEU A 66 -10.54 -7.17 -3.48
N CYS A 67 -10.77 -7.36 -2.19
CA CYS A 67 -9.68 -7.59 -1.26
C CYS A 67 -9.01 -8.95 -1.48
N GLN A 68 -9.72 -9.87 -2.12
CA GLN A 68 -9.15 -11.18 -2.46
C GLN A 68 -8.08 -11.01 -3.51
N ALA A 69 -8.42 -10.31 -4.59
CA ALA A 69 -7.47 -10.03 -5.66
C ALA A 69 -6.33 -9.16 -5.14
N ALA A 70 -6.65 -8.31 -4.17
CA ALA A 70 -5.68 -7.45 -3.53
C ALA A 70 -4.53 -8.26 -2.92
N LEU A 71 -4.87 -9.34 -2.23
CA LEU A 71 -3.87 -10.19 -1.59
C LEU A 71 -2.98 -10.85 -2.64
N ALA A 72 -3.58 -11.28 -3.74
CA ALA A 72 -2.84 -11.92 -4.82
C ALA A 72 -1.90 -10.94 -5.51
N ALA A 73 -2.41 -9.75 -5.79
CA ALA A 73 -1.63 -8.72 -6.45
C ALA A 73 -0.47 -8.26 -5.58
N ALA A 74 -0.75 -8.08 -4.30
CA ALA A 74 0.28 -7.66 -3.34
C ALA A 74 1.35 -8.74 -3.19
N LYS A 75 0.96 -9.98 -3.45
CA LYS A 75 1.87 -11.11 -3.38
C LYS A 75 2.76 -11.16 -4.61
N LEU A 76 2.24 -10.66 -5.72
CA LEU A 76 2.97 -10.67 -6.98
C LEU A 76 3.87 -9.45 -7.11
N ALA A 77 3.57 -8.42 -6.34
CA ALA A 77 4.36 -7.19 -6.35
C ALA A 77 5.45 -7.25 -5.29
N LYS A 78 6.56 -6.59 -5.55
CA LYS A 78 7.66 -6.58 -4.61
C LYS A 78 7.76 -5.24 -3.88
N ILE A 79 7.96 -5.31 -2.57
CA ILE A 79 8.08 -4.13 -1.75
C ILE A 79 9.52 -4.00 -1.26
N PRO A 80 10.14 -2.81 -1.40
CA PRO A 80 11.52 -2.62 -1.03
C PRO A 80 11.68 -2.30 0.46
N LYS A 81 12.90 -2.41 0.95
CA LYS A 81 13.19 -2.11 2.34
C LYS A 81 13.10 -0.60 2.58
N PRO A 82 12.31 -0.18 3.58
CA PRO A 82 12.11 1.23 3.88
C PRO A 82 13.42 1.97 4.10
N PRO A 83 13.72 2.97 3.26
CA PRO A 83 15.00 3.67 3.28
C PRO A 83 15.18 4.56 4.51
N SER A 84 14.32 5.56 4.63
CA SER A 84 14.39 6.49 5.74
C SER A 84 13.67 5.93 6.97
N GLN A 85 14.26 6.12 8.14
CA GLN A 85 13.68 5.62 9.39
C GLN A 85 12.31 6.23 9.65
N ALA A 86 12.12 7.45 9.20
CA ALA A 86 10.84 8.14 9.33
C ALA A 86 9.74 7.36 8.61
N VAL A 87 9.97 7.04 7.34
CA VAL A 87 9.01 6.26 6.55
C VAL A 87 8.94 4.83 7.07
N TYR A 88 10.09 4.32 7.50
CA TYR A 88 10.20 2.96 8.02
C TYR A 88 9.24 2.75 9.19
N GLU A 89 9.17 3.74 10.08
CA GLU A 89 8.29 3.67 11.25
C GLU A 89 6.85 3.94 10.86
N VAL A 90 6.65 4.81 9.89
CA VAL A 90 5.30 5.11 9.40
C VAL A 90 4.70 3.88 8.74
N PHE A 91 5.51 3.19 7.95
CA PHE A 91 5.08 1.97 7.28
C PHE A 91 5.22 0.77 8.21
N LYS A 92 4.84 0.94 9.47
CA LYS A 92 4.84 -0.16 10.41
C LYS A 92 3.42 -0.66 10.62
N ASN A 93 2.46 0.21 10.34
CA ASN A 93 1.05 -0.14 10.42
C ASN A 93 0.25 0.86 9.57
N ALA A 94 0.56 0.88 8.29
CA ALA A 94 -0.06 1.82 7.38
C ALA A 94 -0.78 1.07 6.26
N PRO A 95 -2.10 0.86 6.43
CA PRO A 95 -2.91 0.11 5.47
C PRO A 95 -3.15 0.93 4.20
N LEU A 96 -3.06 0.27 3.05
CA LEU A 96 -3.21 0.96 1.77
C LEU A 96 -4.63 0.84 1.25
N ASP A 97 -5.02 1.81 0.44
CA ASP A 97 -6.29 1.78 -0.26
C ASP A 97 -6.21 0.81 -1.42
N PHE A 98 -7.20 -0.05 -1.56
CA PHE A 98 -7.20 -1.02 -2.64
C PHE A 98 -8.54 -1.03 -3.37
N LYS A 99 -8.54 -0.40 -4.53
CA LYS A 99 -9.71 -0.37 -5.39
C LYS A 99 -9.25 -0.53 -6.82
N PRO A 100 -10.17 -0.78 -7.78
CA PRO A 100 -9.85 -0.87 -9.22
C PRO A 100 -8.93 0.27 -9.63
N HIS A 101 -7.68 -0.10 -9.86
CA HIS A 101 -6.58 0.86 -9.91
C HIS A 101 -6.72 1.88 -11.03
N HIS A 102 -6.55 3.14 -10.66
CA HIS A 102 -6.58 4.26 -11.61
C HIS A 102 -7.94 4.38 -12.28
N ALA A 1 -16.54 31.22 11.04
CA ALA A 1 -15.19 30.77 11.42
C ALA A 1 -14.84 29.47 10.71
N GLU A 2 -13.93 29.56 9.75
CA GLU A 2 -13.51 28.39 8.99
C GLU A 2 -11.99 28.25 9.01
N PHE A 3 -11.34 28.99 8.11
CA PHE A 3 -9.87 28.99 8.00
C PHE A 3 -9.33 27.61 7.63
N GLY A 4 -10.23 26.74 7.16
CA GLY A 4 -9.83 25.41 6.74
C GLY A 4 -9.38 24.52 7.89
N ASN A 5 -9.51 25.04 9.11
CA ASN A 5 -9.08 24.34 10.34
C ASN A 5 -7.55 24.30 10.45
N THR A 6 -6.88 23.93 9.37
CA THR A 6 -5.43 23.81 9.37
C THR A 6 -4.77 25.11 8.91
N LYS A 7 -5.61 26.10 8.58
CA LYS A 7 -5.17 27.40 8.09
C LYS A 7 -4.61 27.30 6.67
N ASN A 8 -3.52 26.56 6.52
CA ASN A 8 -2.92 26.31 5.22
C ASN A 8 -2.15 24.99 5.25
N ASN A 9 -1.27 24.86 6.26
CA ASN A 9 -0.50 23.64 6.50
C ASN A 9 0.51 23.36 5.39
N GLY A 10 0.02 23.04 4.20
CA GLY A 10 0.88 22.71 3.10
C GLY A 10 1.64 21.42 3.35
N ALA A 11 0.90 20.33 3.44
CA ALA A 11 1.49 19.05 3.76
C ALA A 11 1.34 18.05 2.62
N SER A 12 2.42 17.81 1.90
CA SER A 12 2.41 16.85 0.81
C SER A 12 2.91 15.50 1.31
N GLY A 13 3.66 15.53 2.41
CA GLY A 13 4.18 14.32 3.01
C GLY A 13 5.20 13.65 2.12
N ALA A 14 6.17 14.44 1.63
CA ALA A 14 7.23 13.92 0.76
C ALA A 14 8.21 13.06 1.55
N ASP A 15 7.72 11.93 1.99
CA ASP A 15 8.48 11.00 2.82
C ASP A 15 7.74 9.68 2.86
N ILE A 16 6.44 9.77 3.14
CA ILE A 16 5.56 8.62 3.13
C ILE A 16 5.00 8.36 1.74
N ASN A 17 4.65 9.44 1.04
CA ASN A 17 4.03 9.33 -0.28
C ASN A 17 4.93 8.62 -1.28
N ASN A 18 6.25 8.69 -1.06
CA ASN A 18 7.20 8.05 -1.94
C ASN A 18 7.05 6.53 -1.88
N TYR A 19 7.07 5.99 -0.66
CA TYR A 19 6.90 4.56 -0.46
C TYR A 19 5.50 4.12 -0.90
N ALA A 20 4.51 4.97 -0.63
CA ALA A 20 3.12 4.66 -0.98
C ALA A 20 2.94 4.56 -2.49
N GLY A 21 3.61 5.45 -3.21
CA GLY A 21 3.52 5.47 -4.66
C GLY A 21 4.06 4.20 -5.29
N GLN A 22 5.08 3.63 -4.67
CA GLN A 22 5.71 2.43 -5.19
C GLN A 22 4.76 1.23 -5.12
N ILE A 23 3.99 1.15 -4.03
CA ILE A 23 3.03 0.07 -3.85
C ILE A 23 1.96 0.09 -4.94
N LYS A 24 1.58 1.30 -5.34
CA LYS A 24 0.54 1.47 -6.35
C LYS A 24 0.90 0.77 -7.66
N SER A 25 2.11 1.01 -8.14
CA SER A 25 2.56 0.42 -9.39
C SER A 25 2.96 -1.05 -9.20
N ALA A 26 3.48 -1.38 -8.03
CA ALA A 26 3.89 -2.74 -7.72
C ALA A 26 2.72 -3.71 -7.86
N ILE A 27 1.60 -3.35 -7.26
CA ILE A 27 0.42 -4.19 -7.29
C ILE A 27 -0.25 -4.14 -8.67
N GLU A 28 -0.12 -3.00 -9.34
CA GLU A 28 -0.68 -2.81 -10.67
C GLU A 28 -0.07 -3.76 -11.69
N SER A 29 1.18 -4.15 -11.49
CA SER A 29 1.84 -5.07 -12.41
C SER A 29 1.39 -6.51 -12.17
N LYS A 30 0.66 -6.71 -11.07
CA LYS A 30 0.18 -8.03 -10.71
C LYS A 30 -1.32 -8.01 -10.42
N PHE A 31 -2.06 -7.20 -11.17
CA PHE A 31 -3.49 -7.07 -10.97
C PHE A 31 -4.23 -8.33 -11.45
N TYR A 32 -4.97 -8.94 -10.55
CA TYR A 32 -5.82 -10.06 -10.88
C TYR A 32 -7.02 -9.53 -11.64
N ASP A 33 -7.92 -8.95 -10.87
CA ASP A 33 -8.99 -8.14 -11.41
C ASP A 33 -8.96 -6.83 -10.64
N ALA A 34 -7.78 -6.51 -10.14
CA ALA A 34 -7.57 -5.37 -9.26
C ALA A 34 -7.72 -4.07 -10.01
N SER A 35 -6.95 -3.90 -11.07
CA SER A 35 -7.03 -2.70 -11.89
C SER A 35 -8.35 -2.66 -12.65
N SER A 36 -9.01 -3.82 -12.73
CA SER A 36 -10.19 -4.01 -13.55
C SER A 36 -11.50 -3.87 -12.75
N TYR A 37 -11.38 -3.85 -11.43
CA TYR A 37 -12.57 -3.84 -10.56
C TYR A 37 -13.13 -2.44 -10.39
N ALA A 38 -13.21 -1.67 -11.48
CA ALA A 38 -13.63 -0.27 -11.42
C ALA A 38 -15.11 -0.12 -11.04
N GLY A 39 -15.41 -0.49 -9.81
CA GLY A 39 -16.76 -0.37 -9.29
C GLY A 39 -16.80 -0.67 -7.81
N LYS A 40 -15.63 -0.95 -7.24
CA LYS A 40 -15.53 -1.31 -5.84
C LYS A 40 -14.32 -0.64 -5.18
N THR A 41 -14.33 -0.62 -3.86
CA THR A 41 -13.21 -0.12 -3.09
C THR A 41 -12.73 -1.20 -2.12
N CYS A 42 -11.51 -1.08 -1.59
CA CYS A 42 -10.97 -2.12 -0.73
C CYS A 42 -9.86 -1.59 0.17
N THR A 43 -10.17 -1.45 1.45
CA THR A 43 -9.17 -1.10 2.44
C THR A 43 -8.50 -2.36 2.97
N LEU A 44 -7.18 -2.35 3.09
CA LEU A 44 -6.45 -3.51 3.57
C LEU A 44 -5.54 -3.13 4.73
N ARG A 45 -5.67 -3.85 5.82
CA ARG A 45 -4.83 -3.66 6.98
C ARG A 45 -3.50 -4.37 6.77
N ILE A 46 -2.49 -3.63 6.34
CA ILE A 46 -1.20 -4.21 6.01
C ILE A 46 -0.15 -3.92 7.08
N LYS A 47 0.77 -4.84 7.22
CA LYS A 47 1.87 -4.69 8.17
C LYS A 47 3.19 -4.92 7.43
N LEU A 48 3.96 -3.87 7.23
CA LEU A 48 5.20 -3.99 6.47
C LEU A 48 6.41 -4.22 7.39
N ALA A 49 7.39 -4.92 6.87
CA ALA A 49 8.62 -5.21 7.59
C ALA A 49 9.80 -4.46 6.98
N PRO A 50 10.91 -4.29 7.72
CA PRO A 50 12.11 -3.57 7.24
C PRO A 50 12.72 -4.21 5.99
N ASP A 51 12.36 -5.46 5.71
CA ASP A 51 12.89 -6.16 4.54
C ASP A 51 12.07 -5.85 3.30
N GLY A 52 11.06 -5.01 3.46
CA GLY A 52 10.23 -4.59 2.33
C GLY A 52 9.21 -5.63 1.94
N MET A 53 8.76 -6.42 2.91
CA MET A 53 7.75 -7.42 2.66
C MET A 53 6.67 -7.33 3.74
N LEU A 54 5.43 -7.56 3.36
CA LEU A 54 4.32 -7.48 4.29
C LEU A 54 4.09 -8.83 4.95
N LEU A 55 4.35 -8.91 6.24
CA LEU A 55 4.18 -10.15 6.99
C LEU A 55 2.71 -10.43 7.22
N ASP A 56 1.93 -9.35 7.34
CA ASP A 56 0.50 -9.46 7.55
C ASP A 56 -0.24 -8.52 6.61
N ILE A 57 -1.34 -8.99 6.06
CA ILE A 57 -2.17 -8.19 5.17
C ILE A 57 -3.60 -8.72 5.18
N LYS A 58 -4.49 -7.97 5.82
CA LYS A 58 -5.84 -8.43 6.05
C LYS A 58 -6.86 -7.45 5.49
N PRO A 59 -7.87 -7.94 4.77
CA PRO A 59 -8.94 -7.10 4.23
C PRO A 59 -9.70 -6.39 5.34
N GLU A 60 -9.78 -5.07 5.23
CA GLU A 60 -10.48 -4.27 6.22
C GLU A 60 -11.94 -4.17 5.84
N GLY A 61 -12.19 -3.46 4.76
CA GLY A 61 -13.53 -3.33 4.25
C GLY A 61 -13.53 -3.11 2.75
N GLY A 62 -14.38 -3.85 2.04
CA GLY A 62 -14.44 -3.72 0.61
C GLY A 62 -14.95 -4.99 -0.05
N ASP A 63 -14.65 -5.14 -1.34
CA ASP A 63 -15.07 -6.32 -2.09
C ASP A 63 -14.18 -7.51 -1.78
N PRO A 64 -14.78 -8.64 -1.37
CA PRO A 64 -14.04 -9.85 -1.03
C PRO A 64 -13.09 -10.31 -2.14
N ALA A 65 -13.53 -10.15 -3.38
CA ALA A 65 -12.72 -10.55 -4.53
C ALA A 65 -11.59 -9.57 -4.79
N LEU A 66 -11.91 -8.27 -4.73
CA LEU A 66 -10.91 -7.23 -4.94
C LEU A 66 -9.86 -7.26 -3.83
N CYS A 67 -10.33 -7.34 -2.59
CA CYS A 67 -9.44 -7.34 -1.44
C CYS A 67 -8.52 -8.54 -1.45
N GLN A 68 -9.08 -9.72 -1.74
CA GLN A 68 -8.28 -10.94 -1.83
C GLN A 68 -7.21 -10.83 -2.91
N ALA A 69 -7.60 -10.25 -4.05
CA ALA A 69 -6.69 -10.07 -5.16
C ALA A 69 -5.56 -9.10 -4.78
N ALA A 70 -5.87 -8.15 -3.92
CA ALA A 70 -4.90 -7.16 -3.48
C ALA A 70 -3.83 -7.81 -2.61
N LEU A 71 -4.24 -8.65 -1.66
CA LEU A 71 -3.29 -9.34 -0.79
C LEU A 71 -2.37 -10.24 -1.59
N ALA A 72 -2.95 -10.95 -2.57
CA ALA A 72 -2.19 -11.85 -3.43
C ALA A 72 -1.17 -11.07 -4.25
N ALA A 73 -1.60 -9.97 -4.84
CA ALA A 73 -0.73 -9.14 -5.66
C ALA A 73 0.38 -8.50 -4.84
N ALA A 74 0.03 -8.00 -3.66
CA ALA A 74 1.00 -7.34 -2.79
C ALA A 74 2.07 -8.32 -2.31
N LYS A 75 1.67 -9.58 -2.13
CA LYS A 75 2.60 -10.62 -1.71
C LYS A 75 3.48 -11.06 -2.88
N LEU A 76 2.95 -10.90 -4.09
CA LEU A 76 3.66 -11.27 -5.30
C LEU A 76 4.66 -10.17 -5.68
N ALA A 77 4.29 -8.93 -5.40
CA ALA A 77 5.12 -7.79 -5.72
C ALA A 77 6.21 -7.58 -4.66
N LYS A 78 7.17 -6.74 -4.98
CA LYS A 78 8.25 -6.44 -4.04
C LYS A 78 8.19 -4.97 -3.65
N ILE A 79 7.93 -4.72 -2.38
CA ILE A 79 7.87 -3.37 -1.86
C ILE A 79 9.26 -2.91 -1.44
N PRO A 80 9.72 -1.77 -1.96
CA PRO A 80 11.04 -1.23 -1.64
C PRO A 80 11.22 -1.03 -0.14
N LYS A 81 12.27 -1.62 0.39
CA LYS A 81 12.56 -1.57 1.81
C LYS A 81 12.66 -0.11 2.28
N PRO A 82 12.23 0.16 3.52
CA PRO A 82 12.15 1.50 4.11
C PRO A 82 13.26 2.46 3.67
N PRO A 83 12.97 3.34 2.71
CA PRO A 83 13.92 4.34 2.24
C PRO A 83 14.01 5.53 3.19
N SER A 84 12.87 5.89 3.75
CA SER A 84 12.77 6.96 4.72
C SER A 84 12.71 6.36 6.13
N GLN A 85 13.28 7.07 7.10
CA GLN A 85 13.31 6.60 8.48
C GLN A 85 11.95 6.79 9.16
N ALA A 86 11.32 7.92 8.88
CA ALA A 86 10.02 8.24 9.48
C ALA A 86 8.93 7.34 8.92
N VAL A 87 9.12 6.88 7.69
CA VAL A 87 8.13 6.04 7.03
C VAL A 87 8.07 4.65 7.65
N TYR A 88 9.15 4.22 8.30
CA TYR A 88 9.18 2.92 8.96
C TYR A 88 8.19 2.90 10.13
N GLU A 89 8.04 4.04 10.78
CA GLU A 89 7.11 4.16 11.89
C GLU A 89 5.67 4.20 11.39
N VAL A 90 5.51 4.51 10.10
CA VAL A 90 4.19 4.63 9.51
C VAL A 90 3.64 3.29 9.04
N PHE A 91 4.41 2.57 8.22
CA PHE A 91 3.90 1.34 7.61
C PHE A 91 3.98 0.14 8.54
N LYS A 92 4.29 0.39 9.81
CA LYS A 92 4.28 -0.68 10.81
C LYS A 92 2.86 -1.25 10.93
N ASN A 93 1.91 -0.38 10.67
CA ASN A 93 0.51 -0.76 10.55
C ASN A 93 -0.23 0.32 9.78
N ALA A 94 0.02 0.38 8.48
CA ALA A 94 -0.55 1.43 7.64
C ALA A 94 -1.55 0.85 6.65
N PRO A 95 -2.80 0.66 7.06
CA PRO A 95 -3.83 0.04 6.25
C PRO A 95 -4.31 0.98 5.15
N LEU A 96 -3.98 0.63 3.92
CA LEU A 96 -4.28 1.47 2.77
C LEU A 96 -5.56 1.02 2.09
N ASP A 97 -6.25 1.95 1.46
CA ASP A 97 -7.46 1.64 0.71
C ASP A 97 -7.14 1.65 -0.79
N PHE A 98 -6.98 0.46 -1.35
CA PHE A 98 -6.59 0.33 -2.74
C PHE A 98 -7.81 0.36 -3.66
N LYS A 99 -7.71 1.12 -4.73
CA LYS A 99 -8.77 1.21 -5.72
C LYS A 99 -8.21 0.92 -7.10
N PRO A 100 -9.01 0.26 -7.95
CA PRO A 100 -8.64 -0.11 -9.33
C PRO A 100 -7.98 1.06 -10.07
N HIS A 101 -6.66 1.02 -10.13
CA HIS A 101 -5.88 2.15 -10.55
C HIS A 101 -6.13 2.57 -12.00
N HIS A 102 -6.26 3.87 -12.15
CA HIS A 102 -6.29 4.50 -13.46
C HIS A 102 -5.49 5.79 -13.36
N ALA A 1 -6.75 27.09 20.87
CA ALA A 1 -5.81 26.48 19.91
C ALA A 1 -6.54 25.61 18.90
N GLU A 2 -6.26 25.82 17.62
CA GLU A 2 -6.88 25.05 16.55
C GLU A 2 -5.86 24.81 15.44
N PHE A 3 -5.24 23.64 15.46
CA PHE A 3 -4.18 23.32 14.51
C PHE A 3 -4.71 22.45 13.37
N GLY A 4 -5.24 23.09 12.34
CA GLY A 4 -5.66 22.38 11.16
C GLY A 4 -4.51 22.20 10.20
N ASN A 5 -3.63 21.26 10.51
CA ASN A 5 -2.41 21.04 9.74
C ASN A 5 -2.72 20.70 8.29
N THR A 6 -2.30 21.57 7.38
CA THR A 6 -2.57 21.38 5.96
C THR A 6 -1.74 20.23 5.39
N LYS A 7 -0.43 20.29 5.63
CA LYS A 7 0.46 19.23 5.18
C LYS A 7 0.75 18.28 6.33
N ASN A 8 1.05 17.03 6.00
CA ASN A 8 1.44 16.06 7.01
C ASN A 8 2.94 16.14 7.24
N ASN A 9 3.33 16.22 8.50
CA ASN A 9 4.74 16.44 8.84
C ASN A 9 5.52 15.13 8.84
N GLY A 10 5.76 14.59 10.03
CA GLY A 10 6.58 13.40 10.15
C GLY A 10 8.06 13.73 10.06
N ALA A 11 8.48 14.10 8.85
CA ALA A 11 9.86 14.53 8.61
C ALA A 11 9.97 15.17 7.23
N SER A 12 10.43 14.39 6.26
CA SER A 12 10.57 14.87 4.89
C SER A 12 9.24 14.80 4.16
N GLY A 13 8.45 13.78 4.49
CA GLY A 13 7.14 13.63 3.88
C GLY A 13 7.21 13.00 2.50
N ALA A 14 7.90 13.66 1.58
CA ALA A 14 8.01 13.23 0.20
C ALA A 14 8.39 11.75 0.07
N ASP A 15 9.48 11.36 0.73
CA ASP A 15 9.99 9.99 0.64
C ASP A 15 8.93 8.98 1.06
N ILE A 16 8.23 9.29 2.14
CA ILE A 16 7.21 8.38 2.67
C ILE A 16 5.96 8.40 1.80
N ASN A 17 5.56 9.59 1.37
CA ASN A 17 4.37 9.74 0.53
C ASN A 17 4.56 9.03 -0.81
N ASN A 18 5.78 9.09 -1.32
CA ASN A 18 6.12 8.43 -2.58
C ASN A 18 6.13 6.91 -2.38
N TYR A 19 6.61 6.47 -1.23
CA TYR A 19 6.62 5.06 -0.88
C TYR A 19 5.20 4.50 -0.82
N ALA A 20 4.29 5.27 -0.23
CA ALA A 20 2.90 4.86 -0.11
C ALA A 20 2.23 4.78 -1.48
N GLY A 21 2.59 5.70 -2.36
CA GLY A 21 2.02 5.72 -3.69
C GLY A 21 2.56 4.62 -4.59
N GLN A 22 3.84 4.27 -4.39
CA GLN A 22 4.49 3.27 -5.23
C GLN A 22 3.83 1.90 -5.08
N ILE A 23 3.24 1.65 -3.91
CA ILE A 23 2.56 0.38 -3.69
C ILE A 23 1.26 0.32 -4.49
N LYS A 24 0.61 1.47 -4.63
CA LYS A 24 -0.63 1.57 -5.40
C LYS A 24 -0.40 1.16 -6.84
N SER A 25 0.65 1.69 -7.44
CA SER A 25 1.00 1.38 -8.81
C SER A 25 1.50 -0.06 -8.92
N ALA A 26 2.22 -0.52 -7.89
CA ALA A 26 2.76 -1.86 -7.87
C ALA A 26 1.65 -2.91 -8.00
N ILE A 27 0.59 -2.75 -7.23
CA ILE A 27 -0.53 -3.68 -7.28
C ILE A 27 -1.22 -3.65 -8.64
N GLU A 28 -1.30 -2.46 -9.23
CA GLU A 28 -1.88 -2.31 -10.57
C GLU A 28 -1.05 -3.05 -11.61
N SER A 29 0.27 -2.99 -11.46
CA SER A 29 1.18 -3.66 -12.38
C SER A 29 1.16 -5.18 -12.19
N LYS A 30 0.52 -5.62 -11.12
CA LYS A 30 0.46 -7.04 -10.81
C LYS A 30 -0.95 -7.59 -11.02
N PHE A 31 -1.90 -6.69 -11.26
CA PHE A 31 -3.27 -7.08 -11.55
C PHE A 31 -3.32 -7.82 -12.89
N TYR A 32 -4.01 -8.96 -12.92
CA TYR A 32 -4.06 -9.81 -14.11
C TYR A 32 -4.61 -9.02 -15.29
N ASP A 33 -5.80 -8.50 -15.10
CA ASP A 33 -6.31 -7.47 -15.99
C ASP A 33 -5.91 -6.14 -15.39
N ALA A 34 -5.72 -5.10 -16.21
CA ALA A 34 -5.18 -3.84 -15.72
C ALA A 34 -5.87 -3.39 -14.44
N SER A 35 -7.18 -3.21 -14.53
CA SER A 35 -7.97 -2.99 -13.34
C SER A 35 -8.35 -4.30 -12.67
N SER A 36 -8.65 -5.30 -13.52
CA SER A 36 -9.18 -6.59 -13.09
C SER A 36 -10.65 -6.48 -12.69
N TYR A 37 -10.97 -5.47 -11.89
CA TYR A 37 -12.34 -5.22 -11.48
C TYR A 37 -12.62 -3.72 -11.51
N ALA A 38 -13.72 -3.29 -10.89
CA ALA A 38 -14.03 -1.87 -10.76
C ALA A 38 -15.24 -1.65 -9.87
N GLY A 39 -15.49 -0.41 -9.50
CA GLY A 39 -16.65 -0.07 -8.69
C GLY A 39 -16.61 -0.71 -7.32
N LYS A 40 -15.42 -0.82 -6.75
CA LYS A 40 -15.26 -1.47 -5.45
C LYS A 40 -14.17 -0.77 -4.63
N THR A 41 -14.32 -0.83 -3.32
CA THR A 41 -13.34 -0.30 -2.39
C THR A 41 -12.94 -1.37 -1.38
N CYS A 42 -11.66 -1.61 -1.23
CA CYS A 42 -11.19 -2.69 -0.39
C CYS A 42 -10.02 -2.24 0.50
N THR A 43 -10.31 -2.04 1.78
CA THR A 43 -9.31 -1.59 2.74
C THR A 43 -8.59 -2.78 3.38
N LEU A 44 -7.29 -2.85 3.17
CA LEU A 44 -6.47 -3.89 3.78
C LEU A 44 -5.58 -3.29 4.86
N ARG A 45 -5.64 -3.88 6.04
CA ARG A 45 -4.75 -3.48 7.13
C ARG A 45 -3.40 -4.15 6.93
N ILE A 46 -2.40 -3.34 6.64
CA ILE A 46 -1.07 -3.86 6.36
C ILE A 46 -0.05 -3.28 7.34
N LYS A 47 0.84 -4.14 7.81
CA LYS A 47 1.85 -3.77 8.78
C LYS A 47 3.22 -4.09 8.23
N LEU A 48 4.00 -3.07 7.92
CA LEU A 48 5.28 -3.26 7.26
C LEU A 48 6.42 -3.32 8.27
N ALA A 49 7.39 -4.16 7.98
CA ALA A 49 8.59 -4.30 8.81
C ALA A 49 9.75 -3.60 8.12
N PRO A 50 10.88 -3.36 8.83
CA PRO A 50 12.07 -2.74 8.24
C PRO A 50 12.68 -3.61 7.13
N ASP A 51 12.20 -4.85 7.07
CA ASP A 51 12.63 -5.78 6.03
C ASP A 51 11.77 -5.60 4.77
N GLY A 52 10.68 -4.86 4.92
CA GLY A 52 9.82 -4.58 3.78
C GLY A 52 8.67 -5.54 3.68
N MET A 53 8.78 -6.66 4.38
CA MET A 53 7.73 -7.67 4.38
C MET A 53 6.55 -7.23 5.23
N LEU A 54 5.36 -7.67 4.84
CA LEU A 54 4.15 -7.37 5.57
C LEU A 54 3.92 -8.43 6.64
N LEU A 55 4.17 -8.08 7.89
CA LEU A 55 3.96 -9.00 9.00
C LEU A 55 2.48 -9.26 9.19
N ASP A 56 1.69 -8.25 8.85
CA ASP A 56 0.24 -8.36 8.90
C ASP A 56 -0.36 -7.77 7.64
N ILE A 57 -1.26 -8.50 7.01
CA ILE A 57 -1.92 -8.03 5.80
C ILE A 57 -3.25 -8.75 5.63
N LYS A 58 -4.33 -8.03 5.89
CA LYS A 58 -5.64 -8.64 5.85
C LYS A 58 -6.72 -7.59 5.56
N PRO A 59 -7.78 -7.99 4.87
CA PRO A 59 -8.88 -7.09 4.52
C PRO A 59 -9.74 -6.75 5.73
N GLU A 60 -9.97 -5.46 5.94
CA GLU A 60 -10.82 -5.02 7.03
C GLU A 60 -12.23 -4.74 6.52
N GLY A 61 -12.37 -3.67 5.74
CA GLY A 61 -13.64 -3.36 5.13
C GLY A 61 -13.54 -3.31 3.62
N GLY A 62 -14.40 -4.06 2.95
CA GLY A 62 -14.37 -4.09 1.51
C GLY A 62 -15.15 -5.25 0.92
N ASP A 63 -14.58 -5.88 -0.10
CA ASP A 63 -15.21 -7.01 -0.76
C ASP A 63 -14.29 -8.23 -0.72
N PRO A 64 -14.81 -9.38 -0.29
CA PRO A 64 -14.02 -10.61 -0.13
C PRO A 64 -13.29 -11.04 -1.42
N ALA A 65 -13.89 -10.80 -2.57
CA ALA A 65 -13.28 -11.17 -3.83
C ALA A 65 -12.27 -10.12 -4.27
N LEU A 66 -12.66 -8.85 -4.13
CA LEU A 66 -11.78 -7.74 -4.47
C LEU A 66 -10.49 -7.79 -3.68
N CYS A 67 -10.65 -7.91 -2.37
CA CYS A 67 -9.51 -7.93 -1.46
C CYS A 67 -8.64 -9.14 -1.72
N GLN A 68 -9.25 -10.27 -2.05
CA GLN A 68 -8.49 -11.48 -2.37
C GLN A 68 -7.64 -11.27 -3.61
N ALA A 69 -8.22 -10.64 -4.63
CA ALA A 69 -7.48 -10.32 -5.84
C ALA A 69 -6.34 -9.37 -5.53
N ALA A 70 -6.62 -8.39 -4.67
CA ALA A 70 -5.61 -7.44 -4.23
C ALA A 70 -4.50 -8.14 -3.45
N LEU A 71 -4.87 -9.11 -2.62
CA LEU A 71 -3.90 -9.87 -1.83
C LEU A 71 -2.88 -10.54 -2.72
N ALA A 72 -3.36 -11.23 -3.75
CA ALA A 72 -2.50 -11.95 -4.68
C ALA A 72 -1.54 -11.00 -5.38
N ALA A 73 -2.06 -9.85 -5.78
CA ALA A 73 -1.26 -8.84 -6.48
C ALA A 73 -0.26 -8.18 -5.53
N ALA A 74 -0.70 -7.89 -4.31
CA ALA A 74 0.15 -7.24 -3.31
C ALA A 74 1.32 -8.13 -2.91
N LYS A 75 1.08 -9.44 -2.91
CA LYS A 75 2.11 -10.41 -2.58
C LYS A 75 3.19 -10.43 -3.65
N LEU A 76 2.82 -10.03 -4.86
CA LEU A 76 3.75 -9.99 -5.97
C LEU A 76 4.20 -8.56 -6.25
N ALA A 77 3.76 -7.63 -5.42
CA ALA A 77 4.07 -6.23 -5.59
C ALA A 77 5.52 -5.93 -5.22
N LYS A 78 6.12 -4.98 -5.93
CA LYS A 78 7.51 -4.62 -5.70
C LYS A 78 7.63 -3.63 -4.55
N ILE A 79 7.71 -4.15 -3.33
CA ILE A 79 7.87 -3.31 -2.15
C ILE A 79 9.30 -3.42 -1.63
N PRO A 80 10.08 -2.33 -1.79
CA PRO A 80 11.50 -2.33 -1.45
C PRO A 80 11.75 -2.32 0.05
N LYS A 81 12.96 -2.73 0.43
CA LYS A 81 13.38 -2.70 1.83
C LYS A 81 13.55 -1.25 2.28
N PRO A 82 12.76 -0.81 3.26
CA PRO A 82 12.75 0.59 3.72
C PRO A 82 14.07 1.00 4.36
N PRO A 83 14.83 1.87 3.67
CA PRO A 83 16.10 2.37 4.19
C PRO A 83 15.90 3.54 5.15
N SER A 84 14.98 4.42 4.80
CA SER A 84 14.64 5.57 5.63
C SER A 84 13.81 5.12 6.83
N GLN A 85 14.33 5.38 8.02
CA GLN A 85 13.66 4.96 9.24
C GLN A 85 12.33 5.67 9.43
N ALA A 86 12.25 6.91 8.93
CA ALA A 86 11.00 7.67 8.98
C ALA A 86 9.92 6.96 8.17
N VAL A 87 10.32 6.33 7.08
CA VAL A 87 9.41 5.57 6.24
C VAL A 87 8.95 4.31 6.96
N TYR A 88 9.89 3.57 7.52
CA TYR A 88 9.60 2.34 8.23
C TYR A 88 8.70 2.60 9.44
N GLU A 89 8.91 3.72 10.12
CA GLU A 89 8.14 4.06 11.31
C GLU A 89 6.71 4.45 10.96
N VAL A 90 6.54 5.08 9.80
CA VAL A 90 5.20 5.48 9.35
C VAL A 90 4.43 4.25 8.86
N PHE A 91 5.14 3.35 8.19
CA PHE A 91 4.54 2.14 7.66
C PHE A 91 4.38 1.08 8.76
N LYS A 92 4.53 1.50 10.01
CA LYS A 92 4.31 0.62 11.14
C LYS A 92 2.82 0.31 11.29
N ASN A 93 2.00 1.19 10.74
CA ASN A 93 0.55 0.99 10.68
C ASN A 93 -0.03 1.91 9.62
N ALA A 94 0.12 1.51 8.38
CA ALA A 94 -0.36 2.30 7.25
C ALA A 94 -1.19 1.43 6.32
N PRO A 95 -2.46 1.20 6.66
CA PRO A 95 -3.35 0.33 5.89
C PRO A 95 -3.78 0.99 4.58
N LEU A 96 -3.85 0.19 3.53
CA LEU A 96 -4.19 0.70 2.22
C LEU A 96 -5.66 0.50 1.90
N ASP A 97 -6.31 1.57 1.48
CA ASP A 97 -7.68 1.48 0.99
C ASP A 97 -7.63 1.44 -0.52
N PHE A 98 -7.66 0.23 -1.05
CA PHE A 98 -7.40 0.04 -2.46
C PHE A 98 -8.66 -0.22 -3.26
N LYS A 99 -8.70 0.38 -4.43
CA LYS A 99 -9.73 0.11 -5.41
C LYS A 99 -9.05 -0.42 -6.66
N PRO A 100 -9.73 -1.28 -7.44
CA PRO A 100 -9.16 -1.83 -8.67
C PRO A 100 -8.75 -0.73 -9.63
N HIS A 101 -7.45 -0.48 -9.69
CA HIS A 101 -6.91 0.72 -10.31
C HIS A 101 -7.40 0.92 -11.74
N HIS A 102 -8.20 1.97 -11.89
CA HIS A 102 -8.67 2.42 -13.18
C HIS A 102 -9.50 3.68 -12.99
N ALA A 1 17.66 16.65 22.11
CA ALA A 1 16.64 16.40 21.07
C ALA A 1 17.25 15.61 19.92
N GLU A 2 16.43 14.79 19.27
CA GLU A 2 16.88 14.00 18.14
C GLU A 2 17.11 14.90 16.93
N PHE A 3 18.36 15.21 16.67
CA PHE A 3 18.72 16.08 15.57
C PHE A 3 18.92 15.29 14.29
N GLY A 4 19.81 14.29 14.35
CA GLY A 4 20.13 13.50 13.18
C GLY A 4 20.77 14.33 12.09
N ASN A 5 19.96 14.76 11.14
CA ASN A 5 20.40 15.68 10.11
C ASN A 5 19.23 16.51 9.62
N THR A 6 19.04 16.55 8.30
CA THR A 6 17.89 17.22 7.68
C THR A 6 17.78 18.68 8.14
N LYS A 7 16.92 18.93 9.14
CA LYS A 7 16.65 20.28 9.65
C LYS A 7 15.80 21.09 8.68
N ASN A 8 16.30 21.25 7.47
CA ASN A 8 15.53 21.87 6.41
C ASN A 8 14.76 20.80 5.64
N ASN A 9 14.10 21.20 4.56
CA ASN A 9 13.35 20.26 3.72
C ASN A 9 12.29 19.52 4.54
N GLY A 10 11.48 20.29 5.26
CA GLY A 10 10.45 19.70 6.09
C GLY A 10 9.14 19.51 5.37
N ALA A 11 8.99 18.37 4.72
CA ALA A 11 7.77 18.06 3.98
C ALA A 11 7.05 16.86 4.59
N SER A 12 5.82 17.08 5.02
CA SER A 12 5.01 16.01 5.60
C SER A 12 4.36 15.19 4.49
N GLY A 13 5.18 14.40 3.81
CA GLY A 13 4.70 13.60 2.71
C GLY A 13 5.84 12.99 1.93
N ALA A 14 7.00 13.62 2.03
CA ALA A 14 8.21 13.14 1.35
C ALA A 14 8.50 11.69 1.73
N ASP A 15 8.81 10.89 0.71
CA ASP A 15 9.08 9.45 0.87
C ASP A 15 7.81 8.66 1.14
N ILE A 16 7.00 9.12 2.09
CA ILE A 16 5.75 8.47 2.45
C ILE A 16 4.82 8.39 1.24
N ASN A 17 4.69 9.50 0.53
CA ASN A 17 3.86 9.56 -0.67
C ASN A 17 4.38 8.60 -1.73
N ASN A 18 5.70 8.49 -1.82
CA ASN A 18 6.34 7.62 -2.79
C ASN A 18 6.12 6.15 -2.42
N TYR A 19 6.34 5.83 -1.15
CA TYR A 19 6.16 4.48 -0.65
C TYR A 19 4.73 3.99 -0.87
N ALA A 20 3.77 4.83 -0.48
CA ALA A 20 2.37 4.49 -0.64
C ALA A 20 1.99 4.35 -2.11
N GLY A 21 2.63 5.14 -2.95
CA GLY A 21 2.36 5.08 -4.38
C GLY A 21 2.98 3.86 -5.03
N GLN A 22 4.26 3.64 -4.75
CA GLN A 22 5.02 2.55 -5.34
C GLN A 22 4.38 1.20 -5.07
N ILE A 23 3.85 1.03 -3.87
CA ILE A 23 3.17 -0.21 -3.49
C ILE A 23 2.02 -0.51 -4.44
N LYS A 24 1.25 0.53 -4.75
CA LYS A 24 0.12 0.41 -5.66
C LYS A 24 0.59 0.06 -7.07
N SER A 25 1.59 0.79 -7.55
CA SER A 25 2.15 0.54 -8.88
C SER A 25 2.67 -0.88 -9.01
N ALA A 26 3.29 -1.39 -7.96
CA ALA A 26 3.82 -2.74 -7.94
C ALA A 26 2.68 -3.76 -7.99
N ILE A 27 1.67 -3.51 -7.16
CA ILE A 27 0.52 -4.40 -7.06
C ILE A 27 -0.26 -4.46 -8.38
N GLU A 28 -0.57 -3.29 -8.92
CA GLU A 28 -1.37 -3.19 -10.14
C GLU A 28 -0.65 -3.81 -11.34
N SER A 29 0.66 -3.94 -11.25
CA SER A 29 1.44 -4.58 -12.31
C SER A 29 1.11 -6.08 -12.40
N LYS A 30 0.42 -6.59 -11.40
CA LYS A 30 0.02 -8.00 -11.36
C LYS A 30 -1.50 -8.11 -11.47
N PHE A 31 -2.14 -6.99 -11.78
CA PHE A 31 -3.58 -6.93 -11.91
C PHE A 31 -3.98 -6.65 -13.35
N TYR A 32 -5.08 -7.25 -13.80
CA TYR A 32 -5.58 -7.00 -15.14
C TYR A 32 -6.94 -6.31 -15.07
N ASP A 33 -7.96 -7.10 -14.75
CA ASP A 33 -9.31 -6.56 -14.62
C ASP A 33 -9.62 -6.25 -13.18
N ALA A 34 -8.64 -6.50 -12.37
CA ALA A 34 -8.70 -6.18 -10.94
C ALA A 34 -8.44 -4.70 -10.74
N SER A 35 -7.55 -4.14 -11.56
CA SER A 35 -7.26 -2.72 -11.51
C SER A 35 -8.39 -1.94 -12.18
N SER A 36 -9.18 -2.65 -12.96
CA SER A 36 -10.35 -2.06 -13.60
C SER A 36 -11.61 -2.37 -12.79
N TYR A 37 -11.51 -2.18 -11.48
CA TYR A 37 -12.60 -2.47 -10.57
C TYR A 37 -12.74 -1.33 -9.55
N ALA A 38 -12.53 -0.11 -10.04
CA ALA A 38 -12.51 1.08 -9.18
C ALA A 38 -13.84 1.31 -8.47
N GLY A 39 -14.89 0.64 -8.92
CA GLY A 39 -16.19 0.78 -8.30
C GLY A 39 -16.23 0.11 -6.94
N LYS A 40 -15.27 -0.76 -6.68
CA LYS A 40 -15.17 -1.44 -5.41
C LYS A 40 -13.89 -1.03 -4.69
N THR A 41 -13.97 -0.97 -3.37
CA THR A 41 -12.81 -0.61 -2.56
C THR A 41 -12.05 -1.86 -2.13
N CYS A 42 -10.85 -1.67 -1.59
CA CYS A 42 -10.03 -2.78 -1.14
C CYS A 42 -9.11 -2.34 0.00
N THR A 43 -9.69 -1.83 1.07
CA THR A 43 -8.92 -1.42 2.23
C THR A 43 -8.34 -2.64 2.93
N LEU A 44 -7.02 -2.76 2.93
CA LEU A 44 -6.35 -3.91 3.49
C LEU A 44 -5.66 -3.54 4.80
N ARG A 45 -6.00 -4.26 5.85
CA ARG A 45 -5.35 -4.10 7.14
C ARG A 45 -4.00 -4.80 7.09
N ILE A 46 -2.96 -4.04 6.83
CA ILE A 46 -1.63 -4.62 6.65
C ILE A 46 -0.64 -4.04 7.66
N LYS A 47 0.28 -4.88 8.09
CA LYS A 47 1.33 -4.45 8.99
C LYS A 47 2.68 -4.85 8.41
N LEU A 48 3.49 -3.85 8.08
CA LEU A 48 4.77 -4.10 7.44
C LEU A 48 5.88 -4.15 8.46
N ALA A 49 6.63 -5.24 8.45
CA ALA A 49 7.80 -5.38 9.29
C ALA A 49 8.93 -4.54 8.73
N PRO A 50 9.80 -4.00 9.61
CA PRO A 50 10.90 -3.10 9.22
C PRO A 50 11.73 -3.63 8.06
N ASP A 51 11.81 -4.94 7.91
CA ASP A 51 12.61 -5.55 6.86
C ASP A 51 11.90 -5.53 5.51
N GLY A 52 10.76 -4.86 5.45
CA GLY A 52 10.03 -4.74 4.19
C GLY A 52 9.28 -6.01 3.85
N MET A 53 8.56 -6.55 4.83
CA MET A 53 7.77 -7.75 4.63
C MET A 53 6.51 -7.69 5.47
N LEU A 54 5.39 -8.12 4.90
CA LEU A 54 4.12 -8.05 5.59
C LEU A 54 4.01 -9.16 6.63
N LEU A 55 3.79 -8.77 7.88
CA LEU A 55 3.58 -9.73 8.95
C LEU A 55 2.09 -9.96 9.14
N ASP A 56 1.31 -8.93 8.85
CA ASP A 56 -0.14 -9.02 8.88
C ASP A 56 -0.71 -8.48 7.57
N ILE A 57 -1.71 -9.15 7.03
CA ILE A 57 -2.34 -8.73 5.78
C ILE A 57 -3.74 -9.34 5.67
N LYS A 58 -4.76 -8.51 5.85
CA LYS A 58 -6.13 -8.98 5.86
C LYS A 58 -7.07 -7.94 5.25
N PRO A 59 -8.06 -8.39 4.46
CA PRO A 59 -9.06 -7.50 3.87
C PRO A 59 -9.95 -6.88 4.95
N GLU A 60 -9.95 -5.57 5.03
CA GLU A 60 -10.70 -4.88 6.08
C GLU A 60 -12.01 -4.31 5.55
N GLY A 61 -11.93 -3.58 4.45
CA GLY A 61 -13.12 -3.01 3.86
C GLY A 61 -13.05 -2.96 2.35
N GLY A 62 -13.88 -3.76 1.69
CA GLY A 62 -13.89 -3.77 0.24
C GLY A 62 -14.51 -5.03 -0.32
N ASP A 63 -14.23 -5.29 -1.59
CA ASP A 63 -14.76 -6.47 -2.26
C ASP A 63 -13.97 -7.71 -1.88
N PRO A 64 -14.67 -8.78 -1.47
CA PRO A 64 -14.04 -10.03 -1.02
C PRO A 64 -13.20 -10.70 -2.09
N ALA A 65 -13.65 -10.59 -3.34
CA ALA A 65 -12.92 -11.18 -4.46
C ALA A 65 -11.75 -10.29 -4.86
N LEU A 66 -11.99 -8.99 -4.87
CA LEU A 66 -10.96 -8.00 -5.21
C LEU A 66 -9.78 -8.11 -4.25
N CYS A 67 -10.08 -8.06 -2.97
CA CYS A 67 -9.04 -8.08 -1.95
C CYS A 67 -8.43 -9.46 -1.80
N GLN A 68 -9.09 -10.47 -2.35
CA GLN A 68 -8.53 -11.82 -2.37
C GLN A 68 -7.40 -11.89 -3.38
N ALA A 69 -7.58 -11.22 -4.51
CA ALA A 69 -6.57 -11.13 -5.54
C ALA A 69 -5.44 -10.20 -5.10
N ALA A 70 -5.80 -9.21 -4.29
CA ALA A 70 -4.83 -8.25 -3.79
C ALA A 70 -3.74 -8.93 -2.96
N LEU A 71 -4.14 -9.94 -2.19
CA LEU A 71 -3.19 -10.70 -1.37
C LEU A 71 -2.18 -11.40 -2.27
N ALA A 72 -2.66 -11.95 -3.38
CA ALA A 72 -1.79 -12.62 -4.34
C ALA A 72 -0.88 -11.61 -5.03
N ALA A 73 -1.46 -10.51 -5.47
CA ALA A 73 -0.71 -9.47 -6.17
C ALA A 73 0.39 -8.87 -5.29
N ALA A 74 0.03 -8.56 -4.05
CA ALA A 74 0.97 -7.95 -3.10
C ALA A 74 2.11 -8.91 -2.77
N LYS A 75 1.82 -10.22 -2.81
CA LYS A 75 2.83 -11.23 -2.54
C LYS A 75 3.75 -11.40 -3.75
N LEU A 76 3.19 -11.22 -4.94
CA LEU A 76 3.96 -11.32 -6.17
C LEU A 76 4.74 -10.04 -6.43
N ALA A 77 4.18 -8.92 -5.99
CA ALA A 77 4.80 -7.62 -6.17
C ALA A 77 6.03 -7.48 -5.28
N LYS A 78 6.92 -6.59 -5.65
CA LYS A 78 8.13 -6.36 -4.88
C LYS A 78 8.06 -5.02 -4.17
N ILE A 79 7.61 -5.04 -2.92
CA ILE A 79 7.55 -3.84 -2.11
C ILE A 79 8.94 -3.47 -1.62
N PRO A 80 9.40 -2.25 -1.94
CA PRO A 80 10.73 -1.79 -1.58
C PRO A 80 10.89 -1.64 -0.07
N LYS A 81 12.11 -1.76 0.41
CA LYS A 81 12.39 -1.55 1.82
C LYS A 81 12.34 -0.07 2.14
N PRO A 82 11.90 0.31 3.35
CA PRO A 82 11.79 1.72 3.75
C PRO A 82 13.11 2.47 3.54
N PRO A 83 13.09 3.49 2.68
CA PRO A 83 14.29 4.24 2.34
C PRO A 83 14.66 5.26 3.42
N SER A 84 13.80 6.26 3.61
CA SER A 84 14.05 7.28 4.61
C SER A 84 13.35 6.95 5.93
N GLN A 85 13.83 7.57 7.00
CA GLN A 85 13.35 7.29 8.35
C GLN A 85 11.89 7.71 8.53
N ALA A 86 11.48 8.72 7.77
CA ALA A 86 10.12 9.25 7.88
C ALA A 86 9.07 8.19 7.56
N VAL A 87 9.22 7.52 6.43
CA VAL A 87 8.27 6.50 6.03
C VAL A 87 8.44 5.22 6.86
N TYR A 88 9.63 5.04 7.42
CA TYR A 88 9.93 3.89 8.27
C TYR A 88 9.03 3.89 9.50
N GLU A 89 8.74 5.07 10.02
CA GLU A 89 7.93 5.22 11.20
C GLU A 89 6.43 5.06 10.86
N VAL A 90 6.10 5.20 9.59
CA VAL A 90 4.71 5.14 9.15
C VAL A 90 4.31 3.72 8.73
N PHE A 91 5.09 3.12 7.84
CA PHE A 91 4.71 1.85 7.22
C PHE A 91 4.58 0.70 8.23
N LYS A 92 5.16 0.87 9.40
CA LYS A 92 5.12 -0.17 10.42
C LYS A 92 3.73 -0.29 11.06
N ASN A 93 2.84 0.63 10.70
CA ASN A 93 1.47 0.59 11.24
C ASN A 93 0.54 1.45 10.39
N ALA A 94 0.55 1.22 9.08
CA ALA A 94 -0.31 1.96 8.18
C ALA A 94 -1.01 1.02 7.21
N PRO A 95 -2.31 0.77 7.41
CA PRO A 95 -3.10 -0.08 6.53
C PRO A 95 -3.41 0.65 5.22
N LEU A 96 -3.35 -0.07 4.11
CA LEU A 96 -3.53 0.55 2.81
C LEU A 96 -4.99 0.57 2.40
N ASP A 97 -5.46 1.75 2.04
CA ASP A 97 -6.81 1.90 1.49
C ASP A 97 -6.70 1.83 -0.03
N PHE A 98 -6.90 0.64 -0.57
CA PHE A 98 -6.65 0.42 -1.98
C PHE A 98 -7.87 0.73 -2.82
N LYS A 99 -7.63 1.38 -3.94
CA LYS A 99 -8.67 1.65 -4.92
C LYS A 99 -8.10 1.41 -6.31
N PRO A 100 -8.61 0.37 -6.99
CA PRO A 100 -8.08 -0.10 -8.28
C PRO A 100 -7.80 1.03 -9.27
N HIS A 101 -6.59 1.03 -9.79
CA HIS A 101 -6.11 2.08 -10.67
C HIS A 101 -6.69 1.97 -12.08
N HIS A 102 -7.94 2.42 -12.25
CA HIS A 102 -8.59 2.50 -13.55
C HIS A 102 -10.08 2.80 -13.38
N ALA A 1 35.22 10.24 8.12
CA ALA A 1 34.62 9.64 9.33
C ALA A 1 33.66 8.53 8.95
N GLU A 2 33.75 7.40 9.63
CA GLU A 2 32.90 6.27 9.35
C GLU A 2 31.84 6.12 10.44
N PHE A 3 32.33 5.97 11.68
CA PHE A 3 31.49 5.83 12.87
C PHE A 3 30.75 4.49 12.88
N GLY A 4 29.98 4.26 11.83
CA GLY A 4 29.20 3.06 11.69
C GLY A 4 28.15 3.22 10.60
N ASN A 5 28.15 4.42 9.99
CA ASN A 5 27.21 4.76 8.91
C ASN A 5 25.78 4.77 9.43
N THR A 6 25.64 4.88 10.75
CA THR A 6 24.33 4.93 11.39
C THR A 6 23.76 6.34 11.33
N LYS A 7 23.34 6.75 10.14
CA LYS A 7 22.82 8.09 9.94
C LYS A 7 21.62 8.08 9.01
N ASN A 8 20.60 8.86 9.36
CA ASN A 8 19.44 9.03 8.50
C ASN A 8 19.76 10.07 7.43
N ASN A 9 20.56 9.65 6.46
CA ASN A 9 21.07 10.55 5.44
C ASN A 9 20.30 10.35 4.13
N GLY A 10 20.47 11.29 3.21
CA GLY A 10 19.74 11.25 1.97
C GLY A 10 18.62 12.25 1.94
N ALA A 11 17.50 11.88 1.34
CA ALA A 11 16.34 12.75 1.28
C ALA A 11 15.07 11.95 1.48
N SER A 12 14.57 11.93 2.72
CA SER A 12 13.34 11.21 3.04
C SER A 12 12.13 11.95 2.49
N GLY A 13 12.31 13.25 2.25
CA GLY A 13 11.26 14.03 1.60
C GLY A 13 11.16 13.65 0.13
N ALA A 14 9.92 13.50 -0.34
CA ALA A 14 9.63 13.01 -1.69
C ALA A 14 9.83 11.50 -1.78
N ASP A 15 10.79 10.98 -1.02
CA ASP A 15 11.04 9.55 -0.95
C ASP A 15 9.82 8.81 -0.43
N ILE A 16 9.30 9.27 0.70
CA ILE A 16 8.10 8.70 1.28
C ILE A 16 6.89 8.93 0.36
N ASN A 17 6.81 10.12 -0.21
CA ASN A 17 5.71 10.46 -1.12
C ASN A 17 5.69 9.51 -2.31
N ASN A 18 6.87 9.26 -2.88
CA ASN A 18 7.01 8.37 -4.03
C ASN A 18 6.70 6.93 -3.64
N TYR A 19 7.29 6.47 -2.55
CA TYR A 19 7.13 5.09 -2.10
C TYR A 19 5.67 4.76 -1.80
N ALA A 20 4.93 5.74 -1.28
CA ALA A 20 3.51 5.54 -0.99
C ALA A 20 2.72 5.28 -2.27
N GLY A 21 3.06 6.00 -3.33
CA GLY A 21 2.41 5.80 -4.60
C GLY A 21 2.89 4.52 -5.28
N GLN A 22 4.13 4.14 -4.99
CA GLN A 22 4.74 2.95 -5.56
C GLN A 22 3.97 1.70 -5.13
N ILE A 23 3.50 1.69 -3.88
CA ILE A 23 2.75 0.55 -3.36
C ILE A 23 1.50 0.30 -4.21
N LYS A 24 0.80 1.38 -4.54
CA LYS A 24 -0.40 1.29 -5.35
C LYS A 24 -0.08 0.77 -6.75
N SER A 25 0.97 1.31 -7.35
CA SER A 25 1.34 0.94 -8.70
C SER A 25 1.94 -0.45 -8.76
N ALA A 26 2.61 -0.86 -7.69
CA ALA A 26 3.23 -2.19 -7.60
C ALA A 26 2.20 -3.28 -7.81
N ILE A 27 1.06 -3.14 -7.13
CA ILE A 27 -0.02 -4.11 -7.22
C ILE A 27 -0.54 -4.22 -8.66
N GLU A 28 -0.74 -3.07 -9.30
CA GLU A 28 -1.22 -3.04 -10.67
C GLU A 28 -0.14 -3.45 -11.66
N SER A 29 1.12 -3.35 -11.26
CA SER A 29 2.22 -3.79 -12.09
C SER A 29 2.18 -5.32 -12.22
N LYS A 30 1.44 -5.95 -11.33
CA LYS A 30 1.18 -7.38 -11.42
C LYS A 30 -0.23 -7.59 -11.98
N PHE A 31 -1.18 -6.88 -11.41
CA PHE A 31 -2.58 -6.97 -11.82
C PHE A 31 -2.99 -5.72 -12.59
N TYR A 32 -2.72 -5.70 -13.89
CA TYR A 32 -3.02 -4.53 -14.72
C TYR A 32 -4.53 -4.32 -14.88
N ASP A 33 -5.10 -4.92 -15.93
CA ASP A 33 -6.55 -4.88 -16.13
C ASP A 33 -7.19 -5.92 -15.25
N ALA A 34 -6.36 -6.51 -14.45
CA ALA A 34 -6.78 -7.39 -13.38
C ALA A 34 -7.33 -6.58 -12.22
N SER A 35 -6.78 -5.38 -12.04
CA SER A 35 -7.28 -4.46 -11.03
C SER A 35 -8.55 -3.79 -11.51
N SER A 36 -8.79 -3.84 -12.81
CA SER A 36 -9.98 -3.27 -13.41
C SER A 36 -11.22 -4.05 -12.99
N TYR A 37 -11.87 -3.56 -11.95
CA TYR A 37 -13.00 -4.24 -11.33
C TYR A 37 -14.23 -3.35 -11.34
N ALA A 38 -14.18 -2.28 -10.54
CA ALA A 38 -15.28 -1.32 -10.43
C ALA A 38 -14.85 -0.16 -9.54
N GLY A 39 -15.83 0.57 -9.02
CA GLY A 39 -15.53 1.59 -8.04
C GLY A 39 -15.68 1.04 -6.63
N LYS A 40 -15.02 -0.08 -6.38
CA LYS A 40 -15.17 -0.80 -5.13
C LYS A 40 -14.10 -0.38 -4.12
N THR A 41 -14.32 -0.77 -2.88
CA THR A 41 -13.41 -0.47 -1.80
C THR A 41 -12.88 -1.78 -1.19
N CYS A 42 -11.67 -1.74 -0.64
CA CYS A 42 -11.08 -2.93 -0.04
C CYS A 42 -9.92 -2.56 0.88
N THR A 43 -10.22 -2.34 2.15
CA THR A 43 -9.20 -1.99 3.13
C THR A 43 -8.29 -3.17 3.43
N LEU A 44 -7.02 -3.03 3.12
CA LEU A 44 -6.05 -4.06 3.45
C LEU A 44 -5.30 -3.68 4.71
N ARG A 45 -5.44 -4.49 5.73
CA ARG A 45 -4.75 -4.26 6.99
C ARG A 45 -3.31 -4.73 6.88
N ILE A 46 -2.40 -3.81 6.68
CA ILE A 46 -1.00 -4.14 6.46
C ILE A 46 -0.10 -3.53 7.52
N LYS A 47 0.85 -4.32 7.98
CA LYS A 47 1.86 -3.88 8.91
C LYS A 47 3.23 -4.28 8.39
N LEU A 48 4.00 -3.31 7.94
CA LEU A 48 5.25 -3.60 7.27
C LEU A 48 6.45 -3.24 8.14
N ALA A 49 7.47 -4.05 8.04
CA ALA A 49 8.73 -3.81 8.73
C ALA A 49 9.74 -3.21 7.75
N PRO A 50 10.81 -2.56 8.26
CA PRO A 50 11.85 -1.93 7.40
C PRO A 50 12.50 -2.93 6.44
N ASP A 51 12.27 -4.21 6.70
CA ASP A 51 12.79 -5.28 5.86
C ASP A 51 11.96 -5.43 4.59
N GLY A 52 10.81 -4.77 4.56
CA GLY A 52 9.93 -4.85 3.40
C GLY A 52 9.08 -6.09 3.44
N MET A 53 8.68 -6.49 4.63
CA MET A 53 7.84 -7.66 4.80
C MET A 53 6.54 -7.27 5.49
N LEU A 54 5.46 -7.93 5.10
CA LEU A 54 4.16 -7.68 5.68
C LEU A 54 3.84 -8.75 6.72
N LEU A 55 4.09 -8.44 7.98
CA LEU A 55 3.87 -9.40 9.06
C LEU A 55 2.39 -9.58 9.32
N ASP A 56 1.63 -8.54 9.06
CA ASP A 56 0.17 -8.57 9.19
C ASP A 56 -0.45 -8.06 7.91
N ILE A 57 -1.36 -8.84 7.34
CA ILE A 57 -1.98 -8.51 6.07
C ILE A 57 -3.29 -9.26 5.90
N LYS A 58 -4.40 -8.55 5.99
CA LYS A 58 -5.72 -9.15 5.92
C LYS A 58 -6.77 -8.12 5.50
N PRO A 59 -7.85 -8.56 4.84
CA PRO A 59 -8.94 -7.67 4.40
C PRO A 59 -9.79 -7.20 5.57
N GLU A 60 -9.84 -5.89 5.77
CA GLU A 60 -10.65 -5.30 6.83
C GLU A 60 -12.10 -5.18 6.36
N GLY A 61 -12.30 -4.34 5.36
CA GLY A 61 -13.62 -4.18 4.78
C GLY A 61 -13.54 -3.97 3.29
N GLY A 62 -14.22 -4.81 2.53
CA GLY A 62 -14.18 -4.70 1.09
C GLY A 62 -14.88 -5.84 0.39
N ASP A 63 -14.84 -5.82 -0.93
CA ASP A 63 -15.46 -6.87 -1.74
C ASP A 63 -14.67 -8.16 -1.60
N PRO A 64 -15.35 -9.28 -1.31
CA PRO A 64 -14.72 -10.58 -1.08
C PRO A 64 -13.81 -10.99 -2.23
N ALA A 65 -14.31 -10.87 -3.45
CA ALA A 65 -13.53 -11.22 -4.63
C ALA A 65 -12.34 -10.27 -4.81
N LEU A 66 -12.60 -8.98 -4.69
CA LEU A 66 -11.57 -7.96 -4.85
C LEU A 66 -10.44 -8.16 -3.85
N CYS A 67 -10.80 -8.20 -2.57
CA CYS A 67 -9.80 -8.34 -1.51
C CYS A 67 -9.06 -9.67 -1.62
N GLN A 68 -9.76 -10.70 -2.12
CA GLN A 68 -9.15 -12.01 -2.31
C GLN A 68 -8.03 -11.94 -3.35
N ALA A 69 -8.31 -11.26 -4.46
CA ALA A 69 -7.31 -11.08 -5.51
C ALA A 69 -6.21 -10.13 -5.03
N ALA A 70 -6.61 -9.16 -4.21
CA ALA A 70 -5.68 -8.19 -3.66
C ALA A 70 -4.61 -8.86 -2.82
N LEU A 71 -5.00 -9.92 -2.09
CA LEU A 71 -4.06 -10.67 -1.27
C LEU A 71 -2.94 -11.26 -2.12
N ALA A 72 -3.33 -11.82 -3.26
CA ALA A 72 -2.37 -12.41 -4.19
C ALA A 72 -1.50 -11.34 -4.82
N ALA A 73 -2.14 -10.26 -5.27
CA ALA A 73 -1.44 -9.17 -5.92
C ALA A 73 -0.45 -8.48 -4.98
N ALA A 74 -0.89 -8.20 -3.76
CA ALA A 74 -0.05 -7.52 -2.78
C ALA A 74 1.14 -8.39 -2.39
N LYS A 75 0.92 -9.69 -2.33
CA LYS A 75 1.98 -10.64 -2.01
C LYS A 75 3.00 -10.69 -3.14
N LEU A 76 2.51 -10.51 -4.36
CA LEU A 76 3.36 -10.55 -5.55
C LEU A 76 4.09 -9.22 -5.73
N ALA A 77 3.44 -8.14 -5.32
CA ALA A 77 3.98 -6.80 -5.48
C ALA A 77 5.22 -6.59 -4.63
N LYS A 78 6.27 -6.07 -5.25
CA LYS A 78 7.51 -5.80 -4.56
C LYS A 78 7.49 -4.40 -3.96
N ILE A 79 6.93 -4.30 -2.77
CA ILE A 79 6.81 -3.02 -2.07
C ILE A 79 8.18 -2.56 -1.58
N PRO A 80 8.53 -1.29 -1.83
CA PRO A 80 9.83 -0.72 -1.42
C PRO A 80 10.02 -0.74 0.09
N LYS A 81 11.11 -1.34 0.53
CA LYS A 81 11.42 -1.46 1.93
C LYS A 81 11.90 -0.13 2.48
N PRO A 82 11.35 0.29 3.63
CA PRO A 82 11.70 1.57 4.26
C PRO A 82 13.21 1.72 4.47
N PRO A 83 13.81 2.71 3.79
CA PRO A 83 15.24 3.00 3.90
C PRO A 83 15.54 3.82 5.14
N SER A 84 15.11 5.08 5.13
CA SER A 84 15.21 5.95 6.28
C SER A 84 14.23 5.48 7.36
N GLN A 85 14.61 5.64 8.62
CA GLN A 85 13.79 5.14 9.73
C GLN A 85 12.44 5.84 9.79
N ALA A 86 12.39 7.07 9.29
CA ALA A 86 11.15 7.85 9.26
C ALA A 86 10.12 7.16 8.37
N VAL A 87 10.59 6.40 7.38
CA VAL A 87 9.70 5.68 6.48
C VAL A 87 9.15 4.42 7.14
N TYR A 88 9.93 3.82 8.03
CA TYR A 88 9.51 2.63 8.76
C TYR A 88 8.29 2.94 9.62
N GLU A 89 8.26 4.16 10.15
CA GLU A 89 7.16 4.57 11.00
C GLU A 89 5.86 4.71 10.20
N VAL A 90 5.99 4.98 8.90
CA VAL A 90 4.82 5.13 8.04
C VAL A 90 4.10 3.81 7.85
N PHE A 91 4.81 2.80 7.35
CA PHE A 91 4.19 1.51 7.06
C PHE A 91 4.15 0.60 8.30
N LYS A 92 4.60 1.13 9.44
CA LYS A 92 4.58 0.37 10.69
C LYS A 92 3.13 0.06 11.09
N ASN A 93 2.21 0.88 10.60
CA ASN A 93 0.79 0.64 10.80
C ASN A 93 0.00 1.48 9.81
N ALA A 94 -0.07 1.03 8.57
CA ALA A 94 -0.77 1.78 7.54
C ALA A 94 -1.63 0.87 6.68
N PRO A 95 -2.86 0.59 7.14
CA PRO A 95 -3.81 -0.23 6.40
C PRO A 95 -4.40 0.55 5.23
N LEU A 96 -3.93 0.23 4.03
CA LEU A 96 -4.32 0.99 2.84
C LEU A 96 -5.56 0.41 2.21
N ASP A 97 -6.42 1.29 1.72
CA ASP A 97 -7.64 0.88 1.04
C ASP A 97 -7.34 0.69 -0.45
N PHE A 98 -7.40 -0.54 -0.91
CA PHE A 98 -7.11 -0.87 -2.29
C PHE A 98 -8.34 -0.70 -3.16
N LYS A 99 -8.33 0.29 -4.02
CA LYS A 99 -9.42 0.51 -4.95
C LYS A 99 -8.99 0.06 -6.34
N PRO A 100 -9.90 -0.59 -7.07
CA PRO A 100 -9.62 -1.15 -8.40
C PRO A 100 -9.05 -0.11 -9.37
N HIS A 101 -7.77 -0.25 -9.69
CA HIS A 101 -7.07 0.68 -10.55
C HIS A 101 -7.70 0.74 -11.94
N HIS A 102 -7.71 1.93 -12.51
CA HIS A 102 -8.19 2.14 -13.86
C HIS A 102 -7.70 3.49 -14.34
N ALA A 1 20.47 1.01 26.11
CA ALA A 1 19.99 0.45 24.82
C ALA A 1 19.57 1.56 23.87
N GLU A 2 20.12 1.56 22.67
CA GLU A 2 19.80 2.59 21.68
C GLU A 2 18.37 2.40 21.19
N PHE A 3 18.08 1.20 20.69
CA PHE A 3 16.75 0.83 20.17
C PHE A 3 16.52 1.45 18.79
N GLY A 4 16.82 2.74 18.71
CA GLY A 4 16.56 3.51 17.52
C GLY A 4 16.50 4.97 17.89
N ASN A 5 15.73 5.74 17.17
CA ASN A 5 15.55 7.14 17.54
C ASN A 5 14.10 7.55 17.37
N THR A 6 13.59 8.29 18.35
CA THR A 6 12.23 8.79 18.29
C THR A 6 12.19 10.11 17.52
N LYS A 7 11.65 10.08 16.31
CA LYS A 7 11.60 11.27 15.47
C LYS A 7 10.15 11.61 15.13
N ASN A 8 9.91 12.89 14.91
CA ASN A 8 8.58 13.38 14.59
C ASN A 8 8.67 14.64 13.74
N ASN A 9 7.91 14.66 12.66
CA ASN A 9 7.89 15.81 11.77
C ASN A 9 6.49 16.04 11.25
N GLY A 10 5.52 15.47 11.94
CA GLY A 10 4.14 15.56 11.51
C GLY A 10 3.91 14.74 10.25
N ALA A 11 3.85 15.42 9.12
CA ALA A 11 3.73 14.77 7.83
C ALA A 11 4.34 15.64 6.75
N SER A 12 5.40 15.16 6.12
CA SER A 12 6.08 15.92 5.09
C SER A 12 5.16 16.13 3.89
N GLY A 13 4.88 15.05 3.16
CA GLY A 13 3.92 15.15 2.08
C GLY A 13 4.24 14.26 0.90
N ALA A 14 5.01 14.80 -0.04
CA ALA A 14 5.31 14.13 -1.31
C ALA A 14 5.91 12.75 -1.10
N ASP A 15 6.80 12.62 -0.13
CA ASP A 15 7.45 11.34 0.17
C ASP A 15 6.42 10.28 0.53
N ILE A 16 5.54 10.62 1.47
CA ILE A 16 4.50 9.70 1.92
C ILE A 16 3.55 9.32 0.78
N ASN A 17 3.14 10.32 0.01
CA ASN A 17 2.25 10.08 -1.11
C ASN A 17 2.94 9.25 -2.19
N ASN A 18 4.25 9.45 -2.33
CA ASN A 18 5.03 8.71 -3.31
C ASN A 18 5.15 7.25 -2.90
N TYR A 19 5.54 7.02 -1.65
CA TYR A 19 5.73 5.66 -1.15
C TYR A 19 4.40 4.89 -1.17
N ALA A 20 3.30 5.59 -0.91
CA ALA A 20 1.97 5.00 -0.99
C ALA A 20 1.64 4.62 -2.43
N GLY A 21 2.02 5.50 -3.35
CA GLY A 21 1.81 5.24 -4.76
C GLY A 21 2.69 4.11 -5.27
N GLN A 22 3.88 4.00 -4.71
CA GLN A 22 4.82 2.95 -5.09
C GLN A 22 4.24 1.58 -4.83
N ILE A 23 3.47 1.46 -3.76
CA ILE A 23 2.81 0.20 -3.42
C ILE A 23 1.82 -0.16 -4.52
N LYS A 24 1.12 0.86 -5.02
CA LYS A 24 0.17 0.68 -6.10
C LYS A 24 0.87 0.28 -7.39
N SER A 25 1.94 0.99 -7.75
CA SER A 25 2.68 0.70 -8.97
C SER A 25 3.12 -0.77 -9.04
N ALA A 26 3.49 -1.31 -7.88
CA ALA A 26 3.89 -2.71 -7.80
C ALA A 26 2.71 -3.64 -8.08
N ILE A 27 1.55 -3.26 -7.56
CA ILE A 27 0.33 -4.06 -7.70
C ILE A 27 -0.28 -3.91 -9.09
N GLU A 28 -0.29 -2.69 -9.60
CA GLU A 28 -0.89 -2.39 -10.90
C GLU A 28 -0.29 -3.24 -12.01
N SER A 29 1.02 -3.47 -11.93
CA SER A 29 1.72 -4.21 -12.98
C SER A 29 1.80 -5.70 -12.67
N LYS A 30 0.98 -6.15 -11.72
CA LYS A 30 0.90 -7.56 -11.37
C LYS A 30 -0.50 -7.83 -10.86
N PHE A 31 -1.43 -7.10 -11.45
CA PHE A 31 -2.77 -7.00 -10.94
C PHE A 31 -3.49 -8.35 -10.85
N TYR A 32 -3.44 -9.12 -11.93
CA TYR A 32 -4.23 -10.34 -12.06
C TYR A 32 -5.72 -10.02 -12.15
N ASP A 33 -6.30 -9.57 -11.04
CA ASP A 33 -7.69 -9.12 -11.01
C ASP A 33 -7.82 -7.83 -10.21
N ALA A 34 -6.70 -7.16 -10.06
CA ALA A 34 -6.66 -5.87 -9.38
C ALA A 34 -7.11 -4.73 -10.29
N SER A 35 -6.43 -4.58 -11.43
CA SER A 35 -6.68 -3.47 -12.34
C SER A 35 -8.07 -3.55 -12.99
N SER A 36 -8.68 -4.73 -12.91
CA SER A 36 -9.89 -5.01 -13.64
C SER A 36 -11.12 -4.30 -13.04
N TYR A 37 -11.04 -3.89 -11.78
CA TYR A 37 -12.21 -3.28 -11.13
C TYR A 37 -11.89 -1.94 -10.51
N ALA A 38 -11.54 -0.97 -11.34
CA ALA A 38 -11.37 0.40 -10.90
C ALA A 38 -12.73 1.00 -10.56
N GLY A 39 -12.86 1.44 -9.31
CA GLY A 39 -14.13 1.96 -8.83
C GLY A 39 -14.47 1.36 -7.49
N LYS A 40 -13.98 0.16 -7.27
CA LYS A 40 -14.12 -0.49 -5.98
C LYS A 40 -13.02 -0.02 -5.05
N THR A 41 -13.22 -0.17 -3.76
CA THR A 41 -12.24 0.23 -2.76
C THR A 41 -12.07 -0.86 -1.72
N CYS A 42 -10.83 -1.10 -1.31
CA CYS A 42 -10.54 -2.17 -0.39
C CYS A 42 -9.38 -1.80 0.54
N THR A 43 -9.71 -1.54 1.79
CA THR A 43 -8.70 -1.21 2.78
C THR A 43 -7.92 -2.44 3.20
N LEU A 44 -6.65 -2.49 2.85
CA LEU A 44 -5.80 -3.59 3.24
C LEU A 44 -4.89 -3.18 4.39
N ARG A 45 -4.97 -3.91 5.48
CA ARG A 45 -4.10 -3.66 6.60
C ARG A 45 -2.74 -4.27 6.31
N ILE A 46 -1.79 -3.42 5.96
CA ILE A 46 -0.47 -3.89 5.60
C ILE A 46 0.50 -3.68 6.76
N LYS A 47 0.91 -4.78 7.35
CA LYS A 47 1.86 -4.75 8.42
C LYS A 47 3.23 -5.14 7.90
N LEU A 48 4.05 -4.16 7.61
CA LEU A 48 5.34 -4.40 6.98
C LEU A 48 6.46 -4.38 8.00
N ALA A 49 7.30 -5.40 7.95
CA ALA A 49 8.45 -5.49 8.81
C ALA A 49 9.55 -4.54 8.31
N PRO A 50 10.43 -4.07 9.22
CA PRO A 50 11.50 -3.11 8.87
C PRO A 50 12.36 -3.57 7.70
N ASP A 51 12.46 -4.88 7.50
CA ASP A 51 13.24 -5.44 6.40
C ASP A 51 12.50 -5.31 5.07
N GLY A 52 11.26 -4.84 5.13
CA GLY A 52 10.48 -4.65 3.91
C GLY A 52 9.75 -5.90 3.49
N MET A 53 9.16 -6.59 4.45
CA MET A 53 8.39 -7.80 4.15
C MET A 53 7.01 -7.70 4.81
N LEU A 54 6.02 -8.32 4.18
CA LEU A 54 4.66 -8.31 4.71
C LEU A 54 4.51 -9.36 5.80
N LEU A 55 4.47 -8.92 7.04
CA LEU A 55 4.35 -9.83 8.17
C LEU A 55 2.89 -10.13 8.46
N ASP A 56 2.02 -9.21 8.07
CA ASP A 56 0.58 -9.37 8.28
C ASP A 56 -0.19 -8.57 7.25
N ILE A 57 -0.85 -9.26 6.34
CA ILE A 57 -1.64 -8.60 5.31
C ILE A 57 -3.08 -9.06 5.41
N LYS A 58 -3.94 -8.18 5.90
CA LYS A 58 -5.31 -8.55 6.19
C LYS A 58 -6.28 -7.50 5.65
N PRO A 59 -7.30 -7.92 4.90
CA PRO A 59 -8.34 -7.04 4.40
C PRO A 59 -9.18 -6.49 5.56
N GLU A 60 -9.31 -5.18 5.62
CA GLU A 60 -10.06 -4.53 6.69
C GLU A 60 -11.52 -4.38 6.29
N GLY A 61 -11.76 -3.55 5.29
CA GLY A 61 -13.11 -3.37 4.80
C GLY A 61 -13.13 -3.00 3.34
N GLY A 62 -14.14 -3.45 2.63
CA GLY A 62 -14.25 -3.18 1.22
C GLY A 62 -15.00 -4.26 0.48
N ASP A 63 -14.47 -4.66 -0.67
CA ASP A 63 -15.09 -5.72 -1.46
C ASP A 63 -14.35 -7.03 -1.25
N PRO A 64 -15.05 -8.06 -0.74
CA PRO A 64 -14.45 -9.36 -0.43
C PRO A 64 -13.69 -9.96 -1.60
N ALA A 65 -14.24 -9.86 -2.80
CA ALA A 65 -13.61 -10.40 -3.99
C ALA A 65 -12.38 -9.57 -4.37
N LEU A 66 -12.55 -8.25 -4.41
CA LEU A 66 -11.45 -7.35 -4.72
C LEU A 66 -10.31 -7.51 -3.73
N CYS A 67 -10.66 -7.55 -2.45
CA CYS A 67 -9.67 -7.65 -1.39
C CYS A 67 -8.87 -8.95 -1.51
N GLN A 68 -9.56 -10.05 -1.81
CA GLN A 68 -8.90 -11.34 -1.96
C GLN A 68 -7.94 -11.33 -3.16
N ALA A 69 -8.37 -10.69 -4.24
CA ALA A 69 -7.53 -10.56 -5.43
C ALA A 69 -6.34 -9.64 -5.14
N ALA A 70 -6.59 -8.58 -4.38
CA ALA A 70 -5.55 -7.63 -4.01
C ALA A 70 -4.46 -8.30 -3.19
N LEU A 71 -4.85 -9.24 -2.34
CA LEU A 71 -3.90 -9.99 -1.53
C LEU A 71 -2.93 -10.77 -2.42
N ALA A 72 -3.47 -11.42 -3.44
CA ALA A 72 -2.66 -12.20 -4.37
C ALA A 72 -1.73 -11.30 -5.16
N ALA A 73 -2.26 -10.18 -5.62
CA ALA A 73 -1.46 -9.21 -6.38
C ALA A 73 -0.34 -8.62 -5.52
N ALA A 74 -0.69 -8.19 -4.33
CA ALA A 74 0.28 -7.60 -3.41
C ALA A 74 1.33 -8.61 -2.97
N LYS A 75 0.97 -9.89 -3.02
CA LYS A 75 1.88 -10.97 -2.65
C LYS A 75 3.02 -11.05 -3.66
N LEU A 76 2.70 -10.84 -4.93
CA LEU A 76 3.70 -10.91 -5.99
C LEU A 76 4.31 -9.53 -6.24
N ALA A 77 3.62 -8.49 -5.77
CA ALA A 77 4.05 -7.12 -5.98
C ALA A 77 5.40 -6.86 -5.34
N LYS A 78 6.25 -6.14 -6.05
CA LYS A 78 7.56 -5.80 -5.53
C LYS A 78 7.47 -4.59 -4.61
N ILE A 79 7.19 -4.85 -3.35
CA ILE A 79 7.10 -3.80 -2.35
C ILE A 79 8.50 -3.45 -1.85
N PRO A 80 8.90 -2.19 -2.00
CA PRO A 80 10.25 -1.74 -1.62
C PRO A 80 10.35 -1.44 -0.14
N LYS A 81 11.53 -1.70 0.43
CA LYS A 81 11.78 -1.43 1.82
C LYS A 81 11.64 0.05 2.12
N PRO A 82 11.20 0.40 3.34
CA PRO A 82 10.94 1.79 3.75
C PRO A 82 12.04 2.77 3.30
N PRO A 83 11.69 3.68 2.38
CA PRO A 83 12.64 4.65 1.83
C PRO A 83 12.99 5.75 2.82
N SER A 84 12.07 6.02 3.73
CA SER A 84 12.28 7.03 4.74
C SER A 84 12.17 6.40 6.14
N GLN A 85 12.85 7.01 7.11
CA GLN A 85 12.90 6.47 8.47
C GLN A 85 11.52 6.47 9.13
N ALA A 86 10.70 7.46 8.82
CA ALA A 86 9.36 7.54 9.37
C ALA A 86 8.47 6.46 8.78
N VAL A 87 8.74 6.09 7.54
CA VAL A 87 8.02 5.02 6.88
C VAL A 87 8.35 3.68 7.53
N TYR A 88 9.57 3.57 8.02
CA TYR A 88 10.03 2.35 8.68
C TYR A 88 9.16 2.04 9.92
N GLU A 89 8.83 3.07 10.69
CA GLU A 89 7.96 2.89 11.84
C GLU A 89 6.49 2.82 11.43
N VAL A 90 6.10 3.64 10.46
CA VAL A 90 4.71 3.74 10.05
C VAL A 90 4.23 2.47 9.32
N PHE A 91 5.03 1.99 8.37
CA PHE A 91 4.65 0.83 7.54
C PHE A 91 4.49 -0.43 8.38
N LYS A 92 4.98 -0.40 9.61
CA LYS A 92 4.82 -1.52 10.53
C LYS A 92 3.36 -1.68 10.95
N ASN A 93 2.53 -0.73 10.52
CA ASN A 93 1.09 -0.78 10.75
C ASN A 93 0.41 0.29 9.91
N ALA A 94 0.42 0.11 8.59
CA ALA A 94 -0.10 1.13 7.68
C ALA A 94 -1.14 0.55 6.73
N PRO A 95 -2.40 0.47 7.17
CA PRO A 95 -3.50 -0.06 6.35
C PRO A 95 -3.92 0.93 5.27
N LEU A 96 -3.55 0.63 4.03
CA LEU A 96 -3.84 1.51 2.90
C LEU A 96 -5.19 1.18 2.28
N ASP A 97 -5.84 2.19 1.70
CA ASP A 97 -7.12 1.99 1.02
C ASP A 97 -6.88 1.73 -0.46
N PHE A 98 -6.87 0.45 -0.83
CA PHE A 98 -6.55 0.06 -2.19
C PHE A 98 -7.63 0.50 -3.17
N LYS A 99 -7.20 1.18 -4.22
CA LYS A 99 -8.09 1.61 -5.29
C LYS A 99 -7.50 1.17 -6.62
N PRO A 100 -8.15 0.21 -7.30
CA PRO A 100 -7.68 -0.30 -8.59
C PRO A 100 -7.51 0.79 -9.63
N HIS A 101 -6.43 0.71 -10.40
CA HIS A 101 -6.09 1.75 -11.35
C HIS A 101 -6.76 1.49 -12.71
N HIS A 102 -6.98 2.55 -13.45
CA HIS A 102 -7.55 2.47 -14.79
C HIS A 102 -7.61 3.86 -15.41
N ALA A 1 0.51 -12.73 26.23
CA ALA A 1 0.63 -11.70 25.17
C ALA A 1 1.50 -10.54 25.64
N GLU A 2 2.34 -10.05 24.75
CA GLU A 2 3.22 -8.92 25.07
C GLU A 2 2.79 -7.69 24.29
N PHE A 3 3.13 -6.52 24.82
CA PHE A 3 2.89 -5.27 24.11
C PHE A 3 4.23 -4.68 23.68
N GLY A 4 5.19 -4.74 24.58
CA GLY A 4 6.51 -4.21 24.30
C GLY A 4 6.51 -2.70 24.29
N ASN A 5 7.14 -2.12 23.29
CA ASN A 5 7.13 -0.68 23.11
C ASN A 5 6.64 -0.36 21.72
N THR A 6 5.37 -0.65 21.47
CA THR A 6 4.77 -0.49 20.17
C THR A 6 4.76 0.97 19.74
N LYS A 7 4.35 1.84 20.65
CA LYS A 7 4.30 3.28 20.40
C LYS A 7 3.47 3.58 19.17
N ASN A 8 2.18 3.25 19.24
CA ASN A 8 1.26 3.47 18.13
C ASN A 8 1.20 4.95 17.76
N ASN A 9 1.53 5.25 16.52
CA ASN A 9 1.56 6.63 16.05
C ASN A 9 1.14 6.69 14.58
N GLY A 10 2.11 6.54 13.68
CA GLY A 10 1.82 6.55 12.26
C GLY A 10 1.76 7.95 11.68
N ALA A 11 2.31 8.12 10.49
CA ALA A 11 2.32 9.42 9.83
C ALA A 11 1.11 9.56 8.90
N SER A 12 0.83 10.79 8.50
CA SER A 12 -0.31 11.07 7.65
C SER A 12 -0.04 10.65 6.21
N GLY A 13 1.11 11.03 5.68
CA GLY A 13 1.45 10.66 4.32
C GLY A 13 2.64 11.43 3.78
N ALA A 14 2.34 12.46 2.99
CA ALA A 14 3.37 13.28 2.35
C ALA A 14 4.22 12.47 1.38
N ASP A 15 5.31 11.88 1.88
CA ASP A 15 6.19 11.04 1.05
C ASP A 15 5.56 9.68 0.81
N ILE A 16 4.57 9.35 1.64
CA ILE A 16 3.88 8.08 1.54
C ILE A 16 3.04 8.00 0.26
N ASN A 17 2.61 9.16 -0.24
CA ASN A 17 1.77 9.20 -1.43
C ASN A 17 2.43 8.52 -2.63
N ASN A 18 3.70 8.85 -2.86
CA ASN A 18 4.45 8.25 -3.96
C ASN A 18 4.64 6.76 -3.75
N TYR A 19 4.99 6.38 -2.53
CA TYR A 19 5.18 4.98 -2.18
C TYR A 19 3.86 4.21 -2.34
N ALA A 20 2.78 4.80 -1.87
CA ALA A 20 1.46 4.19 -1.99
C ALA A 20 1.09 3.98 -3.45
N GLY A 21 1.37 4.98 -4.27
CA GLY A 21 1.10 4.87 -5.68
C GLY A 21 1.93 3.79 -6.34
N GLN A 22 3.20 3.73 -6.00
CA GLN A 22 4.10 2.75 -6.56
C GLN A 22 3.72 1.33 -6.11
N ILE A 23 3.31 1.19 -4.85
CA ILE A 23 2.88 -0.10 -4.31
C ILE A 23 1.62 -0.58 -5.02
N LYS A 24 0.64 0.30 -5.12
CA LYS A 24 -0.62 -0.03 -5.78
C LYS A 24 -0.41 -0.35 -7.26
N SER A 25 0.66 0.18 -7.83
CA SER A 25 1.02 -0.12 -9.21
C SER A 25 1.70 -1.48 -9.30
N ALA A 26 2.65 -1.72 -8.38
CA ALA A 26 3.37 -3.00 -8.32
C ALA A 26 2.40 -4.17 -8.19
N ILE A 27 1.38 -3.96 -7.37
CA ILE A 27 0.36 -4.97 -7.14
C ILE A 27 -0.38 -5.32 -8.43
N GLU A 28 -0.78 -4.30 -9.18
CA GLU A 28 -1.46 -4.50 -10.45
C GLU A 28 -0.53 -5.08 -11.51
N SER A 29 0.77 -4.91 -11.32
CA SER A 29 1.75 -5.48 -12.24
C SER A 29 1.76 -7.00 -12.14
N LYS A 30 1.10 -7.53 -11.12
CA LYS A 30 0.95 -8.97 -10.94
C LYS A 30 -0.46 -9.40 -11.34
N PHE A 31 -1.46 -8.68 -10.87
CA PHE A 31 -2.84 -8.95 -11.23
C PHE A 31 -3.34 -7.89 -12.21
N TYR A 32 -2.81 -7.95 -13.43
CA TYR A 32 -3.08 -6.96 -14.47
C TYR A 32 -4.58 -6.82 -14.73
N ASP A 33 -5.08 -5.61 -14.45
CA ASP A 33 -6.50 -5.25 -14.63
C ASP A 33 -7.43 -6.04 -13.73
N ALA A 34 -6.84 -6.92 -12.97
CA ALA A 34 -7.56 -7.67 -11.95
C ALA A 34 -7.70 -6.82 -10.69
N SER A 35 -6.59 -6.22 -10.27
CA SER A 35 -6.58 -5.37 -9.10
C SER A 35 -7.16 -3.99 -9.44
N SER A 36 -7.12 -3.65 -10.72
CA SER A 36 -7.55 -2.34 -11.18
C SER A 36 -9.06 -2.30 -11.46
N TYR A 37 -9.83 -2.08 -10.41
CA TYR A 37 -11.27 -1.94 -10.55
C TYR A 37 -11.65 -0.46 -10.64
N ALA A 38 -12.79 -0.09 -10.06
CA ALA A 38 -13.22 1.30 -10.02
C ALA A 38 -14.28 1.51 -8.96
N GLY A 39 -14.23 2.66 -8.31
CA GLY A 39 -15.22 3.00 -7.29
C GLY A 39 -15.26 2.00 -6.16
N LYS A 40 -14.10 1.62 -5.65
CA LYS A 40 -14.00 0.68 -4.55
C LYS A 40 -12.80 1.00 -3.68
N THR A 41 -12.98 0.93 -2.37
CA THR A 41 -11.92 1.24 -1.43
C THR A 41 -11.63 0.04 -0.52
N CYS A 42 -10.51 -0.63 -0.76
CA CYS A 42 -10.16 -1.82 0.01
C CYS A 42 -9.07 -1.51 1.03
N THR A 43 -9.41 -1.62 2.30
CA THR A 43 -8.45 -1.43 3.37
C THR A 43 -7.74 -2.75 3.67
N LEU A 44 -6.55 -2.90 3.12
CA LEU A 44 -5.76 -4.10 3.38
C LEU A 44 -4.98 -3.91 4.66
N ARG A 45 -5.32 -4.68 5.67
CA ARG A 45 -4.59 -4.63 6.93
C ARG A 45 -3.25 -5.33 6.75
N ILE A 46 -2.19 -4.54 6.82
CA ILE A 46 -0.86 -5.03 6.49
C ILE A 46 0.14 -4.64 7.57
N LYS A 47 0.78 -5.63 8.13
CA LYS A 47 1.82 -5.39 9.11
C LYS A 47 3.18 -5.59 8.43
N LEU A 48 3.80 -4.49 8.03
CA LEU A 48 5.04 -4.56 7.29
C LEU A 48 6.22 -4.45 8.23
N ALA A 49 6.97 -5.54 8.33
CA ALA A 49 8.14 -5.60 9.20
C ALA A 49 9.17 -4.58 8.74
N PRO A 50 9.98 -4.04 9.68
CA PRO A 50 11.01 -3.03 9.37
C PRO A 50 12.05 -3.53 8.35
N ASP A 51 11.95 -4.80 8.00
CA ASP A 51 12.83 -5.39 7.00
C ASP A 51 12.22 -5.29 5.61
N GLY A 52 10.99 -4.77 5.55
CA GLY A 52 10.29 -4.60 4.29
C GLY A 52 9.67 -5.89 3.80
N MET A 53 8.72 -6.41 4.58
CA MET A 53 8.01 -7.64 4.20
C MET A 53 6.70 -7.74 4.99
N LEU A 54 5.65 -8.19 4.32
CA LEU A 54 4.34 -8.30 4.96
C LEU A 54 4.16 -9.65 5.61
N LEU A 55 4.25 -9.68 6.93
CA LEU A 55 4.05 -10.92 7.68
C LEU A 55 2.56 -11.19 7.85
N ASP A 56 1.81 -10.12 8.07
CA ASP A 56 0.37 -10.22 8.25
C ASP A 56 -0.35 -9.32 7.25
N ILE A 57 -1.20 -9.92 6.44
CA ILE A 57 -1.95 -9.19 5.43
C ILE A 57 -3.35 -9.76 5.30
N LYS A 58 -4.34 -8.98 5.74
CA LYS A 58 -5.72 -9.44 5.74
C LYS A 58 -6.65 -8.30 5.34
N PRO A 59 -7.72 -8.61 4.58
CA PRO A 59 -8.69 -7.61 4.17
C PRO A 59 -9.53 -7.11 5.36
N GLU A 60 -9.21 -5.91 5.84
CA GLU A 60 -9.92 -5.34 6.98
C GLU A 60 -11.34 -4.95 6.57
N GLY A 61 -11.45 -4.24 5.47
CA GLY A 61 -12.75 -3.86 4.97
C GLY A 61 -12.65 -3.18 3.62
N GLY A 62 -13.55 -3.53 2.71
CA GLY A 62 -13.52 -2.94 1.39
C GLY A 62 -14.43 -3.66 0.42
N ASP A 63 -13.84 -4.46 -0.44
CA ASP A 63 -14.58 -5.21 -1.45
C ASP A 63 -13.97 -6.58 -1.64
N PRO A 64 -14.78 -7.65 -1.55
CA PRO A 64 -14.29 -9.03 -1.66
C PRO A 64 -13.51 -9.28 -2.95
N ALA A 65 -13.96 -8.68 -4.04
CA ALA A 65 -13.31 -8.85 -5.33
C ALA A 65 -12.02 -8.04 -5.43
N LEU A 66 -12.11 -6.77 -5.07
CA LEU A 66 -10.97 -5.87 -5.14
C LEU A 66 -9.85 -6.33 -4.20
N CYS A 67 -10.22 -6.68 -2.98
CA CYS A 67 -9.27 -7.03 -1.96
C CYS A 67 -8.51 -8.31 -2.31
N GLN A 68 -9.23 -9.31 -2.80
CA GLN A 68 -8.62 -10.59 -3.17
C GLN A 68 -7.51 -10.38 -4.20
N ALA A 69 -7.83 -9.65 -5.26
CA ALA A 69 -6.88 -9.39 -6.33
C ALA A 69 -5.68 -8.58 -5.83
N ALA A 70 -5.91 -7.76 -4.81
CA ALA A 70 -4.86 -6.92 -4.27
C ALA A 70 -3.97 -7.69 -3.31
N LEU A 71 -4.58 -8.36 -2.33
CA LEU A 71 -3.83 -9.07 -1.31
C LEU A 71 -3.04 -10.22 -1.89
N ALA A 72 -3.62 -10.91 -2.85
CA ALA A 72 -2.96 -12.03 -3.51
C ALA A 72 -1.76 -11.55 -4.32
N ALA A 73 -1.92 -10.41 -4.98
CA ALA A 73 -0.85 -9.85 -5.81
C ALA A 73 0.26 -9.25 -4.95
N ALA A 74 -0.12 -8.70 -3.80
CA ALA A 74 0.83 -8.06 -2.88
C ALA A 74 1.88 -9.06 -2.41
N LYS A 75 1.50 -10.33 -2.35
CA LYS A 75 2.41 -11.39 -1.91
C LYS A 75 3.48 -11.66 -2.97
N LEU A 76 3.18 -11.31 -4.21
CA LEU A 76 4.11 -11.57 -5.32
C LEU A 76 4.88 -10.31 -5.69
N ALA A 77 4.34 -9.16 -5.30
CA ALA A 77 4.97 -7.88 -5.58
C ALA A 77 6.16 -7.65 -4.64
N LYS A 78 7.28 -7.23 -5.21
CA LYS A 78 8.46 -6.97 -4.41
C LYS A 78 8.47 -5.54 -3.91
N ILE A 79 7.92 -5.35 -2.72
CA ILE A 79 7.87 -4.04 -2.09
C ILE A 79 9.26 -3.62 -1.61
N PRO A 80 9.76 -2.48 -2.11
CA PRO A 80 11.10 -1.99 -1.78
C PRO A 80 11.23 -1.65 -0.30
N LYS A 81 12.46 -1.73 0.21
CA LYS A 81 12.73 -1.38 1.58
C LYS A 81 12.59 0.14 1.78
N PRO A 82 11.93 0.56 2.87
CA PRO A 82 11.60 1.98 3.11
C PRO A 82 12.82 2.88 3.11
N PRO A 83 12.89 3.81 2.14
CA PRO A 83 14.00 4.75 2.04
C PRO A 83 13.86 5.92 3.02
N SER A 84 12.68 6.54 3.03
CA SER A 84 12.42 7.66 3.92
C SER A 84 12.02 7.18 5.30
N GLN A 85 12.22 8.03 6.30
CA GLN A 85 11.90 7.69 7.68
C GLN A 85 10.38 7.73 7.92
N ALA A 86 9.69 8.56 7.14
CA ALA A 86 8.24 8.68 7.26
C ALA A 86 7.58 7.34 6.96
N VAL A 87 8.09 6.64 5.95
CA VAL A 87 7.58 5.32 5.59
C VAL A 87 7.78 4.34 6.75
N TYR A 88 8.96 4.42 7.36
CA TYR A 88 9.30 3.58 8.51
C TYR A 88 8.32 3.78 9.67
N GLU A 89 7.80 5.00 9.80
CA GLU A 89 6.89 5.34 10.88
C GLU A 89 5.49 4.77 10.65
N VAL A 90 5.10 4.64 9.39
CA VAL A 90 3.74 4.23 9.06
C VAL A 90 3.61 2.72 8.88
N PHE A 91 4.45 2.17 8.03
CA PHE A 91 4.31 0.80 7.57
C PHE A 91 4.40 -0.25 8.67
N LYS A 92 4.85 0.14 9.84
CA LYS A 92 5.04 -0.80 10.93
C LYS A 92 3.70 -1.20 11.56
N ASN A 93 2.63 -0.47 11.26
CA ASN A 93 1.32 -0.79 11.85
C ASN A 93 0.16 -0.02 11.20
N ALA A 94 0.34 0.46 9.98
CA ALA A 94 -0.74 1.14 9.30
C ALA A 94 -1.09 0.45 7.98
N PRO A 95 -2.36 0.06 7.84
CA PRO A 95 -2.84 -0.68 6.66
C PRO A 95 -2.92 0.19 5.41
N LEU A 96 -2.87 -0.45 4.26
CA LEU A 96 -2.83 0.27 2.99
C LEU A 96 -4.23 0.40 2.39
N ASP A 97 -4.55 1.60 1.96
CA ASP A 97 -5.79 1.86 1.26
C ASP A 97 -5.63 1.49 -0.22
N PHE A 98 -6.32 0.45 -0.65
CA PHE A 98 -6.19 -0.02 -2.00
C PHE A 98 -7.39 0.35 -2.83
N LYS A 99 -7.14 1.07 -3.90
CA LYS A 99 -8.16 1.43 -4.86
C LYS A 99 -7.50 1.56 -6.22
N PRO A 100 -8.29 1.55 -7.32
CA PRO A 100 -7.77 1.65 -8.69
C PRO A 100 -6.63 2.66 -8.80
N HIS A 101 -5.42 2.12 -8.97
CA HIS A 101 -4.21 2.93 -8.95
C HIS A 101 -4.15 3.87 -10.14
N HIS A 102 -3.45 4.99 -9.98
CA HIS A 102 -3.19 5.88 -11.09
C HIS A 102 -2.05 5.33 -11.92
N ALA A 1 -11.98 11.35 -2.69
CA ALA A 1 -11.94 12.52 -1.80
C ALA A 1 -12.87 12.30 -0.60
N GLU A 2 -14.17 12.34 -0.86
CA GLU A 2 -15.20 11.99 0.12
C GLU A 2 -15.33 13.03 1.23
N PHE A 3 -14.24 13.28 1.94
CA PHE A 3 -14.25 14.26 3.02
C PHE A 3 -12.85 14.85 3.19
N GLY A 4 -12.77 15.96 3.91
CA GLY A 4 -11.49 16.57 4.21
C GLY A 4 -10.71 15.77 5.21
N ASN A 5 -9.99 14.77 4.73
CA ASN A 5 -9.29 13.84 5.58
C ASN A 5 -7.95 14.42 6.06
N THR A 6 -8.00 15.64 6.55
CA THR A 6 -6.80 16.33 7.01
C THR A 6 -6.40 15.87 8.41
N LYS A 7 -7.39 15.74 9.29
CA LYS A 7 -7.16 15.36 10.69
C LYS A 7 -6.19 16.34 11.35
N ASN A 8 -5.25 15.81 12.13
CA ASN A 8 -4.19 16.62 12.73
C ASN A 8 -2.86 16.16 12.17
N ASN A 9 -2.49 16.70 11.01
CA ASN A 9 -1.34 16.22 10.28
C ASN A 9 -0.07 16.98 10.62
N GLY A 10 0.93 16.25 11.08
CA GLY A 10 2.21 16.85 11.37
C GLY A 10 3.32 16.26 10.51
N ALA A 11 3.28 14.95 10.35
CA ALA A 11 4.28 14.25 9.53
C ALA A 11 3.80 14.13 8.09
N SER A 12 4.24 15.05 7.25
CA SER A 12 3.85 15.05 5.84
C SER A 12 5.07 15.36 4.97
N GLY A 13 5.43 14.41 4.11
CA GLY A 13 6.60 14.58 3.28
C GLY A 13 6.26 14.43 1.80
N ALA A 14 7.14 13.76 1.07
CA ALA A 14 6.93 13.55 -0.36
C ALA A 14 7.11 12.08 -0.72
N ASP A 15 8.27 11.53 -0.36
CA ASP A 15 8.57 10.13 -0.65
C ASP A 15 7.73 9.20 0.20
N ILE A 16 7.21 9.72 1.30
CA ILE A 16 6.29 8.96 2.14
C ILE A 16 4.98 8.70 1.40
N ASN A 17 4.42 9.75 0.81
CA ASN A 17 3.20 9.63 0.03
C ASN A 17 3.48 8.90 -1.28
N ASN A 18 4.67 9.10 -1.81
CA ASN A 18 5.10 8.45 -3.04
C ASN A 18 5.18 6.94 -2.86
N TYR A 19 5.67 6.52 -1.70
CA TYR A 19 5.79 5.09 -1.38
C TYR A 19 4.44 4.40 -1.45
N ALA A 20 3.40 5.08 -0.96
CA ALA A 20 2.05 4.52 -0.96
C ALA A 20 1.60 4.17 -2.38
N GLY A 21 1.75 5.13 -3.29
CA GLY A 21 1.38 4.90 -4.67
C GLY A 21 2.29 3.90 -5.35
N GLN A 22 3.55 3.88 -4.93
CA GLN A 22 4.54 2.97 -5.49
C GLN A 22 4.25 1.54 -5.05
N ILE A 23 3.75 1.38 -3.82
CA ILE A 23 3.34 0.07 -3.33
C ILE A 23 2.14 -0.43 -4.13
N LYS A 24 1.21 0.48 -4.41
CA LYS A 24 0.05 0.18 -5.24
C LYS A 24 0.49 -0.18 -6.66
N SER A 25 1.52 0.49 -7.15
CA SER A 25 2.07 0.20 -8.47
C SER A 25 2.70 -1.19 -8.49
N ALA A 26 3.37 -1.55 -7.39
CA ALA A 26 3.97 -2.87 -7.26
C ALA A 26 2.92 -3.96 -7.32
N ILE A 27 1.76 -3.65 -6.78
CA ILE A 27 0.66 -4.60 -6.69
C ILE A 27 -0.14 -4.66 -7.99
N GLU A 28 -0.64 -3.50 -8.39
CA GLU A 28 -1.60 -3.44 -9.49
C GLU A 28 -0.94 -3.63 -10.85
N SER A 29 0.35 -3.38 -10.96
CA SER A 29 1.07 -3.69 -12.19
C SER A 29 1.41 -5.17 -12.25
N LYS A 30 0.85 -5.92 -11.31
CA LYS A 30 0.95 -7.37 -11.31
C LYS A 30 -0.46 -7.94 -11.33
N PHE A 31 -1.41 -7.06 -11.61
CA PHE A 31 -2.81 -7.40 -11.63
C PHE A 31 -3.34 -7.41 -13.05
N TYR A 32 -4.15 -8.39 -13.37
CA TYR A 32 -4.72 -8.51 -14.72
C TYR A 32 -5.99 -7.69 -14.85
N ASP A 33 -7.11 -8.26 -14.43
CA ASP A 33 -8.41 -7.61 -14.58
C ASP A 33 -8.61 -6.54 -13.52
N ALA A 34 -7.83 -6.64 -12.48
CA ALA A 34 -7.94 -5.72 -11.35
C ALA A 34 -7.30 -4.36 -11.65
N SER A 35 -6.29 -4.36 -12.52
CA SER A 35 -5.64 -3.11 -12.92
C SER A 35 -6.57 -2.27 -13.78
N SER A 36 -7.60 -2.90 -14.31
CA SER A 36 -8.54 -2.23 -15.18
C SER A 36 -9.89 -2.05 -14.49
N TYR A 37 -9.88 -2.11 -13.16
CA TYR A 37 -11.10 -1.92 -12.38
C TYR A 37 -11.20 -0.47 -11.89
N ALA A 38 -12.33 -0.14 -11.29
CA ALA A 38 -12.55 1.16 -10.69
C ALA A 38 -13.87 1.17 -9.92
N GLY A 39 -14.07 2.19 -9.08
CA GLY A 39 -15.29 2.29 -8.31
C GLY A 39 -15.41 1.19 -7.27
N LYS A 40 -14.31 0.92 -6.59
CA LYS A 40 -14.28 -0.13 -5.58
C LYS A 40 -13.51 0.35 -4.35
N THR A 41 -13.76 -0.30 -3.21
CA THR A 41 -13.08 0.04 -1.97
C THR A 41 -12.68 -1.24 -1.24
N CYS A 42 -11.48 -1.26 -0.67
CA CYS A 42 -10.99 -2.47 -0.01
C CYS A 42 -9.95 -2.14 1.07
N THR A 43 -10.42 -1.99 2.30
CA THR A 43 -9.53 -1.72 3.41
C THR A 43 -8.78 -2.98 3.84
N LEU A 44 -7.46 -2.99 3.66
CA LEU A 44 -6.65 -4.12 4.08
C LEU A 44 -5.73 -3.71 5.22
N ARG A 45 -5.79 -4.45 6.32
CA ARG A 45 -4.93 -4.21 7.46
C ARG A 45 -3.55 -4.78 7.21
N ILE A 46 -2.62 -3.92 6.80
CA ILE A 46 -1.28 -4.35 6.45
C ILE A 46 -0.27 -3.97 7.53
N LYS A 47 0.82 -4.71 7.60
CA LYS A 47 1.87 -4.46 8.57
C LYS A 47 3.23 -4.56 7.91
N LEU A 48 3.85 -3.42 7.65
CA LEU A 48 5.14 -3.39 6.99
C LEU A 48 6.28 -3.65 7.97
N ALA A 49 7.24 -4.43 7.55
CA ALA A 49 8.42 -4.72 8.36
C ALA A 49 9.59 -3.87 7.86
N PRO A 50 10.66 -3.73 8.67
CA PRO A 50 11.85 -2.98 8.25
C PRO A 50 12.54 -3.62 7.04
N ASP A 51 12.11 -4.84 6.71
CA ASP A 51 12.63 -5.55 5.56
C ASP A 51 11.85 -5.18 4.30
N GLY A 52 10.82 -4.36 4.46
CA GLY A 52 10.00 -3.96 3.33
C GLY A 52 8.97 -5.00 2.95
N MET A 53 8.82 -6.01 3.81
CA MET A 53 7.85 -7.07 3.55
C MET A 53 6.62 -6.89 4.42
N LEU A 54 5.49 -7.41 3.96
CA LEU A 54 4.25 -7.31 4.71
C LEU A 54 4.06 -8.56 5.57
N LEU A 55 4.33 -8.41 6.87
CA LEU A 55 4.20 -9.52 7.79
C LEU A 55 2.75 -9.95 7.90
N ASP A 56 1.86 -8.97 7.99
CA ASP A 56 0.44 -9.22 8.10
C ASP A 56 -0.32 -8.44 7.05
N ILE A 57 -1.38 -9.04 6.55
CA ILE A 57 -2.24 -8.39 5.58
C ILE A 57 -3.62 -9.06 5.59
N LYS A 58 -4.59 -8.38 6.16
CA LYS A 58 -5.91 -8.96 6.35
C LYS A 58 -7.00 -7.98 5.96
N PRO A 59 -7.88 -8.38 5.03
CA PRO A 59 -8.98 -7.54 4.56
C PRO A 59 -10.00 -7.25 5.65
N GLU A 60 -10.19 -5.98 5.95
CA GLU A 60 -11.20 -5.56 6.91
C GLU A 60 -12.57 -5.61 6.26
N GLY A 61 -12.74 -4.81 5.22
CA GLY A 61 -13.99 -4.80 4.49
C GLY A 61 -13.87 -4.08 3.17
N GLY A 62 -14.99 -3.96 2.47
CA GLY A 62 -15.00 -3.32 1.17
C GLY A 62 -15.49 -4.25 0.09
N ASP A 63 -14.57 -4.99 -0.51
CA ASP A 63 -14.94 -5.97 -1.52
C ASP A 63 -14.22 -7.29 -1.26
N PRO A 64 -14.96 -8.32 -0.86
CA PRO A 64 -14.38 -9.63 -0.53
C PRO A 64 -13.57 -10.22 -1.68
N ALA A 65 -14.02 -9.99 -2.91
CA ALA A 65 -13.32 -10.50 -4.08
C ALA A 65 -12.02 -9.73 -4.34
N LEU A 66 -12.13 -8.40 -4.42
CA LEU A 66 -10.98 -7.55 -4.68
C LEU A 66 -9.92 -7.72 -3.59
N CYS A 67 -10.36 -7.75 -2.34
CA CYS A 67 -9.46 -7.87 -1.21
C CYS A 67 -8.73 -9.22 -1.21
N GLN A 68 -9.45 -10.29 -1.51
CA GLN A 68 -8.85 -11.63 -1.53
C GLN A 68 -7.87 -11.77 -2.68
N ALA A 69 -8.17 -11.10 -3.79
CA ALA A 69 -7.30 -11.13 -4.96
C ALA A 69 -6.03 -10.33 -4.70
N ALA A 70 -6.19 -9.21 -3.98
CA ALA A 70 -5.06 -8.32 -3.67
C ALA A 70 -3.98 -9.05 -2.89
N LEU A 71 -4.38 -10.00 -2.04
CA LEU A 71 -3.43 -10.75 -1.22
C LEU A 71 -2.46 -11.54 -2.09
N ALA A 72 -2.97 -12.06 -3.20
CA ALA A 72 -2.15 -12.83 -4.12
C ALA A 72 -1.13 -11.93 -4.83
N ALA A 73 -1.59 -10.74 -5.23
CA ALA A 73 -0.73 -9.78 -5.91
C ALA A 73 0.31 -9.21 -4.97
N ALA A 74 -0.10 -8.94 -3.73
CA ALA A 74 0.78 -8.37 -2.72
C ALA A 74 1.96 -9.28 -2.43
N LYS A 75 1.77 -10.58 -2.64
CA LYS A 75 2.82 -11.55 -2.39
C LYS A 75 3.85 -11.55 -3.52
N LEU A 76 3.43 -11.09 -4.69
CA LEU A 76 4.32 -11.01 -5.85
C LEU A 76 4.85 -9.59 -6.02
N ALA A 77 4.26 -8.67 -5.28
CA ALA A 77 4.63 -7.26 -5.36
C ALA A 77 6.03 -7.02 -4.82
N LYS A 78 6.87 -6.40 -5.63
CA LYS A 78 8.24 -6.12 -5.25
C LYS A 78 8.33 -4.78 -4.52
N ILE A 79 8.37 -4.85 -3.20
CA ILE A 79 8.51 -3.66 -2.37
C ILE A 79 9.86 -3.68 -1.67
N PRO A 80 10.66 -2.62 -1.83
CA PRO A 80 12.02 -2.56 -1.27
C PRO A 80 12.02 -2.20 0.22
N LYS A 81 13.18 -2.35 0.85
CA LYS A 81 13.36 -1.96 2.23
C LYS A 81 13.26 -0.44 2.35
N PRO A 82 12.39 0.05 3.25
CA PRO A 82 12.16 1.49 3.44
C PRO A 82 13.45 2.27 3.61
N PRO A 83 13.80 3.10 2.62
CA PRO A 83 15.01 3.92 2.66
C PRO A 83 14.86 5.08 3.62
N SER A 84 13.63 5.53 3.80
CA SER A 84 13.33 6.60 4.72
C SER A 84 12.63 6.05 5.96
N GLN A 85 13.25 6.25 7.12
CA GLN A 85 12.72 5.74 8.38
C GLN A 85 11.34 6.32 8.68
N ALA A 86 11.10 7.55 8.25
CA ALA A 86 9.81 8.19 8.43
C ALA A 86 8.70 7.38 7.75
N VAL A 87 9.02 6.82 6.59
CA VAL A 87 8.10 5.97 5.86
C VAL A 87 7.82 4.68 6.63
N TYR A 88 8.89 4.08 7.15
CA TYR A 88 8.80 2.85 7.91
C TYR A 88 7.96 3.06 9.18
N GLU A 89 8.19 4.17 9.86
CA GLU A 89 7.49 4.48 11.09
C GLU A 89 5.98 4.52 10.88
N VAL A 90 5.57 4.94 9.70
CA VAL A 90 4.16 5.04 9.37
C VAL A 90 3.60 3.72 8.85
N PHE A 91 4.19 3.22 7.77
CA PHE A 91 3.67 2.05 7.07
C PHE A 91 3.71 0.77 7.91
N LYS A 92 4.53 0.75 8.94
CA LYS A 92 4.64 -0.43 9.80
C LYS A 92 3.33 -0.66 10.56
N ASN A 93 2.46 0.34 10.57
CA ASN A 93 1.18 0.23 11.24
C ASN A 93 0.15 1.14 10.58
N ALA A 94 0.10 1.10 9.27
CA ALA A 94 -0.86 1.90 8.52
C ALA A 94 -1.53 1.08 7.42
N PRO A 95 -2.77 0.62 7.68
CA PRO A 95 -3.51 -0.21 6.72
C PRO A 95 -3.98 0.60 5.53
N LEU A 96 -3.75 0.07 4.34
CA LEU A 96 -4.06 0.77 3.11
C LEU A 96 -5.49 0.49 2.66
N ASP A 97 -6.11 1.50 2.07
CA ASP A 97 -7.42 1.35 1.49
C ASP A 97 -7.30 1.08 0.00
N PHE A 98 -7.34 -0.18 -0.37
CA PHE A 98 -7.08 -0.61 -1.73
C PHE A 98 -8.24 -0.25 -2.65
N LYS A 99 -8.00 0.72 -3.50
CA LYS A 99 -8.95 1.09 -4.53
C LYS A 99 -8.20 1.25 -5.84
N PRO A 100 -8.76 0.70 -6.94
CA PRO A 100 -8.12 0.69 -8.25
C PRO A 100 -7.32 1.95 -8.56
N HIS A 101 -6.05 1.74 -8.91
CA HIS A 101 -5.08 2.82 -9.10
C HIS A 101 -5.54 3.83 -10.14
N HIS A 102 -4.97 5.01 -10.08
CA HIS A 102 -5.21 6.04 -11.06
C HIS A 102 -3.89 6.70 -11.44
N ALA A 1 11.47 9.31 24.48
CA ALA A 1 12.57 8.34 24.65
C ALA A 1 12.21 7.02 24.00
N GLU A 2 13.24 6.21 23.69
CA GLU A 2 13.07 4.92 23.02
C GLU A 2 12.66 5.11 21.56
N PHE A 3 11.48 5.67 21.36
CA PHE A 3 11.03 6.03 20.03
C PHE A 3 11.22 7.53 19.83
N GLY A 4 11.69 7.91 18.65
CA GLY A 4 11.97 9.32 18.38
C GLY A 4 10.74 10.11 18.00
N ASN A 5 9.57 9.62 18.44
CA ASN A 5 8.29 10.30 18.21
C ASN A 5 8.06 10.58 16.74
N THR A 6 7.70 9.55 15.99
CA THR A 6 7.44 9.67 14.57
C THR A 6 6.07 10.31 14.31
N LYS A 7 5.92 11.54 14.75
CA LYS A 7 4.66 12.26 14.62
C LYS A 7 4.66 13.14 13.38
N ASN A 8 3.52 13.20 12.71
CA ASN A 8 3.35 14.06 11.56
C ASN A 8 2.91 15.44 12.03
N ASN A 9 3.82 16.15 12.70
CA ASN A 9 3.50 17.45 13.27
C ASN A 9 3.47 18.51 12.18
N GLY A 10 4.25 18.27 11.13
CA GLY A 10 4.22 19.14 9.97
C GLY A 10 3.49 18.49 8.82
N ALA A 11 4.13 18.44 7.67
CA ALA A 11 3.56 17.80 6.49
C ALA A 11 4.59 16.91 5.81
N SER A 12 5.33 16.15 6.61
CA SER A 12 6.37 15.28 6.11
C SER A 12 5.76 14.03 5.46
N GLY A 13 5.46 14.12 4.18
CA GLY A 13 4.81 13.02 3.49
C GLY A 13 5.60 12.53 2.29
N ALA A 14 6.69 13.22 1.96
CA ALA A 14 7.50 12.88 0.80
C ALA A 14 8.01 11.44 0.86
N ASP A 15 8.23 10.94 2.08
CA ASP A 15 8.69 9.57 2.27
C ASP A 15 7.53 8.60 2.06
N ILE A 16 6.45 8.82 2.79
CA ILE A 16 5.30 7.93 2.78
C ILE A 16 4.60 7.90 1.42
N ASN A 17 4.33 9.07 0.85
CA ASN A 17 3.59 9.16 -0.41
C ASN A 17 4.33 8.49 -1.55
N ASN A 18 5.65 8.64 -1.57
CA ASN A 18 6.46 8.02 -2.62
C ASN A 18 6.41 6.50 -2.50
N TYR A 19 6.32 6.02 -1.27
CA TYR A 19 6.23 4.59 -1.00
C TYR A 19 4.85 4.05 -1.38
N ALA A 20 3.81 4.74 -0.91
CA ALA A 20 2.43 4.34 -1.20
C ALA A 20 2.14 4.42 -2.69
N GLY A 21 2.76 5.39 -3.35
CA GLY A 21 2.58 5.55 -4.77
C GLY A 21 3.17 4.39 -5.55
N GLN A 22 4.28 3.87 -5.07
CA GLN A 22 4.94 2.74 -5.71
C GLN A 22 4.07 1.48 -5.63
N ILE A 23 3.47 1.27 -4.46
CA ILE A 23 2.64 0.10 -4.23
C ILE A 23 1.48 0.02 -5.22
N LYS A 24 0.84 1.16 -5.46
CA LYS A 24 -0.31 1.23 -6.36
C LYS A 24 0.04 0.69 -7.75
N SER A 25 1.20 1.08 -8.26
CA SER A 25 1.65 0.63 -9.57
C SER A 25 2.20 -0.80 -9.51
N ALA A 26 2.88 -1.11 -8.41
CA ALA A 26 3.47 -2.43 -8.20
C ALA A 26 2.42 -3.53 -8.25
N ILE A 27 1.26 -3.25 -7.68
CA ILE A 27 0.18 -4.22 -7.60
C ILE A 27 -0.35 -4.56 -9.00
N GLU A 28 -0.42 -3.57 -9.87
CA GLU A 28 -0.84 -3.78 -11.24
C GLU A 28 0.24 -4.52 -12.05
N SER A 29 1.48 -4.49 -11.57
CA SER A 29 2.55 -5.23 -12.23
C SER A 29 2.33 -6.73 -12.08
N LYS A 30 1.57 -7.10 -11.04
CA LYS A 30 1.19 -8.49 -10.84
C LYS A 30 -0.21 -8.71 -11.42
N PHE A 31 -1.14 -7.81 -11.07
CA PHE A 31 -2.48 -7.86 -11.61
C PHE A 31 -2.55 -7.04 -12.89
N TYR A 32 -2.29 -7.67 -14.02
CA TYR A 32 -2.26 -6.98 -15.30
C TYR A 32 -3.61 -6.36 -15.64
N ASP A 33 -3.81 -5.13 -15.14
CA ASP A 33 -5.07 -4.40 -15.29
C ASP A 33 -6.20 -5.14 -14.60
N ALA A 34 -5.80 -6.07 -13.74
CA ALA A 34 -6.74 -6.87 -12.97
C ALA A 34 -7.23 -6.10 -11.75
N SER A 35 -6.30 -5.41 -11.09
CA SER A 35 -6.63 -4.58 -9.94
C SER A 35 -7.47 -3.40 -10.40
N SER A 36 -7.34 -3.08 -11.68
CA SER A 36 -8.11 -2.05 -12.33
C SER A 36 -9.56 -2.52 -12.55
N TYR A 37 -10.27 -2.72 -11.45
CA TYR A 37 -11.60 -3.30 -11.50
C TYR A 37 -12.67 -2.23 -11.39
N ALA A 38 -12.49 -1.32 -10.42
CA ALA A 38 -13.43 -0.25 -10.12
C ALA A 38 -14.73 -0.81 -9.53
N GLY A 39 -15.41 0.00 -8.73
CA GLY A 39 -16.61 -0.45 -8.05
C GLY A 39 -16.29 -1.21 -6.78
N LYS A 40 -15.24 -2.01 -6.84
CA LYS A 40 -14.79 -2.77 -5.69
C LYS A 40 -13.73 -2.00 -4.92
N THR A 41 -13.93 -1.89 -3.62
CA THR A 41 -12.98 -1.21 -2.76
C THR A 41 -12.50 -2.17 -1.68
N CYS A 42 -11.25 -2.07 -1.27
CA CYS A 42 -10.72 -2.99 -0.28
C CYS A 42 -9.73 -2.30 0.66
N THR A 43 -10.15 -2.06 1.88
CA THR A 43 -9.29 -1.47 2.88
C THR A 43 -8.35 -2.52 3.47
N LEU A 44 -7.06 -2.37 3.21
CA LEU A 44 -6.08 -3.34 3.65
C LEU A 44 -5.22 -2.78 4.78
N ARG A 45 -5.35 -3.37 5.95
CA ARG A 45 -4.49 -3.03 7.08
C ARG A 45 -3.16 -3.74 6.91
N ILE A 46 -2.24 -3.08 6.22
CA ILE A 46 -0.99 -3.71 5.85
C ILE A 46 0.12 -3.38 6.85
N LYS A 47 0.56 -4.40 7.57
CA LYS A 47 1.64 -4.25 8.52
C LYS A 47 2.95 -4.63 7.84
N LEU A 48 3.70 -3.63 7.41
CA LEU A 48 4.93 -3.88 6.67
C LEU A 48 6.11 -4.12 7.60
N ALA A 49 6.94 -5.07 7.23
CA ALA A 49 8.14 -5.38 7.99
C ALA A 49 9.35 -4.67 7.38
N PRO A 50 10.43 -4.49 8.18
CA PRO A 50 11.67 -3.85 7.70
C PRO A 50 12.25 -4.55 6.47
N ASP A 51 11.92 -5.81 6.32
CA ASP A 51 12.42 -6.63 5.22
C ASP A 51 11.72 -6.27 3.91
N GLY A 52 10.68 -5.46 3.99
CA GLY A 52 9.94 -5.07 2.80
C GLY A 52 8.90 -6.11 2.43
N MET A 53 8.17 -6.57 3.44
CA MET A 53 7.14 -7.58 3.25
C MET A 53 6.05 -7.41 4.29
N LEU A 54 4.81 -7.63 3.91
CA LEU A 54 3.68 -7.47 4.82
C LEU A 54 3.43 -8.77 5.57
N LEU A 55 3.88 -8.84 6.80
CA LEU A 55 3.70 -10.04 7.62
C LEU A 55 2.25 -10.18 8.03
N ASP A 56 1.61 -9.05 8.32
CA ASP A 56 0.20 -9.04 8.67
C ASP A 56 -0.57 -8.12 7.74
N ILE A 57 -1.23 -8.71 6.76
CA ILE A 57 -2.06 -7.95 5.83
C ILE A 57 -3.52 -8.31 6.08
N LYS A 58 -4.24 -7.39 6.69
CA LYS A 58 -5.58 -7.67 7.16
C LYS A 58 -6.63 -6.86 6.40
N PRO A 59 -7.56 -7.54 5.72
CA PRO A 59 -8.67 -6.90 5.03
C PRO A 59 -9.69 -6.34 6.03
N GLU A 60 -9.76 -5.01 6.11
CA GLU A 60 -10.66 -4.35 7.03
C GLU A 60 -12.10 -4.46 6.53
N GLY A 61 -12.30 -4.13 5.27
CA GLY A 61 -13.62 -4.24 4.68
C GLY A 61 -13.68 -3.66 3.29
N GLY A 62 -14.82 -3.86 2.63
CA GLY A 62 -14.99 -3.34 1.29
C GLY A 62 -15.62 -4.35 0.36
N ASP A 63 -14.78 -5.12 -0.31
CA ASP A 63 -15.23 -6.09 -1.29
C ASP A 63 -14.36 -7.33 -1.24
N PRO A 64 -14.93 -8.47 -0.81
CA PRO A 64 -14.20 -9.74 -0.70
C PRO A 64 -13.57 -10.16 -2.03
N ALA A 65 -14.26 -9.86 -3.12
CA ALA A 65 -13.78 -10.19 -4.45
C ALA A 65 -12.45 -9.50 -4.74
N LEU A 66 -12.31 -8.27 -4.28
CA LEU A 66 -11.09 -7.51 -4.48
C LEU A 66 -10.10 -7.79 -3.36
N CYS A 67 -10.60 -7.88 -2.13
CA CYS A 67 -9.77 -8.04 -0.96
C CYS A 67 -8.95 -9.33 -1.01
N GLN A 68 -9.61 -10.46 -1.19
CA GLN A 68 -8.93 -11.75 -1.17
C GLN A 68 -7.90 -11.85 -2.30
N ALA A 69 -8.15 -11.16 -3.40
CA ALA A 69 -7.23 -11.12 -4.51
C ALA A 69 -6.06 -10.18 -4.23
N ALA A 70 -6.38 -9.00 -3.68
CA ALA A 70 -5.38 -8.00 -3.36
C ALA A 70 -4.39 -8.51 -2.32
N LEU A 71 -4.85 -9.42 -1.47
CA LEU A 71 -4.01 -10.03 -0.45
C LEU A 71 -2.76 -10.64 -1.08
N ALA A 72 -2.96 -11.37 -2.17
CA ALA A 72 -1.86 -12.00 -2.88
C ALA A 72 -1.12 -10.97 -3.74
N ALA A 73 -1.86 -10.10 -4.39
CA ALA A 73 -1.29 -9.11 -5.30
C ALA A 73 -0.28 -8.22 -4.60
N ALA A 74 -0.65 -7.67 -3.45
CA ALA A 74 0.21 -6.76 -2.71
C ALA A 74 1.40 -7.49 -2.10
N LYS A 75 1.22 -8.77 -1.83
CA LYS A 75 2.28 -9.59 -1.26
C LYS A 75 3.28 -10.01 -2.34
N LEU A 76 2.82 -10.05 -3.58
CA LEU A 76 3.64 -10.48 -4.70
C LEU A 76 4.28 -9.29 -5.39
N ALA A 77 3.70 -8.12 -5.17
CA ALA A 77 4.14 -6.90 -5.85
C ALA A 77 5.55 -6.51 -5.43
N LYS A 78 6.21 -5.72 -6.27
CA LYS A 78 7.56 -5.25 -5.98
C LYS A 78 7.54 -4.10 -5.00
N ILE A 79 7.27 -4.43 -3.74
CA ILE A 79 7.25 -3.43 -2.68
C ILE A 79 8.68 -3.05 -2.30
N PRO A 80 9.02 -1.76 -2.44
CA PRO A 80 10.38 -1.28 -2.17
C PRO A 80 10.77 -1.46 -0.70
N LYS A 81 12.03 -1.21 -0.40
CA LYS A 81 12.51 -1.23 0.96
C LYS A 81 12.39 0.16 1.58
N PRO A 82 11.87 0.26 2.81
CA PRO A 82 11.67 1.54 3.50
C PRO A 82 12.86 2.48 3.35
N PRO A 83 12.67 3.59 2.62
CA PRO A 83 13.75 4.54 2.33
C PRO A 83 14.30 5.20 3.59
N SER A 84 13.48 6.00 4.24
CA SER A 84 13.88 6.66 5.48
C SER A 84 13.15 6.06 6.67
N GLN A 85 13.42 6.59 7.86
CA GLN A 85 12.84 6.06 9.09
C GLN A 85 11.36 6.42 9.18
N ALA A 86 10.93 7.38 8.38
CA ALA A 86 9.53 7.79 8.36
C ALA A 86 8.66 6.62 7.88
N VAL A 87 8.94 6.12 6.69
CA VAL A 87 8.21 4.97 6.15
C VAL A 87 8.39 3.76 7.05
N TYR A 88 9.58 3.60 7.61
CA TYR A 88 9.89 2.47 8.49
C TYR A 88 8.90 2.37 9.63
N GLU A 89 8.70 3.46 10.36
CA GLU A 89 7.81 3.46 11.52
C GLU A 89 6.35 3.52 11.10
N VAL A 90 6.06 4.34 10.10
CA VAL A 90 4.68 4.58 9.70
C VAL A 90 4.07 3.39 8.97
N PHE A 91 4.75 2.90 7.94
CA PHE A 91 4.23 1.78 7.14
C PHE A 91 4.28 0.46 7.89
N LYS A 92 4.88 0.48 9.08
CA LYS A 92 4.84 -0.67 9.97
C LYS A 92 3.41 -0.91 10.42
N ASN A 93 2.59 0.13 10.34
CA ASN A 93 1.19 0.07 10.72
C ASN A 93 0.40 1.14 9.97
N ALA A 94 0.50 1.11 8.65
CA ALA A 94 -0.18 2.11 7.80
C ALA A 94 -1.09 1.43 6.79
N PRO A 95 -2.38 1.27 7.15
CA PRO A 95 -3.36 0.61 6.29
C PRO A 95 -3.77 1.47 5.10
N LEU A 96 -3.92 0.85 3.94
CA LEU A 96 -4.26 1.57 2.74
C LEU A 96 -5.57 1.05 2.17
N ASP A 97 -6.45 1.97 1.77
CA ASP A 97 -7.69 1.62 1.12
C ASP A 97 -7.45 1.40 -0.37
N PHE A 98 -7.40 0.14 -0.76
CA PHE A 98 -7.08 -0.22 -2.13
C PHE A 98 -8.20 0.17 -3.08
N LYS A 99 -7.92 1.19 -3.88
CA LYS A 99 -8.85 1.64 -4.89
C LYS A 99 -8.21 1.53 -6.26
N PRO A 100 -8.78 0.68 -7.14
CA PRO A 100 -8.27 0.41 -8.48
C PRO A 100 -7.64 1.64 -9.15
N HIS A 101 -6.34 1.58 -9.38
CA HIS A 101 -5.62 2.69 -9.97
C HIS A 101 -5.65 2.55 -11.49
N HIS A 102 -5.76 3.67 -12.17
CA HIS A 102 -5.80 3.65 -13.63
C HIS A 102 -4.96 4.78 -14.19
N ALA A 1 10.29 32.24 7.14
CA ALA A 1 10.26 31.91 5.71
C ALA A 1 11.07 30.66 5.44
N GLU A 2 10.39 29.53 5.36
CA GLU A 2 11.05 28.24 5.22
C GLU A 2 11.00 27.78 3.76
N PHE A 3 12.13 27.30 3.25
CA PHE A 3 12.22 26.88 1.86
C PHE A 3 11.67 25.47 1.66
N GLY A 4 10.49 25.21 2.23
CA GLY A 4 9.82 23.94 2.07
C GLY A 4 10.71 22.75 2.42
N ASN A 5 11.39 22.86 3.56
CA ASN A 5 12.29 21.80 3.99
C ASN A 5 11.52 20.53 4.31
N THR A 6 11.84 19.46 3.59
CA THR A 6 11.15 18.19 3.73
C THR A 6 11.43 17.54 5.09
N LYS A 7 10.66 17.94 6.08
CA LYS A 7 10.78 17.40 7.43
C LYS A 7 9.53 17.76 8.22
N ASN A 8 9.46 19.00 8.69
CA ASN A 8 8.28 19.49 9.38
C ASN A 8 7.56 20.52 8.52
N ASN A 9 8.14 20.79 7.35
CA ASN A 9 7.55 21.72 6.40
C ASN A 9 7.27 21.00 5.08
N GLY A 10 6.52 21.66 4.20
CA GLY A 10 6.20 21.07 2.93
C GLY A 10 4.71 20.93 2.72
N ALA A 11 4.22 19.70 2.80
CA ALA A 11 2.81 19.42 2.65
C ALA A 11 2.47 18.09 3.31
N SER A 12 1.18 17.87 3.59
CA SER A 12 0.74 16.64 4.22
C SER A 12 0.69 15.49 3.21
N GLY A 13 1.83 15.19 2.62
CA GLY A 13 1.91 14.13 1.63
C GLY A 13 3.32 13.94 1.12
N ALA A 14 4.28 14.05 2.01
CA ALA A 14 5.67 13.85 1.65
C ALA A 14 6.14 12.47 2.09
N ASP A 15 6.98 11.84 1.27
CA ASP A 15 7.57 10.53 1.54
C ASP A 15 6.51 9.41 1.58
N ILE A 16 5.70 9.42 2.63
CA ILE A 16 4.67 8.39 2.83
C ILE A 16 3.73 8.30 1.63
N ASN A 17 3.21 9.45 1.21
CA ASN A 17 2.29 9.50 0.07
C ASN A 17 2.98 9.03 -1.21
N ASN A 18 4.26 9.33 -1.34
CA ASN A 18 5.04 8.91 -2.49
C ASN A 18 5.20 7.39 -2.51
N TYR A 19 5.59 6.83 -1.36
CA TYR A 19 5.78 5.39 -1.25
C TYR A 19 4.52 4.62 -1.61
N ALA A 20 3.37 5.13 -1.17
CA ALA A 20 2.09 4.52 -1.49
C ALA A 20 1.85 4.50 -3.00
N GLY A 21 2.32 5.55 -3.66
CA GLY A 21 2.20 5.64 -5.12
C GLY A 21 3.06 4.60 -5.82
N GLN A 22 4.24 4.34 -5.28
CA GLN A 22 5.16 3.37 -5.85
C GLN A 22 4.57 1.97 -5.77
N ILE A 23 3.87 1.68 -4.68
CA ILE A 23 3.23 0.40 -4.50
C ILE A 23 1.99 0.29 -5.41
N LYS A 24 1.25 1.38 -5.51
CA LYS A 24 0.05 1.43 -6.35
C LYS A 24 0.37 1.07 -7.80
N SER A 25 1.53 1.51 -8.28
CA SER A 25 1.94 1.22 -9.64
C SER A 25 2.48 -0.20 -9.76
N ALA A 26 3.28 -0.60 -8.77
CA ALA A 26 3.89 -1.93 -8.75
C ALA A 26 2.83 -3.02 -8.75
N ILE A 27 1.84 -2.87 -7.88
CA ILE A 27 0.77 -3.84 -7.73
C ILE A 27 -0.07 -3.95 -9.01
N GLU A 28 -0.32 -2.81 -9.65
CA GLU A 28 -1.07 -2.79 -10.89
C GLU A 28 -0.28 -3.43 -12.04
N SER A 29 1.03 -3.50 -11.88
CA SER A 29 1.89 -4.14 -12.87
C SER A 29 2.18 -5.58 -12.49
N LYS A 30 1.38 -6.12 -11.59
CA LYS A 30 1.49 -7.50 -11.14
C LYS A 30 0.11 -7.96 -10.73
N PHE A 31 -0.86 -7.42 -11.45
CA PHE A 31 -2.24 -7.52 -11.10
C PHE A 31 -2.76 -8.95 -11.08
N TYR A 32 -2.35 -9.74 -12.08
CA TYR A 32 -2.92 -11.07 -12.32
C TYR A 32 -4.36 -10.94 -12.80
N ASP A 33 -5.23 -10.45 -11.93
CA ASP A 33 -6.59 -10.08 -12.31
C ASP A 33 -7.08 -8.93 -11.44
N ALA A 34 -6.13 -8.18 -10.94
CA ALA A 34 -6.40 -7.03 -10.07
C ALA A 34 -6.85 -5.82 -10.88
N SER A 35 -6.55 -5.83 -12.17
CA SER A 35 -6.91 -4.73 -13.05
C SER A 35 -8.44 -4.64 -13.18
N SER A 36 -9.10 -5.73 -12.81
CA SER A 36 -10.55 -5.80 -12.81
C SER A 36 -11.13 -5.12 -11.59
N TYR A 37 -10.71 -3.88 -11.36
CA TYR A 37 -11.18 -3.11 -10.22
C TYR A 37 -12.08 -1.97 -10.66
N ALA A 38 -12.14 -0.92 -9.83
CA ALA A 38 -12.95 0.27 -10.09
C ALA A 38 -14.43 -0.02 -9.86
N GLY A 39 -15.01 0.69 -8.91
CA GLY A 39 -16.34 0.40 -8.47
C GLY A 39 -16.32 -0.31 -7.13
N LYS A 40 -15.18 -0.93 -6.85
CA LYS A 40 -14.95 -1.60 -5.58
C LYS A 40 -13.79 -0.95 -4.83
N THR A 41 -13.84 -1.02 -3.51
CA THR A 41 -12.79 -0.48 -2.67
C THR A 41 -12.58 -1.42 -1.47
N CYS A 42 -11.36 -1.51 -0.96
CA CYS A 42 -11.08 -2.40 0.15
C CYS A 42 -9.91 -1.90 1.00
N THR A 43 -10.20 -1.59 2.26
CA THR A 43 -9.17 -1.19 3.20
C THR A 43 -8.40 -2.42 3.68
N LEU A 44 -7.10 -2.43 3.46
CA LEU A 44 -6.26 -3.54 3.89
C LEU A 44 -5.45 -3.15 5.12
N ARG A 45 -5.51 -3.99 6.14
CA ARG A 45 -4.71 -3.77 7.33
C ARG A 45 -3.35 -4.41 7.14
N ILE A 46 -2.39 -3.61 6.68
CA ILE A 46 -1.09 -4.12 6.33
C ILE A 46 -0.08 -3.88 7.45
N LYS A 47 0.39 -4.96 8.04
CA LYS A 47 1.42 -4.89 9.06
C LYS A 47 2.75 -5.28 8.43
N LEU A 48 3.56 -4.28 8.12
CA LEU A 48 4.82 -4.50 7.44
C LEU A 48 5.96 -4.64 8.44
N ALA A 49 6.74 -5.69 8.27
CA ALA A 49 7.95 -5.85 9.06
C ALA A 49 9.02 -4.91 8.52
N PRO A 50 9.78 -4.26 9.42
CA PRO A 50 10.79 -3.26 9.05
C PRO A 50 11.83 -3.77 8.05
N ASP A 51 11.93 -5.09 7.93
CA ASP A 51 12.87 -5.70 6.99
C ASP A 51 12.29 -5.72 5.57
N GLY A 52 11.08 -5.21 5.42
CA GLY A 52 10.46 -5.14 4.12
C GLY A 52 9.74 -6.41 3.73
N MET A 53 8.70 -6.76 4.49
CA MET A 53 7.91 -7.94 4.22
C MET A 53 6.54 -7.83 4.88
N LEU A 54 5.50 -8.19 4.16
CA LEU A 54 4.14 -8.11 4.69
C LEU A 54 3.77 -9.45 5.33
N LEU A 55 4.10 -9.59 6.60
CA LEU A 55 3.82 -10.82 7.32
C LEU A 55 2.35 -10.90 7.69
N ASP A 56 1.73 -9.74 7.88
CA ASP A 56 0.33 -9.68 8.25
C ASP A 56 -0.42 -8.71 7.35
N ILE A 57 -1.00 -9.24 6.28
CA ILE A 57 -1.76 -8.43 5.35
C ILE A 57 -3.16 -9.00 5.20
N LYS A 58 -4.12 -8.31 5.78
CA LYS A 58 -5.48 -8.83 5.83
C LYS A 58 -6.50 -7.76 5.46
N PRO A 59 -7.57 -8.16 4.74
CA PRO A 59 -8.65 -7.26 4.35
C PRO A 59 -9.48 -6.84 5.55
N GLU A 60 -9.74 -5.55 5.67
CA GLU A 60 -10.54 -5.04 6.77
C GLU A 60 -11.99 -4.82 6.34
N GLY A 61 -12.22 -3.74 5.60
CA GLY A 61 -13.56 -3.46 5.12
C GLY A 61 -13.57 -3.08 3.65
N GLY A 62 -14.63 -3.47 2.96
CA GLY A 62 -14.76 -3.18 1.54
C GLY A 62 -15.25 -4.38 0.75
N ASP A 63 -14.91 -4.40 -0.53
CA ASP A 63 -15.29 -5.51 -1.39
C ASP A 63 -14.24 -6.61 -1.36
N PRO A 64 -14.64 -7.82 -0.94
CA PRO A 64 -13.74 -8.97 -0.87
C PRO A 64 -13.04 -9.27 -2.19
N ALA A 65 -13.67 -8.91 -3.30
CA ALA A 65 -13.06 -9.08 -4.61
C ALA A 65 -11.90 -8.12 -4.79
N LEU A 66 -12.10 -6.88 -4.35
CA LEU A 66 -11.05 -5.87 -4.34
C LEU A 66 -9.90 -6.33 -3.44
N CYS A 67 -10.27 -6.86 -2.28
CA CYS A 67 -9.29 -7.37 -1.32
C CYS A 67 -8.48 -8.52 -1.89
N GLN A 68 -9.18 -9.57 -2.32
CA GLN A 68 -8.52 -10.79 -2.80
C GLN A 68 -7.63 -10.52 -4.00
N ALA A 69 -8.08 -9.64 -4.88
CA ALA A 69 -7.29 -9.28 -6.05
C ALA A 69 -6.02 -8.54 -5.62
N ALA A 70 -6.17 -7.66 -4.64
CA ALA A 70 -5.04 -6.92 -4.10
C ALA A 70 -4.09 -7.86 -3.36
N LEU A 71 -4.64 -8.82 -2.63
CA LEU A 71 -3.85 -9.78 -1.88
C LEU A 71 -2.87 -10.52 -2.79
N ALA A 72 -3.40 -11.07 -3.87
CA ALA A 72 -2.59 -11.82 -4.84
C ALA A 72 -1.58 -10.91 -5.51
N ALA A 73 -2.02 -9.73 -5.90
CA ALA A 73 -1.16 -8.77 -6.58
C ALA A 73 -0.03 -8.29 -5.67
N ALA A 74 -0.35 -8.05 -4.41
CA ALA A 74 0.63 -7.58 -3.45
C ALA A 74 1.70 -8.63 -3.18
N LYS A 75 1.31 -9.89 -3.22
CA LYS A 75 2.24 -10.98 -3.00
C LYS A 75 3.15 -11.17 -4.20
N LEU A 76 2.66 -10.78 -5.37
CA LEU A 76 3.42 -10.89 -6.59
C LEU A 76 4.28 -9.65 -6.81
N ALA A 77 3.78 -8.51 -6.35
CA ALA A 77 4.45 -7.23 -6.56
C ALA A 77 5.71 -7.12 -5.71
N LYS A 78 6.49 -6.09 -5.97
CA LYS A 78 7.73 -5.85 -5.24
C LYS A 78 7.64 -4.58 -4.42
N ILE A 79 7.50 -4.74 -3.11
CA ILE A 79 7.46 -3.60 -2.20
C ILE A 79 8.80 -3.49 -1.49
N PRO A 80 9.57 -2.45 -1.80
CA PRO A 80 10.92 -2.27 -1.27
C PRO A 80 10.93 -1.94 0.21
N LYS A 81 12.02 -2.28 0.89
CA LYS A 81 12.21 -1.95 2.29
C LYS A 81 12.43 -0.45 2.43
N PRO A 82 11.65 0.22 3.29
CA PRO A 82 11.69 1.68 3.45
C PRO A 82 13.10 2.21 3.71
N PRO A 83 13.66 2.96 2.75
CA PRO A 83 14.99 3.56 2.89
C PRO A 83 14.94 4.79 3.77
N SER A 84 13.75 5.36 3.89
CA SER A 84 13.52 6.54 4.69
C SER A 84 12.98 6.15 6.06
N GLN A 85 13.39 6.88 7.09
CA GLN A 85 12.94 6.59 8.44
C GLN A 85 11.48 6.99 8.63
N ALA A 86 11.05 7.98 7.86
CA ALA A 86 9.67 8.42 7.89
C ALA A 86 8.75 7.29 7.45
N VAL A 87 9.05 6.71 6.29
CA VAL A 87 8.28 5.58 5.78
C VAL A 87 8.48 4.36 6.67
N TYR A 88 9.70 4.19 7.16
CA TYR A 88 10.05 3.08 8.05
C TYR A 88 9.12 3.02 9.25
N GLU A 89 8.95 4.15 9.93
CA GLU A 89 8.19 4.20 11.16
C GLU A 89 6.68 4.20 10.89
N VAL A 90 6.28 4.71 9.74
CA VAL A 90 4.85 4.83 9.43
C VAL A 90 4.29 3.55 8.81
N PHE A 91 5.04 2.96 7.90
CA PHE A 91 4.57 1.79 7.15
C PHE A 91 4.66 0.51 7.96
N LYS A 92 5.15 0.60 9.19
CA LYS A 92 5.20 -0.57 10.09
C LYS A 92 3.82 -1.17 10.27
N ASN A 93 2.82 -0.31 10.20
CA ASN A 93 1.43 -0.75 10.21
C ASN A 93 0.56 0.34 9.60
N ALA A 94 0.60 0.43 8.28
CA ALA A 94 -0.16 1.43 7.55
C ALA A 94 -1.33 0.78 6.82
N PRO A 95 -2.52 0.76 7.43
CA PRO A 95 -3.70 0.18 6.83
C PRO A 95 -4.23 1.07 5.71
N LEU A 96 -3.98 0.65 4.48
CA LEU A 96 -4.31 1.47 3.33
C LEU A 96 -5.60 1.01 2.69
N ASP A 97 -6.49 1.96 2.44
CA ASP A 97 -7.72 1.67 1.72
C ASP A 97 -7.40 1.50 0.24
N PHE A 98 -7.35 0.26 -0.20
CA PHE A 98 -6.96 -0.02 -1.58
C PHE A 98 -8.05 0.43 -2.53
N LYS A 99 -7.69 1.37 -3.37
CA LYS A 99 -8.62 1.92 -4.33
C LYS A 99 -7.96 1.95 -5.70
N PRO A 100 -8.64 1.38 -6.71
CA PRO A 100 -8.21 1.35 -8.11
C PRO A 100 -7.43 2.61 -8.48
N HIS A 101 -6.18 2.40 -8.87
CA HIS A 101 -5.23 3.49 -8.99
C HIS A 101 -5.64 4.52 -10.03
N HIS A 102 -5.32 5.77 -9.74
CA HIS A 102 -5.56 6.88 -10.64
C HIS A 102 -4.47 7.93 -10.43
N ALA A 1 5.04 27.98 2.92
CA ALA A 1 4.19 28.82 3.79
C ALA A 1 4.51 28.55 5.25
N GLU A 2 3.88 29.31 6.14
CA GLU A 2 4.13 29.23 7.57
C GLU A 2 3.83 27.83 8.11
N PHE A 3 4.89 27.11 8.49
CA PHE A 3 4.80 25.76 9.06
C PHE A 3 4.34 24.74 8.03
N GLY A 4 3.05 24.75 7.73
CA GLY A 4 2.47 23.73 6.89
C GLY A 4 1.67 22.76 7.71
N ASN A 5 1.94 21.49 7.58
CA ASN A 5 1.29 20.48 8.41
C ASN A 5 2.32 19.75 9.25
N THR A 6 2.79 20.43 10.30
CA THR A 6 3.76 19.88 11.24
C THR A 6 5.09 19.52 10.57
N LYS A 7 6.14 20.25 10.94
CA LYS A 7 7.49 19.96 10.44
C LYS A 7 8.21 19.01 11.38
N ASN A 8 7.43 18.34 12.23
CA ASN A 8 7.95 17.35 13.16
C ASN A 8 7.43 15.97 12.79
N ASN A 9 8.32 14.99 12.79
CA ASN A 9 7.99 13.62 12.37
C ASN A 9 7.59 13.61 10.90
N GLY A 10 8.37 14.31 10.10
CA GLY A 10 8.05 14.46 8.70
C GLY A 10 7.89 15.92 8.33
N ALA A 11 7.27 16.17 7.18
CA ALA A 11 7.01 17.52 6.71
C ALA A 11 6.12 17.46 5.47
N SER A 12 6.66 17.85 4.32
CA SER A 12 5.96 17.68 3.06
C SER A 12 6.15 16.24 2.59
N GLY A 13 5.24 15.37 3.04
CA GLY A 13 5.40 13.93 2.80
C GLY A 13 5.07 13.53 1.37
N ALA A 14 5.67 14.20 0.41
CA ALA A 14 5.52 13.85 -0.99
C ALA A 14 6.14 12.49 -1.25
N ASP A 15 7.11 12.13 -0.41
CA ASP A 15 7.75 10.82 -0.49
C ASP A 15 6.83 9.75 0.06
N ILE A 16 6.40 9.91 1.31
CA ILE A 16 5.52 8.93 1.96
C ILE A 16 4.23 8.74 1.18
N ASN A 17 3.61 9.85 0.78
CA ASN A 17 2.35 9.79 0.02
C ASN A 17 2.52 9.02 -1.28
N ASN A 18 3.65 9.23 -1.94
CA ASN A 18 3.92 8.56 -3.20
C ASN A 18 4.22 7.08 -2.98
N TYR A 19 4.98 6.78 -1.93
CA TYR A 19 5.36 5.41 -1.63
C TYR A 19 4.12 4.57 -1.30
N ALA A 20 3.19 5.16 -0.57
CA ALA A 20 1.94 4.48 -0.22
C ALA A 20 1.14 4.15 -1.48
N GLY A 21 1.18 5.07 -2.45
CA GLY A 21 0.48 4.86 -3.70
C GLY A 21 1.19 3.84 -4.58
N GLN A 22 2.51 3.91 -4.61
CA GLN A 22 3.33 3.03 -5.44
C GLN A 22 3.16 1.56 -5.04
N ILE A 23 2.81 1.34 -3.77
CA ILE A 23 2.56 -0.01 -3.29
C ILE A 23 1.38 -0.64 -4.02
N LYS A 24 0.37 0.18 -4.27
CA LYS A 24 -0.81 -0.26 -5.00
C LYS A 24 -0.51 -0.41 -6.50
N SER A 25 0.43 0.38 -7.00
CA SER A 25 0.81 0.32 -8.41
C SER A 25 1.49 -1.01 -8.73
N ALA A 26 2.32 -1.47 -7.80
CA ALA A 26 3.03 -2.74 -7.95
C ALA A 26 2.07 -3.90 -8.11
N ILE A 27 0.91 -3.78 -7.49
CA ILE A 27 -0.11 -4.83 -7.49
C ILE A 27 -0.67 -5.07 -8.90
N GLU A 28 -0.74 -4.01 -9.71
CA GLU A 28 -1.27 -4.16 -11.06
C GLU A 28 -0.28 -4.91 -11.95
N SER A 29 1.00 -4.73 -11.69
CA SER A 29 2.04 -5.42 -12.46
C SER A 29 2.07 -6.92 -12.14
N LYS A 30 1.12 -7.38 -11.33
CA LYS A 30 1.01 -8.80 -11.02
C LYS A 30 -0.33 -9.32 -11.48
N PHE A 31 -1.14 -8.43 -12.04
CA PHE A 31 -2.48 -8.78 -12.46
C PHE A 31 -2.68 -8.48 -13.95
N TYR A 32 -1.99 -7.46 -14.46
CA TYR A 32 -2.08 -7.07 -15.87
C TYR A 32 -3.46 -6.52 -16.20
N ASP A 33 -3.71 -5.28 -15.77
CA ASP A 33 -4.99 -4.58 -15.99
C ASP A 33 -6.17 -5.32 -15.36
N ALA A 34 -5.85 -6.37 -14.67
CA ALA A 34 -6.83 -7.11 -13.90
C ALA A 34 -7.14 -6.39 -12.59
N SER A 35 -6.13 -5.68 -12.07
CA SER A 35 -6.31 -4.88 -10.88
C SER A 35 -7.23 -3.68 -11.19
N SER A 36 -7.37 -3.40 -12.47
CA SER A 36 -8.26 -2.38 -12.97
C SER A 36 -9.70 -2.87 -12.94
N TYR A 37 -10.22 -3.03 -11.72
CA TYR A 37 -11.55 -3.57 -11.49
C TYR A 37 -12.61 -2.47 -11.52
N ALA A 38 -13.74 -2.74 -10.89
CA ALA A 38 -14.78 -1.74 -10.74
C ALA A 38 -14.39 -0.73 -9.68
N GLY A 39 -15.09 0.40 -9.64
CA GLY A 39 -14.82 1.43 -8.64
C GLY A 39 -15.22 1.01 -7.23
N LYS A 40 -14.61 -0.05 -6.74
CA LYS A 40 -14.88 -0.55 -5.40
C LYS A 40 -13.86 0.01 -4.41
N THR A 41 -14.16 -0.13 -3.13
CA THR A 41 -13.26 0.33 -2.09
C THR A 41 -12.79 -0.84 -1.22
N CYS A 42 -11.49 -1.03 -1.18
CA CYS A 42 -10.90 -2.09 -0.36
C CYS A 42 -10.03 -1.47 0.72
N THR A 43 -9.90 -2.15 1.85
CA THR A 43 -9.12 -1.64 2.97
C THR A 43 -8.29 -2.77 3.58
N LEU A 44 -7.00 -2.79 3.26
CA LEU A 44 -6.11 -3.83 3.76
C LEU A 44 -5.29 -3.30 4.92
N ARG A 45 -5.17 -4.09 5.96
CA ARG A 45 -4.29 -3.76 7.06
C ARG A 45 -2.88 -4.24 6.72
N ILE A 46 -1.93 -3.32 6.77
CA ILE A 46 -0.58 -3.63 6.32
C ILE A 46 0.45 -3.28 7.38
N LYS A 47 1.05 -4.30 7.94
CA LYS A 47 2.11 -4.13 8.92
C LYS A 47 3.43 -4.52 8.29
N LEU A 48 4.24 -3.52 7.94
CA LEU A 48 5.46 -3.77 7.19
C LEU A 48 6.67 -3.86 8.11
N ALA A 49 7.58 -4.76 7.76
CA ALA A 49 8.83 -4.92 8.47
C ALA A 49 9.96 -4.22 7.72
N PRO A 50 11.14 -4.00 8.34
CA PRO A 50 12.28 -3.34 7.69
C PRO A 50 12.80 -4.11 6.47
N ASP A 51 12.31 -5.33 6.31
CA ASP A 51 12.67 -6.16 5.17
C ASP A 51 11.81 -5.80 3.96
N GLY A 52 10.82 -4.94 4.19
CA GLY A 52 9.91 -4.55 3.13
C GLY A 52 8.86 -5.60 2.88
N MET A 53 8.70 -6.49 3.84
CA MET A 53 7.70 -7.54 3.76
C MET A 53 6.53 -7.23 4.68
N LEU A 54 5.35 -7.62 4.26
CA LEU A 54 4.15 -7.42 5.05
C LEU A 54 3.93 -8.63 5.96
N LEU A 55 4.29 -8.48 7.22
CA LEU A 55 4.16 -9.59 8.17
C LEU A 55 2.70 -9.78 8.56
N ASP A 56 1.94 -8.69 8.49
CA ASP A 56 0.51 -8.73 8.73
C ASP A 56 -0.22 -8.05 7.59
N ILE A 57 -0.81 -8.84 6.73
CA ILE A 57 -1.53 -8.33 5.57
C ILE A 57 -2.87 -9.03 5.45
N LYS A 58 -3.93 -8.28 5.67
CA LYS A 58 -5.28 -8.84 5.70
C LYS A 58 -6.31 -7.76 5.43
N PRO A 59 -7.44 -8.10 4.80
CA PRO A 59 -8.50 -7.14 4.55
C PRO A 59 -9.22 -6.75 5.84
N GLU A 60 -9.07 -5.50 6.22
CA GLU A 60 -9.73 -4.97 7.40
C GLU A 60 -11.22 -4.78 7.12
N GLY A 61 -11.52 -4.41 5.89
CA GLY A 61 -12.89 -4.25 5.47
C GLY A 61 -12.99 -3.76 4.05
N GLY A 62 -14.20 -3.52 3.58
CA GLY A 62 -14.40 -3.05 2.22
C GLY A 62 -14.88 -4.14 1.31
N ASP A 63 -14.54 -4.05 0.03
CA ASP A 63 -14.98 -5.03 -0.96
C ASP A 63 -14.05 -6.24 -0.96
N PRO A 64 -14.56 -7.40 -0.52
CA PRO A 64 -13.75 -8.62 -0.35
C PRO A 64 -13.05 -9.06 -1.64
N ALA A 65 -13.75 -8.96 -2.76
CA ALA A 65 -13.18 -9.39 -4.04
C ALA A 65 -11.96 -8.55 -4.41
N LEU A 66 -12.08 -7.24 -4.27
CA LEU A 66 -10.98 -6.33 -4.56
C LEU A 66 -9.83 -6.54 -3.58
N CYS A 67 -10.18 -6.79 -2.32
CA CYS A 67 -9.18 -7.01 -1.29
C CYS A 67 -8.44 -8.33 -1.51
N GLN A 68 -9.17 -9.39 -1.83
CA GLN A 68 -8.58 -10.70 -2.07
C GLN A 68 -7.63 -10.65 -3.26
N ALA A 69 -8.02 -9.90 -4.28
CA ALA A 69 -7.19 -9.73 -5.47
C ALA A 69 -5.86 -9.09 -5.12
N ALA A 70 -5.92 -8.05 -4.29
CA ALA A 70 -4.73 -7.36 -3.82
C ALA A 70 -3.90 -8.26 -2.91
N LEU A 71 -4.58 -9.03 -2.07
CA LEU A 71 -3.92 -9.91 -1.10
C LEU A 71 -2.90 -10.82 -1.77
N ALA A 72 -3.30 -11.44 -2.86
CA ALA A 72 -2.43 -12.39 -3.56
C ALA A 72 -1.37 -11.68 -4.38
N ALA A 73 -1.74 -10.57 -4.99
CA ALA A 73 -0.85 -9.86 -5.89
C ALA A 73 0.22 -9.07 -5.14
N ALA A 74 -0.16 -8.47 -4.02
CA ALA A 74 0.77 -7.63 -3.25
C ALA A 74 1.93 -8.43 -2.69
N LYS A 75 1.68 -9.70 -2.38
CA LYS A 75 2.72 -10.56 -1.84
C LYS A 75 3.79 -10.85 -2.89
N LEU A 76 3.39 -10.88 -4.15
CA LEU A 76 4.31 -11.14 -5.24
C LEU A 76 4.76 -9.84 -5.89
N ALA A 77 4.23 -8.72 -5.41
CA ALA A 77 4.55 -7.41 -5.94
C ALA A 77 5.90 -6.95 -5.42
N LYS A 78 6.61 -6.17 -6.22
CA LYS A 78 7.93 -5.68 -5.85
C LYS A 78 7.82 -4.48 -4.93
N ILE A 79 7.32 -4.70 -3.73
CA ILE A 79 7.24 -3.64 -2.72
C ILE A 79 8.61 -3.46 -2.07
N PRO A 80 9.19 -2.26 -2.24
CA PRO A 80 10.55 -1.96 -1.75
C PRO A 80 10.64 -1.95 -0.23
N LYS A 81 11.82 -2.27 0.27
CA LYS A 81 12.09 -2.21 1.69
C LYS A 81 12.23 -0.75 2.11
N PRO A 82 11.67 -0.38 3.28
CA PRO A 82 11.67 1.01 3.76
C PRO A 82 13.08 1.60 3.86
N PRO A 83 13.42 2.52 2.94
CA PRO A 83 14.75 3.13 2.89
C PRO A 83 14.90 4.21 3.96
N SER A 84 13.78 4.77 4.37
CA SER A 84 13.76 5.78 5.42
C SER A 84 13.01 5.24 6.63
N GLN A 85 13.58 5.45 7.81
CA GLN A 85 12.98 4.96 9.05
C GLN A 85 11.65 5.67 9.33
N ALA A 86 11.53 6.91 8.84
CA ALA A 86 10.30 7.67 9.00
C ALA A 86 9.14 6.98 8.27
N VAL A 87 9.44 6.40 7.12
CA VAL A 87 8.44 5.67 6.35
C VAL A 87 8.11 4.35 7.04
N TYR A 88 9.11 3.76 7.69
CA TYR A 88 8.91 2.53 8.45
C TYR A 88 8.07 2.81 9.70
N GLU A 89 8.22 4.01 10.25
CA GLU A 89 7.47 4.40 11.43
C GLU A 89 5.98 4.48 11.12
N VAL A 90 5.66 4.91 9.91
CA VAL A 90 4.28 4.98 9.47
C VAL A 90 3.78 3.61 9.03
N PHE A 91 4.60 2.91 8.25
CA PHE A 91 4.21 1.61 7.71
C PHE A 91 4.33 0.49 8.76
N LYS A 92 4.63 0.87 10.00
CA LYS A 92 4.69 -0.09 11.10
C LYS A 92 3.32 -0.70 11.35
N ASN A 93 2.30 0.04 10.94
CA ASN A 93 0.93 -0.41 10.98
C ASN A 93 0.06 0.56 10.22
N ALA A 94 0.15 0.49 8.90
CA ALA A 94 -0.52 1.46 8.03
C ALA A 94 -1.48 0.78 7.08
N PRO A 95 -2.72 0.52 7.53
CA PRO A 95 -3.74 -0.09 6.70
C PRO A 95 -4.26 0.90 5.66
N LEU A 96 -3.83 0.71 4.42
CA LEU A 96 -4.11 1.66 3.36
C LEU A 96 -5.34 1.26 2.55
N ASP A 97 -5.91 2.25 1.89
CA ASP A 97 -7.07 2.04 1.03
C ASP A 97 -6.63 1.48 -0.32
N PHE A 98 -7.45 0.65 -0.91
CA PHE A 98 -7.16 0.07 -2.21
C PHE A 98 -8.35 0.25 -3.15
N LYS A 99 -8.06 0.75 -4.34
CA LYS A 99 -9.06 0.91 -5.38
C LYS A 99 -8.51 0.33 -6.67
N PRO A 100 -9.35 0.11 -7.70
CA PRO A 100 -8.91 -0.49 -8.96
C PRO A 100 -7.84 0.32 -9.68
N HIS A 101 -6.58 0.02 -9.37
CA HIS A 101 -5.46 0.72 -9.94
C HIS A 101 -5.51 0.76 -11.46
N HIS A 102 -5.38 1.96 -12.00
CA HIS A 102 -5.33 2.15 -13.44
C HIS A 102 -4.69 3.49 -13.75
#